data_3PW9
# 
_entry.id   3PW9 
# 
_audit_conform.dict_name       mmcif_pdbx.dic 
_audit_conform.dict_version    5.380 
_audit_conform.dict_location   http://mmcif.pdb.org/dictionaries/ascii/mmcif_pdbx.dic 
# 
loop_
_database_2.database_id 
_database_2.database_code 
_database_2.pdbx_database_accession 
_database_2.pdbx_DOI 
PDB   3PW9         pdb_00003pw9 10.2210/pdb3pw9/pdb 
RCSB  RCSB062888   ?            ?                   
WWPDB D_1000062888 ?            ?                   
# 
loop_
_pdbx_database_related.db_name 
_pdbx_database_related.db_id 
_pdbx_database_related.details 
_pdbx_database_related.content_type 
PDB 3PTJ . unspecified 
PDB 3PVH . unspecified 
# 
_pdbx_database_status.status_code                     REL 
_pdbx_database_status.entry_id                        3PW9 
_pdbx_database_status.recvd_initial_deposition_date   2010-12-08 
_pdbx_database_status.deposit_site                    RCSB 
_pdbx_database_status.process_site                    PDBJ 
_pdbx_database_status.status_code_sf                  REL 
_pdbx_database_status.status_code_mr                  ? 
_pdbx_database_status.SG_entry                        ? 
_pdbx_database_status.status_code_cs                  ? 
_pdbx_database_status.methods_development_category    ? 
_pdbx_database_status.pdb_format_compatible           Y 
_pdbx_database_status.status_code_nmr_data            ? 
# 
loop_
_audit_author.name 
_audit_author.pdbx_ordinal 
'Wu, H.Y.'    1 
'Liu, M.S.'   2 
'Lin, T.P.'   3 
'Cheng, Y.S.' 4 
# 
_citation.id                        primary 
_citation.title                     
'Structural and functional assays of AtTLP18.3 identify its novel acid phosphatase activity in thylakoid lumen' 
_citation.journal_abbrev            'Plant Physiol.' 
_citation.journal_volume            157 
_citation.page_first                1015 
_citation.page_last                 1025 
_citation.year                      2011 
_citation.journal_id_ASTM           PLPHAY 
_citation.country                   US 
_citation.journal_id_ISSN           0032-0889 
_citation.journal_id_CSD            0765 
_citation.book_publisher            ? 
_citation.pdbx_database_id_PubMed   21908686 
_citation.pdbx_database_id_DOI      10.1104/pp.111.184739 
# 
loop_
_citation_author.citation_id 
_citation_author.name 
_citation_author.ordinal 
_citation_author.identifier_ORCID 
primary 'Wu, H.Y.'    1 ? 
primary 'Liu, M.S.'   2 ? 
primary 'Lin, T.P.'   3 ? 
primary 'Cheng, Y.S.' 4 ? 
# 
_cell.entry_id           3PW9 
_cell.length_a           47.147 
_cell.length_b           49.762 
_cell.length_c           76.464 
_cell.angle_alpha        90.00 
_cell.angle_beta         90.00 
_cell.angle_gamma        90.00 
_cell.Z_PDB              4 
_cell.pdbx_unique_axis   ? 
_cell.length_a_esd       ? 
_cell.length_b_esd       ? 
_cell.length_c_esd       ? 
_cell.angle_alpha_esd    ? 
_cell.angle_beta_esd     ? 
_cell.angle_gamma_esd    ? 
# 
_symmetry.entry_id                         3PW9 
_symmetry.space_group_name_H-M             'P 21 21 21' 
_symmetry.pdbx_full_space_group_name_H-M   ? 
_symmetry.cell_setting                     ? 
_symmetry.Int_Tables_number                19 
_symmetry.space_group_name_Hall            ? 
# 
loop_
_entity.id 
_entity.type 
_entity.src_method 
_entity.pdbx_description 
_entity.formula_weight 
_entity.pdbx_number_of_molecules 
_entity.pdbx_ec 
_entity.pdbx_mutation 
_entity.pdbx_fragment 
_entity.details 
1 polymer     man 'UPF0603 protein At1g54780, chloroplastic' 16649.684 1   ? ? 'Phosphatase domain, UNP residues 84-235' ? 
2 non-polymer syn SERINE                                     105.093   1   ? ? ?                                         ? 
3 non-polymer syn 'CALCIUM ION'                              40.078    1   ? ? ?                                         ? 
4 non-polymer syn GLYCEROL                                   92.094    2   ? ? ?                                         ? 
5 water       nat water                                      18.015    150 ? ? ?                                         ? 
# 
_entity_name_com.entity_id   1 
_entity_name_com.name        'AtTLP18.3, Thylakoid lumen 18.3 kDa protein' 
# 
_entity_poly.entity_id                      1 
_entity_poly.type                           'polypeptide(L)' 
_entity_poly.nstd_linkage                   no 
_entity_poly.nstd_monomer                   no 
_entity_poly.pdbx_seq_one_letter_code       
;SASEFNILNDGPPKETYVVDDAGVLSRVTKSDLKKLLSDLEYRKKLRLNFITVRKLTSKADAFEYADQVLEKWYPSIEEG
NNKGIVVLITSQKEGAITGGPAFIEAVGENILDATVSENLPVLATDEKYNEAVYSSAKRLVAAIDGQPDPGGP
;
_entity_poly.pdbx_seq_one_letter_code_can   
;SASEFNILNDGPPKETYVVDDAGVLSRVTKSDLKKLLSDLEYRKKLRLNFITVRKLTSKADAFEYADQVLEKWYPSIEEG
NNKGIVVLITSQKEGAITGGPAFIEAVGENILDATVSENLPVLATDEKYNEAVYSSAKRLVAAIDGQPDPGGP
;
_entity_poly.pdbx_strand_id                 A 
_entity_poly.pdbx_target_identifier         ? 
# 
loop_
_entity_poly_seq.entity_id 
_entity_poly_seq.num 
_entity_poly_seq.mon_id 
_entity_poly_seq.hetero 
1 1   SER n 
1 2   ALA n 
1 3   SER n 
1 4   GLU n 
1 5   PHE n 
1 6   ASN n 
1 7   ILE n 
1 8   LEU n 
1 9   ASN n 
1 10  ASP n 
1 11  GLY n 
1 12  PRO n 
1 13  PRO n 
1 14  LYS n 
1 15  GLU n 
1 16  THR n 
1 17  TYR n 
1 18  VAL n 
1 19  VAL n 
1 20  ASP n 
1 21  ASP n 
1 22  ALA n 
1 23  GLY n 
1 24  VAL n 
1 25  LEU n 
1 26  SER n 
1 27  ARG n 
1 28  VAL n 
1 29  THR n 
1 30  LYS n 
1 31  SER n 
1 32  ASP n 
1 33  LEU n 
1 34  LYS n 
1 35  LYS n 
1 36  LEU n 
1 37  LEU n 
1 38  SER n 
1 39  ASP n 
1 40  LEU n 
1 41  GLU n 
1 42  TYR n 
1 43  ARG n 
1 44  LYS n 
1 45  LYS n 
1 46  LEU n 
1 47  ARG n 
1 48  LEU n 
1 49  ASN n 
1 50  PHE n 
1 51  ILE n 
1 52  THR n 
1 53  VAL n 
1 54  ARG n 
1 55  LYS n 
1 56  LEU n 
1 57  THR n 
1 58  SER n 
1 59  LYS n 
1 60  ALA n 
1 61  ASP n 
1 62  ALA n 
1 63  PHE n 
1 64  GLU n 
1 65  TYR n 
1 66  ALA n 
1 67  ASP n 
1 68  GLN n 
1 69  VAL n 
1 70  LEU n 
1 71  GLU n 
1 72  LYS n 
1 73  TRP n 
1 74  TYR n 
1 75  PRO n 
1 76  SER n 
1 77  ILE n 
1 78  GLU n 
1 79  GLU n 
1 80  GLY n 
1 81  ASN n 
1 82  ASN n 
1 83  LYS n 
1 84  GLY n 
1 85  ILE n 
1 86  VAL n 
1 87  VAL n 
1 88  LEU n 
1 89  ILE n 
1 90  THR n 
1 91  SER n 
1 92  GLN n 
1 93  LYS n 
1 94  GLU n 
1 95  GLY n 
1 96  ALA n 
1 97  ILE n 
1 98  THR n 
1 99  GLY n 
1 100 GLY n 
1 101 PRO n 
1 102 ALA n 
1 103 PHE n 
1 104 ILE n 
1 105 GLU n 
1 106 ALA n 
1 107 VAL n 
1 108 GLY n 
1 109 GLU n 
1 110 ASN n 
1 111 ILE n 
1 112 LEU n 
1 113 ASP n 
1 114 ALA n 
1 115 THR n 
1 116 VAL n 
1 117 SER n 
1 118 GLU n 
1 119 ASN n 
1 120 LEU n 
1 121 PRO n 
1 122 VAL n 
1 123 LEU n 
1 124 ALA n 
1 125 THR n 
1 126 ASP n 
1 127 GLU n 
1 128 LYS n 
1 129 TYR n 
1 130 ASN n 
1 131 GLU n 
1 132 ALA n 
1 133 VAL n 
1 134 TYR n 
1 135 SER n 
1 136 SER n 
1 137 ALA n 
1 138 LYS n 
1 139 ARG n 
1 140 LEU n 
1 141 VAL n 
1 142 ALA n 
1 143 ALA n 
1 144 ILE n 
1 145 ASP n 
1 146 GLY n 
1 147 GLN n 
1 148 PRO n 
1 149 ASP n 
1 150 PRO n 
1 151 GLY n 
1 152 GLY n 
1 153 PRO n 
# 
_entity_src_gen.entity_id                          1 
_entity_src_gen.pdbx_src_id                        1 
_entity_src_gen.pdbx_alt_source_flag               sample 
_entity_src_gen.pdbx_seq_type                      ? 
_entity_src_gen.pdbx_beg_seq_num                   ? 
_entity_src_gen.pdbx_end_seq_num                   ? 
_entity_src_gen.gene_src_common_name               'mouse-ear cress,thale-cress' 
_entity_src_gen.gene_src_genus                     ? 
_entity_src_gen.pdbx_gene_src_gene                 'At1g54780, T22H22.19' 
_entity_src_gen.gene_src_species                   ? 
_entity_src_gen.gene_src_strain                    'cv. Columbia' 
_entity_src_gen.gene_src_tissue                    ? 
_entity_src_gen.gene_src_tissue_fraction           ? 
_entity_src_gen.gene_src_details                   ? 
_entity_src_gen.pdbx_gene_src_fragment             ? 
_entity_src_gen.pdbx_gene_src_scientific_name      'Arabidopsis thaliana' 
_entity_src_gen.pdbx_gene_src_ncbi_taxonomy_id     3702 
_entity_src_gen.pdbx_gene_src_variant              ? 
_entity_src_gen.pdbx_gene_src_cell_line            ? 
_entity_src_gen.pdbx_gene_src_atcc                 ? 
_entity_src_gen.pdbx_gene_src_organ                ? 
_entity_src_gen.pdbx_gene_src_organelle            ? 
_entity_src_gen.pdbx_gene_src_cell                 ? 
_entity_src_gen.pdbx_gene_src_cellular_location    ? 
_entity_src_gen.host_org_common_name               ? 
_entity_src_gen.pdbx_host_org_scientific_name      'Escherichia coli' 
_entity_src_gen.pdbx_host_org_ncbi_taxonomy_id     562 
_entity_src_gen.host_org_genus                     ? 
_entity_src_gen.pdbx_host_org_gene                 ? 
_entity_src_gen.pdbx_host_org_organ                ? 
_entity_src_gen.host_org_species                   ? 
_entity_src_gen.pdbx_host_org_tissue               ? 
_entity_src_gen.pdbx_host_org_tissue_fraction      ? 
_entity_src_gen.pdbx_host_org_strain               'BL21(DE3)' 
_entity_src_gen.pdbx_host_org_variant              ? 
_entity_src_gen.pdbx_host_org_cell_line            ? 
_entity_src_gen.pdbx_host_org_atcc                 ? 
_entity_src_gen.pdbx_host_org_culture_collection   ? 
_entity_src_gen.pdbx_host_org_cell                 ? 
_entity_src_gen.pdbx_host_org_organelle            ? 
_entity_src_gen.pdbx_host_org_cellular_location    ? 
_entity_src_gen.pdbx_host_org_vector_type          Plasmid 
_entity_src_gen.pdbx_host_org_vector               ? 
_entity_src_gen.host_org_details                   ? 
_entity_src_gen.expression_system_id               ? 
_entity_src_gen.plasmid_name                       pGEX6P1 
_entity_src_gen.plasmid_details                    ? 
_entity_src_gen.pdbx_description                   ? 
# 
_struct_ref.id                         1 
_struct_ref.db_name                    UNP 
_struct_ref.db_code                    U603_ARATH 
_struct_ref.pdbx_db_accession          Q9ZVL6 
_struct_ref.entity_id                  1 
_struct_ref.pdbx_seq_one_letter_code   
;ASEFNILNDGPPKETYVVDDAGVLSRVTKSDLKKLLSDLEYRKKLRLNFITVRKLTSKADAFEYADQVLEKWYPSIEEGN
NKGIVVLITSQKEGAITGGPAFIEAVGENILDATVSENLPVLATDEKYNEAVYSSAKRLVAAIDGQPDPGGP
;
_struct_ref.pdbx_align_begin           84 
_struct_ref.pdbx_db_isoform            ? 
# 
_struct_ref_seq.align_id                      1 
_struct_ref_seq.ref_id                        1 
_struct_ref_seq.pdbx_PDB_id_code              3PW9 
_struct_ref_seq.pdbx_strand_id                A 
_struct_ref_seq.seq_align_beg                 2 
_struct_ref_seq.pdbx_seq_align_beg_ins_code   ? 
_struct_ref_seq.seq_align_end                 153 
_struct_ref_seq.pdbx_seq_align_end_ins_code   ? 
_struct_ref_seq.pdbx_db_accession             Q9ZVL6 
_struct_ref_seq.db_align_beg                  84 
_struct_ref_seq.pdbx_db_align_beg_ins_code    ? 
_struct_ref_seq.db_align_end                  235 
_struct_ref_seq.pdbx_db_align_end_ins_code    ? 
_struct_ref_seq.pdbx_auth_seq_align_beg       84 
_struct_ref_seq.pdbx_auth_seq_align_end       235 
# 
_struct_ref_seq_dif.align_id                     1 
_struct_ref_seq_dif.pdbx_pdb_id_code             3PW9 
_struct_ref_seq_dif.mon_id                       SER 
_struct_ref_seq_dif.pdbx_pdb_strand_id           A 
_struct_ref_seq_dif.seq_num                      1 
_struct_ref_seq_dif.pdbx_pdb_ins_code            ? 
_struct_ref_seq_dif.pdbx_seq_db_name             UNP 
_struct_ref_seq_dif.pdbx_seq_db_accession_code   Q9ZVL6 
_struct_ref_seq_dif.db_mon_id                    ? 
_struct_ref_seq_dif.pdbx_seq_db_seq_num          ? 
_struct_ref_seq_dif.details                      'expression tag' 
_struct_ref_seq_dif.pdbx_auth_seq_num            83 
_struct_ref_seq_dif.pdbx_ordinal                 1 
# 
loop_
_chem_comp.id 
_chem_comp.type 
_chem_comp.mon_nstd_flag 
_chem_comp.name 
_chem_comp.pdbx_synonyms 
_chem_comp.formula 
_chem_comp.formula_weight 
ALA 'L-peptide linking' y ALANINE         ?                               'C3 H7 N O2'     89.093  
ARG 'L-peptide linking' y ARGININE        ?                               'C6 H15 N4 O2 1' 175.209 
ASN 'L-peptide linking' y ASPARAGINE      ?                               'C4 H8 N2 O3'    132.118 
ASP 'L-peptide linking' y 'ASPARTIC ACID' ?                               'C4 H7 N O4'     133.103 
CA  non-polymer         . 'CALCIUM ION'   ?                               'Ca 2'           40.078  
GLN 'L-peptide linking' y GLUTAMINE       ?                               'C5 H10 N2 O3'   146.144 
GLU 'L-peptide linking' y 'GLUTAMIC ACID' ?                               'C5 H9 N O4'     147.129 
GLY 'peptide linking'   y GLYCINE         ?                               'C2 H5 N O2'     75.067  
GOL non-polymer         . GLYCEROL        'GLYCERIN; PROPANE-1,2,3-TRIOL' 'C3 H8 O3'       92.094  
HOH non-polymer         . WATER           ?                               'H2 O'           18.015  
ILE 'L-peptide linking' y ISOLEUCINE      ?                               'C6 H13 N O2'    131.173 
LEU 'L-peptide linking' y LEUCINE         ?                               'C6 H13 N O2'    131.173 
LYS 'L-peptide linking' y LYSINE          ?                               'C6 H15 N2 O2 1' 147.195 
PHE 'L-peptide linking' y PHENYLALANINE   ?                               'C9 H11 N O2'    165.189 
PRO 'L-peptide linking' y PROLINE         ?                               'C5 H9 N O2'     115.130 
SER 'L-peptide linking' y SERINE          ?                               'C3 H7 N O3'     105.093 
THR 'L-peptide linking' y THREONINE       ?                               'C4 H9 N O3'     119.119 
TRP 'L-peptide linking' y TRYPTOPHAN      ?                               'C11 H12 N2 O2'  204.225 
TYR 'L-peptide linking' y TYROSINE        ?                               'C9 H11 N O3'    181.189 
VAL 'L-peptide linking' y VALINE          ?                               'C5 H11 N O2'    117.146 
# 
_exptl.entry_id          3PW9 
_exptl.method            'X-RAY DIFFRACTION' 
_exptl.crystals_number   1 
# 
_exptl_crystal.id                    1 
_exptl_crystal.density_meas          ? 
_exptl_crystal.density_Matthews      2.68 
_exptl_crystal.density_percent_sol   54.05 
_exptl_crystal.description           ? 
_exptl_crystal.F_000                 ? 
_exptl_crystal.preparation           ? 
# 
_exptl_crystal_grow.crystal_id      1 
_exptl_crystal_grow.method          'VAPOR DIFFUSION, HANGING DROP' 
_exptl_crystal_grow.temp            296 
_exptl_crystal_grow.temp_details    ? 
_exptl_crystal_grow.pH              6.5 
_exptl_crystal_grow.pdbx_details    
;0.2M Sodium acetate trihydrate, 0.1M Sodium cacodylate (pH 6.5), 25-30% (w/v) Polyethylene glycol 4000 , VAPOR DIFFUSION, HANGING DROP, temperature 296K
;
_exptl_crystal_grow.pdbx_pH_range   . 
# 
_diffrn.id                     1 
_diffrn.ambient_temp           100 
_diffrn.ambient_temp_details   ? 
_diffrn.crystal_id             1 
# 
_diffrn_detector.diffrn_id              1 
_diffrn_detector.detector               CCD 
_diffrn_detector.type                   'ADSC QUANTUM 315r' 
_diffrn_detector.pdbx_collection_date   2010-04-24 
_diffrn_detector.details                mirrors 
# 
_diffrn_radiation.diffrn_id                        1 
_diffrn_radiation.wavelength_id                    1 
_diffrn_radiation.pdbx_monochromatic_or_laue_m_l   M 
_diffrn_radiation.monochromator                    'Si (111) Double crystal' 
_diffrn_radiation.pdbx_diffrn_protocol             'SINGLE WAVELENGTH' 
_diffrn_radiation.pdbx_scattering_type             x-ray 
# 
_diffrn_radiation_wavelength.id           1 
_diffrn_radiation_wavelength.wavelength   0.97622 
_diffrn_radiation_wavelength.wt           1.0 
# 
_diffrn_source.diffrn_id                   1 
_diffrn_source.source                      SYNCHROTRON 
_diffrn_source.type                        'NSRRC BEAMLINE BL13C1' 
_diffrn_source.pdbx_synchrotron_site       NSRRC 
_diffrn_source.pdbx_synchrotron_beamline   BL13C1 
_diffrn_source.pdbx_wavelength             ? 
_diffrn_source.pdbx_wavelength_list        0.97622 
# 
_reflns.entry_id                     3PW9 
_reflns.observed_criterion_sigma_I   0.0 
_reflns.observed_criterion_sigma_F   0.0 
_reflns.d_resolution_low             30.00 
_reflns.d_resolution_high            2.1 
_reflns.number_obs                   10968 
_reflns.number_all                   ? 
_reflns.percent_possible_obs         99.5 
_reflns.pdbx_Rmerge_I_obs            0.063 
_reflns.pdbx_Rsym_value              0.063 
_reflns.pdbx_netI_over_sigmaI        26.4 
_reflns.B_iso_Wilson_estimate        25.4 
_reflns.pdbx_redundancy              5.3 
_reflns.R_free_details               ? 
_reflns.limit_h_max                  ? 
_reflns.limit_h_min                  ? 
_reflns.limit_k_max                  ? 
_reflns.limit_k_min                  ? 
_reflns.limit_l_max                  ? 
_reflns.limit_l_min                  ? 
_reflns.observed_criterion_F_max     ? 
_reflns.observed_criterion_F_min     ? 
_reflns.pdbx_chi_squared             ? 
_reflns.pdbx_scaling_rejects         ? 
_reflns.pdbx_ordinal                 1 
_reflns.pdbx_diffrn_id               1 
# 
loop_
_reflns_shell.d_res_high 
_reflns_shell.d_res_low 
_reflns_shell.percent_possible_all 
_reflns_shell.Rmerge_I_obs 
_reflns_shell.pdbx_Rsym_value 
_reflns_shell.meanI_over_sigI_obs 
_reflns_shell.pdbx_redundancy 
_reflns_shell.percent_possible_obs 
_reflns_shell.number_unique_all 
_reflns_shell.number_measured_all 
_reflns_shell.number_measured_obs 
_reflns_shell.number_unique_obs 
_reflns_shell.pdbx_chi_squared 
_reflns_shell.pdbx_rejects 
_reflns_shell.pdbx_netI_over_sigmaI_obs 
_reflns_shell.number_possible 
_reflns_shell.Rmerge_F_all 
_reflns_shell.Rmerge_F_obs 
_reflns_shell.Rmerge_I_all 
_reflns_shell.meanI_over_sigI_all 
_reflns_shell.pdbx_Rrim_I_all 
_reflns_shell.pdbx_Rpim_I_all 
_reflns_shell.pdbx_ordinal 
_reflns_shell.pdbx_diffrn_id 
2.10 2.18  99.9  0.496 0.496 3.7  5.5 ? 1087 ? ? ? ? ? ? ? ? ? ? ? ? ? 1  1 
2.18 2.26  100.0 0.347 0.347 5.3  5.5 ? 1073 ? ? ? ? ? ? ? ? ? ? ? ? ? 2  1 
2.26 2.37  100.0 0.271 0.271 6.8  5.5 ? 1087 ? ? ? ? ? ? ? ? ? ? ? ? ? 3  1 
2.37 2.49  100.0 0.189 0.189 9.6  5.5 ? 1074 ? ? ? ? ? ? ? ? ? ? ? ? ? 4  1 
2.49 2.65  100.0 0.135 0.135 13.8 5.5 ? 1075 ? ? ? ? ? ? ? ? ? ? ? ? ? 5  1 
2.65 2.85  99.8  0.103 0.103 18.0 5.5 ? 1092 ? ? ? ? ? ? ? ? ? ? ? ? ? 6  1 
2.85 3.14  99.8  0.063 0.063 28.3 5.4 ? 1100 ? ? ? ? ? ? ? ? ? ? ? ? ? 7  1 
3.14 3.59  99.8  0.045 0.045 38.9 5.4 ? 1099 ? ? ? ? ? ? ? ? ? ? ? ? ? 8  1 
3.59 4.52  99.0  0.045 0.045 30.0 5.0 ? 1119 ? ? ? ? ? ? ? ? ? ? ? ? ? 9  1 
4.52 30.00 96.8  0.036 0.036 36.3 4.7 ? 1162 ? ? ? ? ? ? ? ? ? ? ? ? ? 10 1 
# 
_refine.entry_id                                 3PW9 
_refine.ls_number_reflns_obs                     10387 
_refine.ls_number_reflns_all                     10991 
_refine.pdbx_ls_sigma_I                          0 
_refine.pdbx_ls_sigma_F                          0.00 
_refine.pdbx_data_cutoff_high_absF               ? 
_refine.pdbx_data_cutoff_low_absF                ? 
_refine.pdbx_data_cutoff_high_rms_absF           ? 
_refine.ls_d_res_low                             25.50 
_refine.ls_d_res_high                            2.10 
_refine.ls_percent_reflns_obs                    94.5 
_refine.ls_R_factor_obs                          ? 
_refine.ls_R_factor_all                          ? 
_refine.ls_R_factor_R_work                       0.189 
_refine.ls_R_factor_R_free                       0.248 
_refine.ls_R_factor_R_free_error                 ? 
_refine.ls_R_factor_R_free_error_details         ? 
_refine.ls_percent_reflns_R_free                 ? 
_refine.ls_number_reflns_R_free                  1068 
_refine.ls_number_parameters                     ? 
_refine.ls_number_restraints                     ? 
_refine.occupancy_min                            ? 
_refine.occupancy_max                            ? 
_refine.correlation_coeff_Fo_to_Fc               ? 
_refine.correlation_coeff_Fo_to_Fc_free          ? 
_refine.B_iso_mean                               42.7 
_refine.aniso_B[1][1]                            0.724 
_refine.aniso_B[2][2]                            -8.923 
_refine.aniso_B[3][3]                            8.199 
_refine.aniso_B[1][2]                            0.00 
_refine.aniso_B[1][3]                            0.00 
_refine.aniso_B[2][3]                            0.00 
_refine.solvent_model_details                    ? 
_refine.solvent_model_param_ksol                 ? 
_refine.solvent_model_param_bsol                 60.5851 
_refine.pdbx_solvent_vdw_probe_radii             ? 
_refine.pdbx_solvent_ion_probe_radii             ? 
_refine.pdbx_solvent_shrinkage_radii             ? 
_refine.pdbx_ls_cross_valid_method               THROUGHOUT 
_refine.details                                  ? 
_refine.pdbx_starting_model                      'PDB ENTRY 3PVH' 
_refine.pdbx_method_to_determine_struct          'FOURIER SYNTHESIS' 
_refine.pdbx_isotropic_thermal_model             RESTRAINED 
_refine.pdbx_stereochemistry_target_values       'Engh & Huber' 
_refine.pdbx_stereochem_target_val_spec_case     ? 
_refine.pdbx_R_Free_selection_details            RANDOM 
_refine.pdbx_overall_ESU_R_Free                  ? 
_refine.overall_SU_ML                            ? 
_refine.overall_SU_B                             ? 
_refine.overall_SU_R_Cruickshank_DPI             ? 
_refine.ls_redundancy_reflns_obs                 ? 
_refine.B_iso_min                                ? 
_refine.B_iso_max                                ? 
_refine.overall_SU_R_free                        ? 
_refine.ls_wR_factor_R_free                      ? 
_refine.ls_wR_factor_R_work                      ? 
_refine.overall_FOM_free_R_set                   ? 
_refine.overall_FOM_work_R_set                   ? 
_refine.pdbx_refine_id                           'X-RAY DIFFRACTION' 
_refine.pdbx_overall_phase_error                 ? 
_refine.pdbx_diffrn_id                           1 
_refine.pdbx_overall_ESU_R                       ? 
_refine.pdbx_TLS_residual_ADP_flag               ? 
_refine.pdbx_overall_SU_R_free_Cruickshank_DPI   ? 
_refine.pdbx_overall_SU_R_Blow_DPI               ? 
_refine.pdbx_overall_SU_R_free_Blow_DPI          ? 
# 
_refine_analyze.entry_id                        3PW9 
_refine_analyze.Luzzati_coordinate_error_obs    0.22 
_refine_analyze.Luzzati_sigma_a_obs             0.19 
_refine_analyze.Luzzati_d_res_low_obs           5.00 
_refine_analyze.Luzzati_coordinate_error_free   0.30 
_refine_analyze.Luzzati_sigma_a_free            0.24 
_refine_analyze.Luzzati_d_res_low_free          ? 
_refine_analyze.number_disordered_residues      ? 
_refine_analyze.occupancy_sum_hydrogen          ? 
_refine_analyze.occupancy_sum_non_hydrogen      ? 
_refine_analyze.pdbx_Luzzati_d_res_high_obs     ? 
_refine_analyze.pdbx_refine_id                  'X-RAY DIFFRACTION' 
# 
_refine_hist.pdbx_refine_id                   'X-RAY DIFFRACTION' 
_refine_hist.cycle_id                         LAST 
_refine_hist.pdbx_number_atoms_protein        1174 
_refine_hist.pdbx_number_atoms_nucleic_acid   0 
_refine_hist.pdbx_number_atoms_ligand         20 
_refine_hist.number_atoms_solvent             150 
_refine_hist.number_atoms_total               1344 
_refine_hist.d_res_high                       2.10 
_refine_hist.d_res_low                        25.50 
# 
loop_
_refine_ls_restr.type 
_refine_ls_restr.dev_ideal 
_refine_ls_restr.dev_ideal_target 
_refine_ls_restr.weight 
_refine_ls_restr.number 
_refine_ls_restr.pdbx_refine_id 
_refine_ls_restr.pdbx_restraint_function 
c_angle_d          0.012 ?     ? ? 'X-RAY DIFFRACTION' ? 
c_angle_deg        1.5   ?     ? ? 'X-RAY DIFFRACTION' ? 
c_torsion_deg      20.7  ?     ? ? 'X-RAY DIFFRACTION' ? 
c_torsion_impr_deg 1.04  ?     ? ? 'X-RAY DIFFRACTION' ? 
c_mcbond_it        1.576 1.500 ? ? 'X-RAY DIFFRACTION' ? 
c_scbond_it        2.422 2.000 ? ? 'X-RAY DIFFRACTION' ? 
c_mcangle_it       2.463 2.000 ? ? 'X-RAY DIFFRACTION' ? 
c_scangle_it       3.596 2.500 ? ? 'X-RAY DIFFRACTION' ? 
# 
loop_
_refine_ls_shell.pdbx_refine_id 
_refine_ls_shell.pdbx_total_number_of_bins_used 
_refine_ls_shell.d_res_high 
_refine_ls_shell.d_res_low 
_refine_ls_shell.number_reflns_R_work 
_refine_ls_shell.R_factor_R_work 
_refine_ls_shell.percent_reflns_obs 
_refine_ls_shell.R_factor_R_free 
_refine_ls_shell.R_factor_R_free_error 
_refine_ls_shell.percent_reflns_R_free 
_refine_ls_shell.number_reflns_R_free 
_refine_ls_shell.number_reflns_all 
_refine_ls_shell.R_factor_all 
_refine_ls_shell.number_reflns_obs 
_refine_ls_shell.redundancy_reflns_obs 
'X-RAY DIFFRACTION' . 2.10 2.20  . 0.355 87.2 0.398 0.035 . 131 . . 1174 . 
'X-RAY DIFFRACTION' . 2.20 2.31  . 0.301 89.4 0.296 0.027 . 120 . . 1199 . 
'X-RAY DIFFRACTION' . 2.31 2.46  . 0.295 92.4 0.364 0.035 . 109 . . 1255 . 
'X-RAY DIFFRACTION' . 2.46 2.65  . 0.276 96.1 0.316 0.027 . 134 . . 1292 . 
'X-RAY DIFFRACTION' . 2.65 2.91  . 0.282 96.8 0.330 0.030 . 122 . . 1314 . 
'X-RAY DIFFRACTION' . 2.91 3.33  . 0.271 97.7 0.324 0.026 . 154 . . 1344 . 
'X-RAY DIFFRACTION' . 3.33 4.19  . 0.228 98.5 0.243 0.019 . 155 . . 1366 . 
'X-RAY DIFFRACTION' . 4.19 30.00 . 0.219 96.7 0.271 0.023 . 140 . . 1416 . 
# 
loop_
_pdbx_xplor_file.pdbx_refine_id 
_pdbx_xplor_file.serial_no 
_pdbx_xplor_file.param_file 
_pdbx_xplor_file.topol_file 
'X-RAY DIFFRACTION' 1 protein_rep.param protein.top 
'X-RAY DIFFRACTION' 2 water_rep.param   water.top   
'X-RAY DIFFRACTION' 3 ion.param         ion.top     
'X-RAY DIFFRACTION' 4 gol.param         gol.top     
# 
_struct.entry_id                  3PW9 
_struct.title                     'Structural and functional Analysis of Arabidopsis thaliana thylakoid lumen protein AtTLP18.3' 
_struct.pdbx_model_details        ? 
_struct.pdbx_CASP_flag            N 
_struct.pdbx_model_type_details   ? 
# 
_struct_keywords.entry_id        3PW9 
_struct_keywords.pdbx_keywords   HYDROLASE 
_struct_keywords.text            
'TAP domain, Rossmann Fold, Acid phosphatase, Phosphoamino acid binding, Thylakoid lumen membrane, HYDROLASE' 
# 
loop_
_struct_asym.id 
_struct_asym.pdbx_blank_PDB_chainid_flag 
_struct_asym.pdbx_modified 
_struct_asym.entity_id 
_struct_asym.details 
A N N 1 ? 
B N N 2 ? 
C N N 3 ? 
D N N 4 ? 
E N N 4 ? 
F N N 5 ? 
# 
_struct_biol.id        1 
_struct_biol.details   ? 
# 
loop_
_struct_conf.conf_type_id 
_struct_conf.id 
_struct_conf.pdbx_PDB_helix_id 
_struct_conf.beg_label_comp_id 
_struct_conf.beg_label_asym_id 
_struct_conf.beg_label_seq_id 
_struct_conf.pdbx_beg_PDB_ins_code 
_struct_conf.end_label_comp_id 
_struct_conf.end_label_asym_id 
_struct_conf.end_label_seq_id 
_struct_conf.pdbx_end_PDB_ins_code 
_struct_conf.beg_auth_comp_id 
_struct_conf.beg_auth_asym_id 
_struct_conf.beg_auth_seq_id 
_struct_conf.end_auth_comp_id 
_struct_conf.end_auth_asym_id 
_struct_conf.end_auth_seq_id 
_struct_conf.pdbx_PDB_helix_class 
_struct_conf.details 
_struct_conf.pdbx_PDB_helix_length 
HELX_P HELX_P1 1 SER A 1   ? GLY A 11  ? SER A 83  GLY A 93  1 ? 11 
HELX_P HELX_P2 2 SER A 26  ? LYS A 45  ? SER A 108 LYS A 127 1 ? 20 
HELX_P HELX_P3 3 ASP A 61  ? TYR A 74  ? ASP A 143 TYR A 156 1 ? 14 
HELX_P HELX_P4 4 SER A 76  ? ASN A 81  ? SER A 158 ASN A 163 1 ? 6  
HELX_P HELX_P5 5 GLY A 100 ? GLY A 108 ? GLY A 182 GLY A 190 1 ? 9  
HELX_P HELX_P6 6 GLY A 108 ? GLU A 118 ? GLY A 190 GLU A 200 1 ? 11 
HELX_P HELX_P7 7 GLU A 118 ? ASP A 126 ? GLU A 200 ASP A 208 1 ? 9  
HELX_P HELX_P8 8 LYS A 128 ? ASP A 145 ? LYS A 210 ASP A 227 1 ? 18 
# 
_struct_conf_type.id          HELX_P 
_struct_conf_type.criteria    ? 
_struct_conf_type.reference   ? 
# 
loop_
_struct_conn.id 
_struct_conn.conn_type_id 
_struct_conn.pdbx_leaving_atom_flag 
_struct_conn.pdbx_PDB_id 
_struct_conn.ptnr1_label_asym_id 
_struct_conn.ptnr1_label_comp_id 
_struct_conn.ptnr1_label_seq_id 
_struct_conn.ptnr1_label_atom_id 
_struct_conn.pdbx_ptnr1_label_alt_id 
_struct_conn.pdbx_ptnr1_PDB_ins_code 
_struct_conn.pdbx_ptnr1_standard_comp_id 
_struct_conn.ptnr1_symmetry 
_struct_conn.ptnr2_label_asym_id 
_struct_conn.ptnr2_label_comp_id 
_struct_conn.ptnr2_label_seq_id 
_struct_conn.ptnr2_label_atom_id 
_struct_conn.pdbx_ptnr2_label_alt_id 
_struct_conn.pdbx_ptnr2_PDB_ins_code 
_struct_conn.ptnr1_auth_asym_id 
_struct_conn.ptnr1_auth_comp_id 
_struct_conn.ptnr1_auth_seq_id 
_struct_conn.ptnr2_auth_asym_id 
_struct_conn.ptnr2_auth_comp_id 
_struct_conn.ptnr2_auth_seq_id 
_struct_conn.ptnr2_symmetry 
_struct_conn.pdbx_ptnr3_label_atom_id 
_struct_conn.pdbx_ptnr3_label_seq_id 
_struct_conn.pdbx_ptnr3_label_comp_id 
_struct_conn.pdbx_ptnr3_label_asym_id 
_struct_conn.pdbx_ptnr3_label_alt_id 
_struct_conn.pdbx_ptnr3_PDB_ins_code 
_struct_conn.details 
_struct_conn.pdbx_dist_value 
_struct_conn.pdbx_value_order 
_struct_conn.pdbx_role 
metalc1 metalc ? ? F HOH .  O   ? ? ? 1_555 C CA . CA ? ? A HOH 38  A CA 301 1_555 ? ? ? ? ? ? ? 3.018 ? ? 
metalc2 metalc ? ? F HOH .  O   ? ? ? 1_555 C CA . CA ? ? A HOH 39  A CA 301 1_555 ? ? ? ? ? ? ? 3.031 ? ? 
metalc3 metalc ? ? A ASP 21 OD2 ? ? ? 1_555 C CA . CA ? ? A ASP 103 A CA 301 1_555 ? ? ? ? ? ? ? 2.691 ? ? 
# 
_struct_conn_type.id          metalc 
_struct_conn_type.criteria    ? 
_struct_conn_type.reference   ? 
# 
_struct_sheet.id               A 
_struct_sheet.type             ? 
_struct_sheet.number_strands   4 
_struct_sheet.details          ? 
# 
loop_
_struct_sheet_order.sheet_id 
_struct_sheet_order.range_id_1 
_struct_sheet_order.range_id_2 
_struct_sheet_order.offset 
_struct_sheet_order.sense 
A 1 2 ? parallel      
A 2 3 ? parallel      
A 3 4 ? anti-parallel 
# 
loop_
_struct_sheet_range.sheet_id 
_struct_sheet_range.id 
_struct_sheet_range.beg_label_comp_id 
_struct_sheet_range.beg_label_asym_id 
_struct_sheet_range.beg_label_seq_id 
_struct_sheet_range.pdbx_beg_PDB_ins_code 
_struct_sheet_range.end_label_comp_id 
_struct_sheet_range.end_label_asym_id 
_struct_sheet_range.end_label_seq_id 
_struct_sheet_range.pdbx_end_PDB_ins_code 
_struct_sheet_range.beg_auth_comp_id 
_struct_sheet_range.beg_auth_asym_id 
_struct_sheet_range.beg_auth_seq_id 
_struct_sheet_range.end_auth_comp_id 
_struct_sheet_range.end_auth_asym_id 
_struct_sheet_range.end_auth_seq_id 
A 1 VAL A 18 ? ASP A 20 ? VAL A 100 ASP A 102 
A 2 ARG A 47 ? VAL A 53 ? ARG A 129 VAL A 135 
A 3 LYS A 83 ? ILE A 89 ? LYS A 165 ILE A 171 
A 4 GLU A 94 ? GLY A 99 ? GLU A 176 GLY A 181 
# 
loop_
_pdbx_struct_sheet_hbond.sheet_id 
_pdbx_struct_sheet_hbond.range_id_1 
_pdbx_struct_sheet_hbond.range_id_2 
_pdbx_struct_sheet_hbond.range_1_label_atom_id 
_pdbx_struct_sheet_hbond.range_1_label_comp_id 
_pdbx_struct_sheet_hbond.range_1_label_asym_id 
_pdbx_struct_sheet_hbond.range_1_label_seq_id 
_pdbx_struct_sheet_hbond.range_1_PDB_ins_code 
_pdbx_struct_sheet_hbond.range_1_auth_atom_id 
_pdbx_struct_sheet_hbond.range_1_auth_comp_id 
_pdbx_struct_sheet_hbond.range_1_auth_asym_id 
_pdbx_struct_sheet_hbond.range_1_auth_seq_id 
_pdbx_struct_sheet_hbond.range_2_label_atom_id 
_pdbx_struct_sheet_hbond.range_2_label_comp_id 
_pdbx_struct_sheet_hbond.range_2_label_asym_id 
_pdbx_struct_sheet_hbond.range_2_label_seq_id 
_pdbx_struct_sheet_hbond.range_2_PDB_ins_code 
_pdbx_struct_sheet_hbond.range_2_auth_atom_id 
_pdbx_struct_sheet_hbond.range_2_auth_comp_id 
_pdbx_struct_sheet_hbond.range_2_auth_asym_id 
_pdbx_struct_sheet_hbond.range_2_auth_seq_id 
A 1 2 N VAL A 19 ? N VAL A 101 O THR A 52 ? O THR A 134 
A 2 3 N ILE A 51 ? N ILE A 133 O VAL A 86 ? O VAL A 168 
A 3 4 N ILE A 89 ? N ILE A 171 O GLU A 94 ? O GLU A 176 
# 
loop_
_struct_site.id 
_struct_site.pdbx_evidence_code 
_struct_site.pdbx_auth_asym_id 
_struct_site.pdbx_auth_comp_id 
_struct_site.pdbx_auth_seq_id 
_struct_site.pdbx_auth_ins_code 
_struct_site.pdbx_num_residues 
_struct_site.details 
AC1 Software A SER 305 ? 10 'BINDING SITE FOR RESIDUE SER A 305' 
AC2 Software A CA  301 ? 6  'BINDING SITE FOR RESIDUE CA A 301'  
AC3 Software A GOL 302 ? 7  'BINDING SITE FOR RESIDUE GOL A 302' 
AC4 Software A GOL 303 ? 3  'BINDING SITE FOR RESIDUE GOL A 303' 
# 
loop_
_struct_site_gen.id 
_struct_site_gen.site_id 
_struct_site_gen.pdbx_num_res 
_struct_site_gen.label_comp_id 
_struct_site_gen.label_asym_id 
_struct_site_gen.label_seq_id 
_struct_site_gen.pdbx_auth_ins_code 
_struct_site_gen.auth_comp_id 
_struct_site_gen.auth_asym_id 
_struct_site_gen.auth_seq_id 
_struct_site_gen.label_atom_id 
_struct_site_gen.label_alt_id 
_struct_site_gen.symmetry 
_struct_site_gen.details 
1  AC1 10 HOH F .   ? HOH A 32  . ? 1_555 ? 
2  AC1 10 HOH F .   ? HOH A 76  . ? 1_555 ? 
3  AC1 10 VAL A 18  ? VAL A 100 . ? 1_555 ? 
4  AC1 10 VAL A 19  ? VAL A 101 . ? 1_555 ? 
5  AC1 10 ASP A 20  ? ASP A 102 . ? 1_555 ? 
6  AC1 10 LYS A 30  ? LYS A 112 . ? 1_555 ? 
7  AC1 10 ASP A 126 ? ASP A 208 . ? 3_757 ? 
8  AC1 10 LYS A 128 ? LYS A 210 . ? 3_757 ? 
9  AC1 10 HOH F .   ? HOH A 326 . ? 3_757 ? 
10 AC1 10 HOH F .   ? HOH A 337 . ? 1_555 ? 
11 AC2 6  HOH F .   ? HOH A 38  . ? 1_555 ? 
12 AC2 6  HOH F .   ? HOH A 39  . ? 1_555 ? 
13 AC2 6  SER A 3   ? SER A 85  . ? 1_555 ? 
14 AC2 6  ASP A 21  ? ASP A 103 . ? 1_555 ? 
15 AC2 6  ALA A 22  ? ALA A 104 . ? 1_555 ? 
16 AC2 6  ARG A 54  ? ARG A 136 . ? 1_555 ? 
17 AC3 7  HOH F .   ? HOH A 11  . ? 1_555 ? 
18 AC3 7  ASN A 6   ? ASN A 88  . ? 3_747 ? 
19 AC3 7  THR A 29  ? THR A 111 . ? 1_555 ? 
20 AC3 7  ASP A 32  ? ASP A 114 . ? 1_555 ? 
21 AC3 7  ASN A 130 ? ASN A 212 . ? 1_555 ? 
22 AC3 7  GLU A 131 ? GLU A 213 . ? 1_555 ? 
23 AC3 7  HOH F .   ? HOH A 332 . ? 1_555 ? 
24 AC4 3  PHE A 5   ? PHE A 87  . ? 1_555 ? 
25 AC4 3  ASN A 9   ? ASN A 91  . ? 1_555 ? 
26 AC4 3  LYS A 72  ? LYS A 154 . ? 1_555 ? 
# 
_atom_sites.entry_id                    3PW9 
_atom_sites.fract_transf_matrix[1][1]   -0.01828554 
_atom_sites.fract_transf_matrix[1][2]   -0.00383466 
_atom_sites.fract_transf_matrix[1][3]   0.01003984 
_atom_sites.fract_transf_matrix[2][1]   -0.00477177 
_atom_sites.fract_transf_matrix[2][2]   0.01948119 
_atom_sites.fract_transf_matrix[2][3]   -0.00125007 
_atom_sites.fract_transf_matrix[3][1]   -0.00585405 
_atom_sites.fract_transf_matrix[3][2]   -0.00217128 
_atom_sites.fract_transf_matrix[3][3]   -0.01149129 
_atom_sites.fract_transf_vector[1]      0.880195 
_atom_sites.fract_transf_vector[2]      0.547423 
_atom_sites.fract_transf_vector[3]      1.121093 
# 
loop_
_atom_type.symbol 
C  
CA 
N  
O  
# 
loop_
_atom_site.group_PDB 
_atom_site.id 
_atom_site.type_symbol 
_atom_site.label_atom_id 
_atom_site.label_alt_id 
_atom_site.label_comp_id 
_atom_site.label_asym_id 
_atom_site.label_entity_id 
_atom_site.label_seq_id 
_atom_site.pdbx_PDB_ins_code 
_atom_site.Cartn_x 
_atom_site.Cartn_y 
_atom_site.Cartn_z 
_atom_site.occupancy 
_atom_site.B_iso_or_equiv 
_atom_site.pdbx_formal_charge 
_atom_site.auth_seq_id 
_atom_site.auth_comp_id 
_atom_site.auth_asym_id 
_atom_site.auth_atom_id 
_atom_site.pdbx_PDB_model_num 
ATOM   1    N  N   . SER A 1 1   ? -1.613  4.871   -19.593 1.00 60.74 ? 83  SER A N   1 
ATOM   2    C  CA  . SER A 1 1   ? -2.907  4.120   -19.501 1.00 60.15 ? 83  SER A CA  1 
ATOM   3    C  C   . SER A 1 1   ? -3.936  4.907   -18.707 1.00 59.47 ? 83  SER A C   1 
ATOM   4    O  O   . SER A 1 1   ? -3.586  5.763   -17.887 1.00 60.09 ? 83  SER A O   1 
ATOM   5    C  CB  . SER A 1 1   ? -2.689  2.764   -18.811 1.00 61.95 ? 83  SER A CB  1 
ATOM   6    O  OG  . SER A 1 1   ? -2.387  2.910   -17.416 1.00 61.05 ? 83  SER A OG  1 
ATOM   7    N  N   . ALA A 1 2   ? -5.214  4.635   -18.941 1.00 57.23 ? 84  ALA A N   1 
ATOM   8    C  CA  . ALA A 1 2   ? -6.214  5.343   -18.160 1.00 55.54 ? 84  ALA A CA  1 
ATOM   9    C  C   . ALA A 1 2   ? -6.009  4.968   -16.677 1.00 53.21 ? 84  ALA A C   1 
ATOM   10   O  O   . ALA A 1 2   ? -6.295  5.767   -15.790 1.00 53.50 ? 84  ALA A O   1 
ATOM   11   C  CB  . ALA A 1 2   ? -7.631  4.979   -18.619 1.00 54.86 ? 84  ALA A CB  1 
ATOM   12   N  N   . SER A 1 3   ? -5.501  3.768   -16.404 1.00 50.82 ? 85  SER A N   1 
ATOM   13   C  CA  . SER A 1 3   ? -5.282  3.362   -15.012 1.00 49.60 ? 85  SER A CA  1 
ATOM   14   C  C   . SER A 1 3   ? -4.219  4.228   -14.313 1.00 47.13 ? 85  SER A C   1 
ATOM   15   O  O   . SER A 1 3   ? -4.488  4.818   -13.277 1.00 45.09 ? 85  SER A O   1 
ATOM   16   C  CB  . SER A 1 3   ? -4.873  1.884   -14.935 1.00 49.93 ? 85  SER A CB  1 
ATOM   17   O  OG  . SER A 1 3   ? -5.932  1.026   -15.346 1.00 52.38 ? 85  SER A OG  1 
ATOM   18   N  N   . GLU A 1 4   ? -3.025  4.290   -14.897 1.00 46.45 ? 86  GLU A N   1 
ATOM   19   C  CA  . GLU A 1 4   ? -1.906  5.054   -14.352 1.00 46.65 ? 86  GLU A CA  1 
ATOM   20   C  C   . GLU A 1 4   ? -2.327  6.505   -14.114 1.00 45.32 ? 86  GLU A C   1 
ATOM   21   O  O   . GLU A 1 4   ? -2.003  7.106   -13.088 1.00 41.85 ? 86  GLU A O   1 
ATOM   22   C  CB  . GLU A 1 4   ? -0.742  4.996   -15.328 1.00 47.88 ? 86  GLU A CB  1 
ATOM   23   C  CG  . GLU A 1 4   ? 0.600   5.282   -14.715 1.00 52.63 ? 86  GLU A CG  1 
ATOM   24   C  CD  . GLU A 1 4   ? 1.753   4.821   -15.608 1.00 56.68 ? 86  GLU A CD  1 
ATOM   25   O  OE1 . GLU A 1 4   ? 1.568   3.812   -16.335 1.00 57.73 ? 86  GLU A OE1 1 
ATOM   26   O  OE2 . GLU A 1 4   ? 2.846   5.445   -15.562 1.00 56.87 ? 86  GLU A OE2 1 
ATOM   27   N  N   . PHE A 1 5   ? -3.063  7.051   -15.080 1.00 44.29 ? 87  PHE A N   1 
ATOM   28   C  CA  . PHE A 1 5   ? -3.562  8.418   -14.999 1.00 42.53 ? 87  PHE A CA  1 
ATOM   29   C  C   . PHE A 1 5   ? -4.642  8.555   -13.947 1.00 39.80 ? 87  PHE A C   1 
ATOM   30   O  O   . PHE A 1 5   ? -4.587  9.457   -13.127 1.00 38.92 ? 87  PHE A O   1 
ATOM   31   C  CB  . PHE A 1 5   ? -4.142  8.888   -16.351 1.00 44.57 ? 87  PHE A CB  1 
ATOM   32   C  CG  . PHE A 1 5   ? -5.094  10.067  -16.228 1.00 46.93 ? 87  PHE A CG  1 
ATOM   33   C  CD1 . PHE A 1 5   ? -4.610  11.366  -16.031 1.00 46.93 ? 87  PHE A CD1 1 
ATOM   34   C  CD2 . PHE A 1 5   ? -6.480  9.866   -16.233 1.00 47.48 ? 87  PHE A CD2 1 
ATOM   35   C  CE1 . PHE A 1 5   ? -5.494  12.425  -15.847 1.00 48.22 ? 87  PHE A CE1 1 
ATOM   36   C  CE2 . PHE A 1 5   ? -7.363  10.928  -16.047 1.00 47.82 ? 87  PHE A CE2 1 
ATOM   37   C  CZ  . PHE A 1 5   ? -6.874  12.205  -15.851 1.00 47.43 ? 87  PHE A CZ  1 
ATOM   38   N  N   . ASN A 1 6   ? -5.642  7.682   -13.984 1.00 38.12 ? 88  ASN A N   1 
ATOM   39   C  CA  . ASN A 1 6   ? -6.731  7.775   -13.013 1.00 38.57 ? 88  ASN A CA  1 
ATOM   40   C  C   . ASN A 1 6   ? -6.265  7.731   -11.582 1.00 37.07 ? 88  ASN A C   1 
ATOM   41   O  O   . ASN A 1 6   ? -6.694  8.551   -10.761 1.00 37.07 ? 88  ASN A O   1 
ATOM   42   C  CB  . ASN A 1 6   ? -7.750  6.648   -13.180 1.00 40.16 ? 88  ASN A CB  1 
ATOM   43   C  CG  . ASN A 1 6   ? -8.719  6.901   -14.315 1.00 45.36 ? 88  ASN A CG  1 
ATOM   44   O  OD1 . ASN A 1 6   ? -8.868  8.048   -14.788 1.00 46.59 ? 88  ASN A OD1 1 
ATOM   45   N  ND2 . ASN A 1 6   ? -9.405  5.840   -14.751 1.00 41.08 ? 88  ASN A ND2 1 
ATOM   46   N  N   . ILE A 1 7   ? -5.426  6.740   -11.269 1.00 35.20 ? 89  ILE A N   1 
ATOM   47   C  CA  . ILE A 1 7   ? -4.915  6.582   -9.904  1.00 34.42 ? 89  ILE A CA  1 
ATOM   48   C  C   . ILE A 1 7   ? -4.278  7.895   -9.421  1.00 34.21 ? 89  ILE A C   1 
ATOM   49   O  O   . ILE A 1 7   ? -4.592  8.381   -8.337  1.00 33.73 ? 89  ILE A O   1 
ATOM   50   C  CB  . ILE A 1 7   ? -3.895  5.433   -9.840  1.00 33.87 ? 89  ILE A CB  1 
ATOM   51   C  CG1 . ILE A 1 7   ? -4.603  4.093   -10.135 1.00 30.75 ? 89  ILE A CG1 1 
ATOM   52   C  CG2 . ILE A 1 7   ? -3.252  5.376   -8.489  1.00 30.43 ? 89  ILE A CG2 1 
ATOM   53   C  CD1 . ILE A 1 7   ? -3.639  2.927   -10.229 1.00 34.04 ? 89  ILE A CD1 1 
ATOM   54   N  N   . LEU A 1 8   ? -3.406  8.461   -10.250 1.00 33.71 ? 90  LEU A N   1 
ATOM   55   C  CA  . LEU A 1 8   ? -2.727  9.722   -9.941  1.00 34.41 ? 90  LEU A CA  1 
ATOM   56   C  C   . LEU A 1 8   ? -3.752  10.859  -9.821  1.00 35.91 ? 90  LEU A C   1 
ATOM   57   O  O   . LEU A 1 8   ? -3.843  11.552  -8.798  1.00 33.06 ? 90  LEU A O   1 
ATOM   58   C  CB  . LEU A 1 8   ? -1.720  10.046  -11.056 1.00 33.06 ? 90  LEU A CB  1 
ATOM   59   C  CG  . LEU A 1 8   ? -0.355  9.350   -11.027 1.00 32.34 ? 90  LEU A CG  1 
ATOM   60   C  CD1 . LEU A 1 8   ? 0.396   9.698   -12.289 1.00 29.97 ? 90  LEU A CD1 1 
ATOM   61   C  CD2 . LEU A 1 8   ? 0.454   9.824   -9.786  1.00 32.33 ? 90  LEU A CD2 1 
ATOM   62   N  N   . ASN A 1 9   ? -4.530  11.013  -10.891 1.00 37.49 ? 91  ASN A N   1 
ATOM   63   C  CA  . ASN A 1 9   ? -5.553  12.037  -11.004 1.00 37.67 ? 91  ASN A CA  1 
ATOM   64   C  C   . ASN A 1 9   ? -6.611  12.065  -9.932  1.00 36.96 ? 91  ASN A C   1 
ATOM   65   O  O   . ASN A 1 9   ? -6.938  13.125  -9.419  1.00 37.47 ? 91  ASN A O   1 
ATOM   66   C  CB  . ASN A 1 9   ? -6.274  11.921  -12.351 1.00 37.52 ? 91  ASN A CB  1 
ATOM   67   C  CG  . ASN A 1 9   ? -7.216  13.084  -12.595 1.00 38.95 ? 91  ASN A CG  1 
ATOM   68   O  OD1 . ASN A 1 9   ? -6.811  14.230  -12.438 1.00 40.29 ? 91  ASN A OD1 1 
ATOM   69   N  ND2 . ASN A 1 9   ? -8.476  12.801  -12.955 1.00 35.83 ? 91  ASN A ND2 1 
ATOM   70   N  N   . ASP A 1 10  ? -7.159  10.910  -9.596  1.00 37.62 ? 92  ASP A N   1 
ATOM   71   C  CA  . ASP A 1 10  ? -8.229  10.886  -8.633  1.00 37.21 ? 92  ASP A CA  1 
ATOM   72   C  C   . ASP A 1 10  ? -7.836  11.203  -7.220  1.00 38.84 ? 92  ASP A C   1 
ATOM   73   O  O   . ASP A 1 10  ? -8.710  11.412  -6.377  1.00 39.82 ? 92  ASP A O   1 
ATOM   74   C  CB  . ASP A 1 10  ? -8.945  9.554   -8.683  1.00 38.69 ? 92  ASP A CB  1 
ATOM   75   C  CG  . ASP A 1 10  ? -9.536  9.272   -10.041 1.00 41.61 ? 92  ASP A CG  1 
ATOM   76   O  OD1 . ASP A 1 10  ? -9.610  10.216  -10.870 1.00 43.12 ? 92  ASP A OD1 1 
ATOM   77   O  OD2 . ASP A 1 10  ? -9.927  8.108   -10.286 1.00 41.27 ? 92  ASP A OD2 1 
ATOM   78   N  N   . GLY A 1 11  ? -6.538  11.250  -6.932  1.00 37.57 ? 93  GLY A N   1 
ATOM   79   C  CA  . GLY A 1 11  ? -6.139  11.566  -5.576  1.00 37.53 ? 93  GLY A CA  1 
ATOM   80   C  C   . GLY A 1 11  ? -6.377  10.424  -4.614  1.00 37.81 ? 93  GLY A C   1 
ATOM   81   O  O   . GLY A 1 11  ? -6.864  9.360   -5.007  1.00 38.98 ? 93  GLY A O   1 
ATOM   82   N  N   . PRO A 1 12  ? -6.069  10.625  -3.325  1.00 37.70 ? 94  PRO A N   1 
ATOM   83   C  CA  . PRO A 1 12  ? -6.242  9.592   -2.303  1.00 36.35 ? 94  PRO A CA  1 
ATOM   84   C  C   . PRO A 1 12  ? -7.683  9.277   -1.916  1.00 40.35 ? 94  PRO A C   1 
ATOM   85   O  O   . PRO A 1 12  ? -8.579  10.110  -2.037  1.00 41.67 ? 94  PRO A O   1 
ATOM   86   C  CB  . PRO A 1 12  ? -5.442  10.130  -1.129  1.00 37.19 ? 94  PRO A CB  1 
ATOM   87   C  CG  . PRO A 1 12  ? -5.679  11.613  -1.245  1.00 35.76 ? 94  PRO A CG  1 
ATOM   88   C  CD  . PRO A 1 12  ? -5.599  11.895  -2.738  1.00 36.14 ? 94  PRO A CD  1 
ATOM   89   N  N   . PRO A 1 13  ? -7.928  8.039   -1.492  1.00 41.12 ? 95  PRO A N   1 
ATOM   90   C  CA  . PRO A 1 13  ? -9.290  7.700   -1.099  1.00 45.17 ? 95  PRO A CA  1 
ATOM   91   C  C   . PRO A 1 13  ? -9.478  8.115   0.363   1.00 48.44 ? 95  PRO A C   1 
ATOM   92   O  O   . PRO A 1 13  ? -9.009  7.433   1.267   1.00 50.73 ? 95  PRO A O   1 
ATOM   93   C  CB  . PRO A 1 13  ? -9.340  6.181   -1.304  1.00 42.92 ? 95  PRO A CB  1 
ATOM   94   C  CG  . PRO A 1 13  ? -7.914  5.750   -1.021  1.00 42.16 ? 95  PRO A CG  1 
ATOM   95   C  CD  . PRO A 1 13  ? -7.104  6.827   -1.709  1.00 40.39 ? 95  PRO A CD  1 
ATOM   96   N  N   . LYS A 1 14  ? -10.143 9.233   0.605   1.00 52.35 ? 96  LYS A N   1 
ATOM   97   C  CA  . LYS A 1 14  ? -10.334 9.676   1.987   1.00 55.92 ? 96  LYS A CA  1 
ATOM   98   C  C   . LYS A 1 14  ? -11.490 9.009   2.746   1.00 55.79 ? 96  LYS A C   1 
ATOM   99   O  O   . LYS A 1 14  ? -11.882 9.492   3.807   1.00 58.11 ? 96  LYS A O   1 
ATOM   100  C  CB  . LYS A 1 14  ? -10.523 11.200  2.050   1.00 59.44 ? 96  LYS A CB  1 
ATOM   101  C  CG  . LYS A 1 14  ? -10.142 11.790  3.424   1.00 64.88 ? 96  LYS A CG  1 
ATOM   102  C  CD  . LYS A 1 14  ? -10.624 13.234  3.635   1.00 68.71 ? 96  LYS A CD  1 
ATOM   103  C  CE  . LYS A 1 14  ? -10.260 13.726  5.042   1.00 71.30 ? 96  LYS A CE  1 
ATOM   104  N  NZ  . LYS A 1 14  ? -10.654 12.742  6.111   1.00 73.15 ? 96  LYS A NZ  1 
ATOM   105  N  N   . GLU A 1 15  ? -12.044 7.918   2.220   1.00 52.59 ? 97  GLU A N   1 
ATOM   106  C  CA  . GLU A 1 15  ? -13.138 7.235   2.907   1.00 49.93 ? 97  GLU A CA  1 
ATOM   107  C  C   . GLU A 1 15  ? -12.742 5.782   2.994   1.00 46.47 ? 97  GLU A C   1 
ATOM   108  O  O   . GLU A 1 15  ? -13.025 5.086   3.975   1.00 45.78 ? 97  GLU A O   1 
ATOM   109  C  CB  . GLU A 1 15  ? -14.457 7.392   2.131   1.00 52.51 ? 97  GLU A CB  1 
ATOM   110  C  CG  . GLU A 1 15  ? -14.967 8.845   2.004   1.00 56.15 ? 97  GLU A CG  1 
ATOM   111  C  CD  . GLU A 1 15  ? -16.028 9.017   0.905   1.00 59.22 ? 97  GLU A CD  1 
ATOM   112  O  OE1 . GLU A 1 15  ? -17.037 8.275   0.930   1.00 58.90 ? 97  GLU A OE1 1 
ATOM   113  O  OE2 . GLU A 1 15  ? -15.847 9.897   0.021   1.00 59.98 ? 97  GLU A OE2 1 
ATOM   114  N  N   . THR A 1 16  ? -12.088 5.327   1.938   1.00 42.88 ? 98  THR A N   1 
ATOM   115  C  CA  . THR A 1 16  ? -11.590 3.971   1.888   1.00 42.93 ? 98  THR A CA  1 
ATOM   116  C  C   . THR A 1 16  ? -10.060 4.178   1.940   1.00 42.27 ? 98  THR A C   1 
ATOM   117  O  O   . THR A 1 16  ? -9.558  5.300   1.813   1.00 43.03 ? 98  THR A O   1 
ATOM   118  C  CB  . THR A 1 16  ? -12.042 3.233   0.570   1.00 43.69 ? 98  THR A CB  1 
ATOM   119  O  OG1 . THR A 1 16  ? -11.362 3.777   -0.570  1.00 42.03 ? 98  THR A OG1 1 
ATOM   120  C  CG2 . THR A 1 16  ? -13.545 3.401   0.353   1.00 44.58 ? 98  THR A CG2 1 
ATOM   121  N  N   . TYR A 1 17  ? -9.324  3.108   2.123   1.00 39.72 ? 99  TYR A N   1 
ATOM   122  C  CA  . TYR A 1 17  ? -7.876  3.202   2.229   1.00 36.83 ? 99  TYR A CA  1 
ATOM   123  C  C   . TYR A 1 17  ? -7.283  2.397   1.090   1.00 33.67 ? 99  TYR A C   1 
ATOM   124  O  O   . TYR A 1 17  ? -6.116  2.027   1.117   1.00 29.35 ? 99  TYR A O   1 
ATOM   125  C  CB  . TYR A 1 17  ? -7.479  2.605   3.580   1.00 35.39 ? 99  TYR A CB  1 
ATOM   126  C  CG  . TYR A 1 17  ? -7.868  3.494   4.755   1.00 35.42 ? 99  TYR A CG  1 
ATOM   127  C  CD1 . TYR A 1 17  ? -6.890  4.225   5.453   1.00 33.74 ? 99  TYR A CD1 1 
ATOM   128  C  CD2 . TYR A 1 17  ? -9.209  3.646   5.137   1.00 37.40 ? 99  TYR A CD2 1 
ATOM   129  C  CE1 . TYR A 1 17  ? -7.225  5.088   6.497   1.00 36.41 ? 99  TYR A CE1 1 
ATOM   130  C  CE2 . TYR A 1 17  ? -9.568  4.519   6.193   1.00 35.81 ? 99  TYR A CE2 1 
ATOM   131  C  CZ  . TYR A 1 17  ? -8.563  5.231   6.861   1.00 37.23 ? 99  TYR A CZ  1 
ATOM   132  O  OH  . TYR A 1 17  ? -8.882  6.076   7.881   1.00 37.93 ? 99  TYR A OH  1 
ATOM   133  N  N   . VAL A 1 18  ? -8.100  2.167   0.069   1.00 33.04 ? 100 VAL A N   1 
ATOM   134  C  CA  . VAL A 1 18  ? -7.679  1.305   -1.032  1.00 34.03 ? 100 VAL A CA  1 
ATOM   135  C  C   . VAL A 1 18  ? -8.150  1.713   -2.389  1.00 33.42 ? 100 VAL A C   1 
ATOM   136  O  O   . VAL A 1 18  ? -9.298  2.076   -2.561  1.00 35.10 ? 100 VAL A O   1 
ATOM   137  C  CB  . VAL A 1 18  ? -8.220  -0.129  -0.819  1.00 34.29 ? 100 VAL A CB  1 
ATOM   138  C  CG1 . VAL A 1 18  ? -7.596  -1.088  -1.847  1.00 34.91 ? 100 VAL A CG1 1 
ATOM   139  C  CG2 . VAL A 1 18  ? -7.932  -0.565  0.617   1.00 35.59 ? 100 VAL A CG2 1 
ATOM   140  N  N   . VAL A 1 19  ? -7.254  1.656   -3.353  1.00 31.62 ? 101 VAL A N   1 
ATOM   141  C  CA  . VAL A 1 19  ? -7.626  1.930   -4.725  1.00 31.24 ? 101 VAL A CA  1 
ATOM   142  C  C   . VAL A 1 19  ? -7.316  0.618   -5.435  1.00 30.01 ? 101 VAL A C   1 
ATOM   143  O  O   . VAL A 1 19  ? -6.189  0.332   -5.761  1.00 29.49 ? 101 VAL A O   1 
ATOM   144  C  CB  . VAL A 1 19  ? -6.805  3.103   -5.332  1.00 29.76 ? 101 VAL A CB  1 
ATOM   145  C  CG1 . VAL A 1 19  ? -7.193  3.318   -6.803  1.00 28.86 ? 101 VAL A CG1 1 
ATOM   146  C  CG2 . VAL A 1 19  ? -7.070  4.384   -4.507  1.00 27.88 ? 101 VAL A CG2 1 
ATOM   147  N  N   . ASP A 1 20  ? -8.335  -0.201  -5.623  1.00 31.39 ? 102 ASP A N   1 
ATOM   148  C  CA  . ASP A 1 20  ? -8.178  -1.498  -6.277  1.00 31.44 ? 102 ASP A CA  1 
ATOM   149  C  C   . ASP A 1 20  ? -8.443  -1.376  -7.769  1.00 32.66 ? 102 ASP A C   1 
ATOM   150  O  O   . ASP A 1 20  ? -9.431  -1.922  -8.273  1.00 34.01 ? 102 ASP A O   1 
ATOM   151  C  CB  . ASP A 1 20  ? -9.160  -2.490  -5.652  1.00 32.02 ? 102 ASP A CB  1 
ATOM   152  C  CG  . ASP A 1 20  ? -9.083  -3.866  -6.280  1.00 32.48 ? 102 ASP A CG  1 
ATOM   153  O  OD1 . ASP A 1 20  ? -8.053  -4.222  -6.887  1.00 31.77 ? 102 ASP A OD1 1 
ATOM   154  O  OD2 . ASP A 1 20  ? -10.051 -4.618  -6.136  1.00 34.03 ? 102 ASP A OD2 1 
ATOM   155  N  N   . ASP A 1 21  ? -7.582  -0.642  -8.469  1.00 33.19 ? 103 ASP A N   1 
ATOM   156  C  CA  . ASP A 1 21  ? -7.729  -0.412  -9.913  1.00 34.78 ? 103 ASP A CA  1 
ATOM   157  C  C   . ASP A 1 21  ? -7.672  -1.714  -10.719 1.00 37.11 ? 103 ASP A C   1 
ATOM   158  O  O   . ASP A 1 21  ? -8.281  -1.811  -11.798 1.00 37.45 ? 103 ASP A O   1 
ATOM   159  C  CB  . ASP A 1 21  ? -6.635  0.534   -10.437 1.00 35.22 ? 103 ASP A CB  1 
ATOM   160  C  CG  . ASP A 1 21  ? -6.965  1.119   -11.815 1.00 39.50 ? 103 ASP A CG  1 
ATOM   161  O  OD1 . ASP A 1 21  ? -7.735  2.123   -11.899 1.00 39.42 ? 103 ASP A OD1 1 
ATOM   162  O  OD2 . ASP A 1 21  ? -6.460  0.578   -12.831 1.00 39.63 ? 103 ASP A OD2 1 
ATOM   163  N  N   . ALA A 1 22  ? -6.928  -2.701  -10.223 1.00 36.05 ? 104 ALA A N   1 
ATOM   164  C  CA  . ALA A 1 22  ? -6.837  -3.987  -10.910 1.00 38.62 ? 104 ALA A CA  1 
ATOM   165  C  C   . ALA A 1 22  ? -8.093  -4.823  -10.608 1.00 38.49 ? 104 ALA A C   1 
ATOM   166  O  O   . ALA A 1 22  ? -8.309  -5.852  -11.215 1.00 36.65 ? 104 ALA A O   1 
ATOM   167  C  CB  . ALA A 1 22  ? -5.571  -4.745  -10.457 1.00 36.53 ? 104 ALA A CB  1 
ATOM   168  N  N   . GLY A 1 23  ? -8.899  -4.370  -9.649  1.00 39.16 ? 105 GLY A N   1 
ATOM   169  C  CA  . GLY A 1 23  ? -10.113 -5.098  -9.298  1.00 39.62 ? 105 GLY A CA  1 
ATOM   170  C  C   . GLY A 1 23  ? -9.817  -6.514  -8.847  1.00 39.89 ? 105 GLY A C   1 
ATOM   171  O  O   . GLY A 1 23  ? -10.535 -7.448  -9.219  1.00 40.53 ? 105 GLY A O   1 
ATOM   172  N  N   . VAL A 1 24  ? -8.760  -6.692  -8.055  1.00 36.92 ? 106 VAL A N   1 
ATOM   173  C  CA  . VAL A 1 24  ? -8.405  -8.018  -7.591  1.00 33.95 ? 106 VAL A CA  1 
ATOM   174  C  C   . VAL A 1 24  ? -8.724  -8.279  -6.139  1.00 35.00 ? 106 VAL A C   1 
ATOM   175  O  O   . VAL A 1 24  ? -8.312  -9.292  -5.588  1.00 36.28 ? 106 VAL A O   1 
ATOM   176  C  CB  . VAL A 1 24  ? -6.907  -8.303  -7.827  1.00 34.63 ? 106 VAL A CB  1 
ATOM   177  C  CG1 . VAL A 1 24  ? -6.605  -8.365  -9.369  1.00 30.66 ? 106 VAL A CG1 1 
ATOM   178  C  CG2 . VAL A 1 24  ? -6.062  -7.232  -7.131  1.00 32.56 ? 106 VAL A CG2 1 
ATOM   179  N  N   . LEU A 1 25  ? -9.459  -7.376  -5.499  1.00 34.66 ? 107 LEU A N   1 
ATOM   180  C  CA  . LEU A 1 25  ? -9.788  -7.570  -4.092  1.00 33.97 ? 107 LEU A CA  1 
ATOM   181  C  C   . LEU A 1 25  ? -11.293 -7.638  -3.947  1.00 34.84 ? 107 LEU A C   1 
ATOM   182  O  O   . LEU A 1 25  ? -12.010 -6.921  -4.640  1.00 34.30 ? 107 LEU A O   1 
ATOM   183  C  CB  . LEU A 1 25  ? -9.266  -6.406  -3.251  1.00 32.58 ? 107 LEU A CB  1 
ATOM   184  C  CG  . LEU A 1 25  ? -7.782  -6.074  -3.429  1.00 30.32 ? 107 LEU A CG  1 
ATOM   185  C  CD1 . LEU A 1 25  ? -7.466  -4.828  -2.624  1.00 30.37 ? 107 LEU A CD1 1 
ATOM   186  C  CD2 . LEU A 1 25  ? -6.948  -7.257  -2.996  1.00 29.25 ? 107 LEU A CD2 1 
ATOM   187  N  N   . SER A 1 26  ? -11.757 -8.503  -3.051  1.00 33.34 ? 108 SER A N   1 
ATOM   188  C  CA  . SER A 1 26  ? -13.184 -8.679  -2.810  1.00 34.79 ? 108 SER A CA  1 
ATOM   189  C  C   . SER A 1 26  ? -13.751 -7.584  -1.886  1.00 36.57 ? 108 SER A C   1 
ATOM   190  O  O   . SER A 1 26  ? -13.029 -7.002  -1.062  1.00 35.67 ? 108 SER A O   1 
ATOM   191  C  CB  . SER A 1 26  ? -13.399 -10.029 -2.153  1.00 32.82 ? 108 SER A CB  1 
ATOM   192  O  OG  . SER A 1 26  ? -12.980 -9.969  -0.799  1.00 35.13 ? 108 SER A OG  1 
ATOM   193  N  N   . ARG A 1 27  ? -15.047 -7.319  -1.986  1.00 38.22 ? 109 ARG A N   1 
ATOM   194  C  CA  . ARG A 1 27  ? -15.641 -6.291  -1.138  1.00 39.42 ? 109 ARG A CA  1 
ATOM   195  C  C   . ARG A 1 27  ? -15.456 -6.602  0.348   1.00 37.71 ? 109 ARG A C   1 
ATOM   196  O  O   . ARG A 1 27  ? -15.352 -5.690  1.164   1.00 35.22 ? 109 ARG A O   1 
ATOM   197  C  CB  . ARG A 1 27  ? -17.122 -6.116  -1.477  1.00 44.02 ? 109 ARG A CB  1 
ATOM   198  C  CG  . ARG A 1 27  ? -17.955 -7.344  -1.246  1.00 51.30 ? 109 ARG A CG  1 
ATOM   199  C  CD  . ARG A 1 27  ? -19.411 -7.067  -1.619  1.00 57.03 ? 109 ARG A CD  1 
ATOM   200  N  NE  . ARG A 1 27  ? -20.029 -6.041  -0.778  1.00 62.23 ? 109 ARG A NE  1 
ATOM   201  C  CZ  . ARG A 1 27  ? -20.382 -6.210  0.496   1.00 64.79 ? 109 ARG A CZ  1 
ATOM   202  N  NH1 . ARG A 1 27  ? -20.185 -7.380  1.113   1.00 64.72 ? 109 ARG A NH1 1 
ATOM   203  N  NH2 . ARG A 1 27  ? -20.939 -5.195  1.155   1.00 65.10 ? 109 ARG A NH2 1 
ATOM   204  N  N   . VAL A 1 28  ? -15.405 -7.884  0.699   1.00 36.66 ? 110 VAL A N   1 
ATOM   205  C  CA  . VAL A 1 28  ? -15.210 -8.272  2.095   1.00 36.14 ? 110 VAL A CA  1 
ATOM   206  C  C   . VAL A 1 28  ? -13.813 -7.868  2.557   1.00 35.67 ? 110 VAL A C   1 
ATOM   207  O  O   . VAL A 1 28  ? -13.653 -7.273  3.613   1.00 35.55 ? 110 VAL A O   1 
ATOM   208  C  CB  . VAL A 1 28  ? -15.372 -9.807  2.314   1.00 37.57 ? 110 VAL A CB  1 
ATOM   209  C  CG1 . VAL A 1 28  ? -14.874 -10.189 3.711   1.00 38.09 ? 110 VAL A CG1 1 
ATOM   210  C  CG2 . VAL A 1 28  ? -16.863 -10.194 2.174   1.00 38.68 ? 110 VAL A CG2 1 
ATOM   211  N  N   . THR A 1 29  ? -12.802 -8.224  1.777   1.00 33.90 ? 111 THR A N   1 
ATOM   212  C  CA  . THR A 1 29  ? -11.445 -7.839  2.116   1.00 35.10 ? 111 THR A CA  1 
ATOM   213  C  C   . THR A 1 29  ? -11.276 -6.297  2.105   1.00 32.72 ? 111 THR A C   1 
ATOM   214  O  O   . THR A 1 29  ? -10.560 -5.756  2.927   1.00 32.63 ? 111 THR A O   1 
ATOM   215  C  CB  . THR A 1 29  ? -10.434 -8.553  1.175   1.00 35.33 ? 111 THR A CB  1 
ATOM   216  O  OG1 . THR A 1 29  ? -10.476 -9.962  1.465   1.00 35.05 ? 111 THR A OG1 1 
ATOM   217  C  CG2 . THR A 1 29  ? -8.982  -8.015  1.374   1.00 31.98 ? 111 THR A CG2 1 
ATOM   218  N  N   . LYS A 1 30  ? -11.949 -5.593  1.198   1.00 32.93 ? 112 LYS A N   1 
ATOM   219  C  CA  . LYS A 1 30  ? -11.827 -4.156  1.195   1.00 31.86 ? 112 LYS A CA  1 
ATOM   220  C  C   . LYS A 1 30  ? -12.453 -3.566  2.458   1.00 33.57 ? 112 LYS A C   1 
ATOM   221  O  O   . LYS A 1 30  ? -11.959 -2.568  2.995   1.00 32.16 ? 112 LYS A O   1 
ATOM   222  C  CB  . LYS A 1 30  ? -12.416 -3.575  -0.083  1.00 34.16 ? 112 LYS A CB  1 
ATOM   223  C  CG  . LYS A 1 30  ? -11.470 -3.870  -1.259  1.00 32.93 ? 112 LYS A CG  1 
ATOM   224  C  CD  . LYS A 1 30  ? -11.869 -3.222  -2.561  1.00 35.67 ? 112 LYS A CD  1 
ATOM   225  C  CE  . LYS A 1 30  ? -12.957 -3.990  -3.291  1.00 36.61 ? 112 LYS A CE  1 
ATOM   226  N  NZ  . LYS A 1 30  ? -13.055 -3.509  -4.715  1.00 41.98 ? 112 LYS A NZ  1 
ATOM   227  N  N   . SER A 1 31  ? -13.507 -4.209  2.961   1.00 33.89 ? 113 SER A N   1 
ATOM   228  C  CA  . SER A 1 31  ? -14.182 -3.763  4.188   1.00 34.69 ? 113 SER A CA  1 
ATOM   229  C  C   . SER A 1 31  ? -13.269 -4.044  5.372   1.00 34.11 ? 113 SER A C   1 
ATOM   230  O  O   . SER A 1 31  ? -13.159 -3.234  6.290   1.00 34.32 ? 113 SER A O   1 
ATOM   231  C  CB  . SER A 1 31  ? -15.518 -4.514  4.365   1.00 36.37 ? 113 SER A CB  1 
ATOM   232  O  OG  . SER A 1 31  ? -16.036 -4.306  5.678   1.00 40.82 ? 113 SER A OG  1 
ATOM   233  N  N   . ASP A 1 32  ? -12.598 -5.194  5.340   1.00 33.96 ? 114 ASP A N   1 
ATOM   234  C  CA  . ASP A 1 32  ? -11.675 -5.549  6.405   1.00 34.42 ? 114 ASP A CA  1 
ATOM   235  C  C   . ASP A 1 32  ? -10.455 -4.625  6.407   1.00 34.12 ? 114 ASP A C   1 
ATOM   236  O  O   . ASP A 1 32  ? -9.895  -4.325  7.482   1.00 33.46 ? 114 ASP A O   1 
ATOM   237  C  CB  . ASP A 1 32  ? -11.238 -7.007  6.274   1.00 34.85 ? 114 ASP A CB  1 
ATOM   238  C  CG  . ASP A 1 32  ? -12.341 -7.973  6.685   1.00 35.04 ? 114 ASP A CG  1 
ATOM   239  O  OD1 . ASP A 1 32  ? -13.251 -7.545  7.427   1.00 34.61 ? 114 ASP A OD1 1 
ATOM   240  O  OD2 . ASP A 1 32  ? -12.299 -9.152  6.283   1.00 34.61 ? 114 ASP A OD2 1 
ATOM   241  N  N   . LEU A 1 33  ? -10.040 -4.181  5.218   1.00 31.10 ? 115 LEU A N   1 
ATOM   242  C  CA  . LEU A 1 33  ? -8.900  -3.264  5.122   1.00 32.70 ? 115 LEU A CA  1 
ATOM   243  C  C   . LEU A 1 33  ? -9.297  -1.926  5.712   1.00 31.81 ? 115 LEU A C   1 
ATOM   244  O  O   . LEU A 1 33  ? -8.569  -1.361  6.533   1.00 31.66 ? 115 LEU A O   1 
ATOM   245  C  CB  . LEU A 1 33  ? -8.441  -3.064  3.670   1.00 30.70 ? 115 LEU A CB  1 
ATOM   246  C  CG  . LEU A 1 33  ? -7.390  -4.122  3.256   1.00 35.16 ? 115 LEU A CG  1 
ATOM   247  C  CD1 . LEU A 1 33  ? -7.221  -4.202  1.701   1.00 35.82 ? 115 LEU A CD1 1 
ATOM   248  C  CD2 . LEU A 1 33  ? -6.066  -3.777  3.923   1.00 31.71 ? 115 LEU A CD2 1 
ATOM   249  N  N   . LYS A 1 34  ? -10.451 -1.416  5.291   1.00 32.66 ? 116 LYS A N   1 
ATOM   250  C  CA  . LYS A 1 34  ? -10.914 -0.145  5.821   1.00 34.43 ? 116 LYS A CA  1 
ATOM   251  C  C   . LYS A 1 34  ? -10.959 -0.174  7.352   1.00 32.93 ? 116 LYS A C   1 
ATOM   252  O  O   . LYS A 1 34  ? -10.512 0.758   7.997   1.00 35.27 ? 116 LYS A O   1 
ATOM   253  C  CB  . LYS A 1 34  ? -12.282 0.201   5.261   1.00 37.20 ? 116 LYS A CB  1 
ATOM   254  C  CG  . LYS A 1 34  ? -12.878 1.466   5.849   1.00 38.68 ? 116 LYS A CG  1 
ATOM   255  C  CD  . LYS A 1 34  ? -14.231 1.726   5.212   1.00 43.70 ? 116 LYS A CD  1 
ATOM   256  C  CE  . LYS A 1 34  ? -14.822 3.047   5.692   1.00 46.94 ? 116 LYS A CE  1 
ATOM   257  N  NZ  . LYS A 1 34  ? -16.172 3.240   5.104   1.00 49.14 ? 116 LYS A NZ  1 
ATOM   258  N  N   . LYS A 1 35  ? -11.484 -1.242  7.932   1.00 32.01 ? 117 LYS A N   1 
ATOM   259  C  CA  . LYS A 1 35  ? -11.535 -1.371  9.382   1.00 32.38 ? 117 LYS A CA  1 
ATOM   260  C  C   . LYS A 1 35  ? -10.154 -1.344  10.013  1.00 34.19 ? 117 LYS A C   1 
ATOM   261  O  O   . LYS A 1 35  ? -9.902  -0.611  10.980  1.00 34.32 ? 117 LYS A O   1 
ATOM   262  C  CB  . LYS A 1 35  ? -12.231 -2.677  9.780   1.00 32.09 ? 117 LYS A CB  1 
ATOM   263  C  CG  . LYS A 1 35  ? -13.698 -2.673  9.447   1.00 33.16 ? 117 LYS A CG  1 
ATOM   264  C  CD  . LYS A 1 35  ? -14.437 -3.846  10.088  1.00 36.21 ? 117 LYS A CD  1 
ATOM   265  C  CE  . LYS A 1 35  ? -15.895 -3.855  9.596   1.00 41.33 ? 117 LYS A CE  1 
ATOM   266  N  NZ  . LYS A 1 35  ? -16.748 -4.899  10.266  1.00 47.70 ? 117 LYS A NZ  1 
ATOM   267  N  N   . LEU A 1 36  ? -9.243  -2.146  9.465   1.00 33.63 ? 118 LEU A N   1 
ATOM   268  C  CA  . LEU A 1 36  ? -7.890  -2.204  10.004  1.00 33.78 ? 118 LEU A CA  1 
ATOM   269  C  C   . LEU A 1 36  ? -7.166  -0.868  9.854   1.00 31.53 ? 118 LEU A C   1 
ATOM   270  O  O   . LEU A 1 36  ? -6.602  -0.364  10.810  1.00 33.50 ? 118 LEU A O   1 
ATOM   271  C  CB  . LEU A 1 36  ? -7.089  -3.307  9.308   1.00 30.36 ? 118 LEU A CB  1 
ATOM   272  C  CG  . LEU A 1 36  ? -5.639  -3.494  9.699   1.00 32.05 ? 118 LEU A CG  1 
ATOM   273  C  CD1 . LEU A 1 36  ? -5.536  -4.054  11.105  1.00 34.16 ? 118 LEU A CD1 1 
ATOM   274  C  CD2 . LEU A 1 36  ? -4.990  -4.439  8.674   1.00 31.64 ? 118 LEU A CD2 1 
ATOM   275  N  N   . LEU A 1 37  ? -7.193  -0.296  8.664   1.00 32.31 ? 119 LEU A N   1 
ATOM   276  C  CA  . LEU A 1 37  ? -6.480  0.939   8.434   1.00 31.71 ? 119 LEU A CA  1 
ATOM   277  C  C   . LEU A 1 37  ? -7.144  2.187   9.038   1.00 32.25 ? 119 LEU A C   1 
ATOM   278  O  O   . LEU A 1 37  ? -6.435  3.114   9.423   1.00 28.85 ? 119 LEU A O   1 
ATOM   279  C  CB  . LEU A 1 37  ? -6.215  1.081   6.933   1.00 31.55 ? 119 LEU A CB  1 
ATOM   280  C  CG  . LEU A 1 37  ? -5.462  -0.162  6.403   1.00 30.13 ? 119 LEU A CG  1 
ATOM   281  C  CD1 . LEU A 1 37  ? -5.403  -0.098  4.889   1.00 29.31 ? 119 LEU A CD1 1 
ATOM   282  C  CD2 . LEU A 1 37  ? -4.031  -0.248  7.031   1.00 29.61 ? 119 LEU A CD2 1 
ATOM   283  N  N   . SER A 1 38  ? -8.483  2.226   9.125   1.00 31.47 ? 120 SER A N   1 
ATOM   284  C  CA  . SER A 1 38  ? -9.145  3.401   9.754   1.00 32.19 ? 120 SER A CA  1 
ATOM   285  C  C   . SER A 1 38  ? -8.773  3.370   11.262  1.00 32.36 ? 120 SER A C   1 
ATOM   286  O  O   . SER A 1 38  ? -8.557  4.402   11.911  1.00 31.20 ? 120 SER A O   1 
ATOM   287  C  CB  . SER A 1 38  ? -10.676 3.344   9.567   1.00 31.31 ? 120 SER A CB  1 
ATOM   288  O  OG  . SER A 1 38  ? -11.237 2.231   10.239  1.00 32.40 ? 120 SER A OG  1 
ATOM   289  N  N   . ASP A 1 39  ? -8.641  2.166   11.799  1.00 32.60 ? 121 ASP A N   1 
ATOM   290  C  CA  . ASP A 1 39  ? -8.266  2.021   13.178  1.00 30.19 ? 121 ASP A CA  1 
ATOM   291  C  C   . ASP A 1 39  ? -6.809  2.454   13.352  1.00 33.98 ? 121 ASP A C   1 
ATOM   292  O  O   . ASP A 1 39  ? -6.463  3.115   14.345  1.00 31.91 ? 121 ASP A O   1 
ATOM   293  C  CB  . ASP A 1 39  ? -8.435  0.577   13.626  1.00 31.49 ? 121 ASP A CB  1 
ATOM   294  C  CG  . ASP A 1 39  ? -7.990  0.361   15.066  1.00 32.75 ? 121 ASP A CG  1 
ATOM   295  O  OD1 . ASP A 1 39  ? -8.467  1.081   15.973  1.00 33.68 ? 121 ASP A OD1 1 
ATOM   296  O  OD2 . ASP A 1 39  ? -7.165  -0.539  15.295  1.00 35.85 ? 121 ASP A OD2 1 
ATOM   297  N  N   . LEU A 1 40  ? -5.944  2.098   12.400  1.00 32.43 ? 122 LEU A N   1 
ATOM   298  C  CA  . LEU A 1 40  ? -4.537  2.494   12.519  1.00 32.88 ? 122 LEU A CA  1 
ATOM   299  C  C   . LEU A 1 40  ? -4.464  4.021   12.533  1.00 33.43 ? 122 LEU A C   1 
ATOM   300  O  O   . LEU A 1 40  ? -3.756  4.605   13.357  1.00 33.90 ? 122 LEU A O   1 
ATOM   301  C  CB  . LEU A 1 40  ? -3.695  1.966   11.351  1.00 30.49 ? 122 LEU A CB  1 
ATOM   302  C  CG  . LEU A 1 40  ? -2.250  2.510   11.210  1.00 32.03 ? 122 LEU A CG  1 
ATOM   303  C  CD1 . LEU A 1 40  ? -1.348  2.106   12.409  1.00 30.44 ? 122 LEU A CD1 1 
ATOM   304  C  CD2 . LEU A 1 40  ? -1.656  1.942   9.907   1.00 29.40 ? 122 LEU A CD2 1 
ATOM   305  N  N   . GLU A 1 41  ? -5.201  4.660   11.633  1.00 31.87 ? 123 GLU A N   1 
ATOM   306  C  CA  . GLU A 1 41  ? -5.185  6.100   11.557  1.00 33.06 ? 123 GLU A CA  1 
ATOM   307  C  C   . GLU A 1 41  ? -5.737  6.758   12.832  1.00 34.50 ? 123 GLU A C   1 
ATOM   308  O  O   . GLU A 1 41  ? -5.206  7.753   13.310  1.00 35.29 ? 123 GLU A O   1 
ATOM   309  C  CB  . GLU A 1 41  ? -5.960  6.565   10.330  1.00 32.45 ? 123 GLU A CB  1 
ATOM   310  C  CG  . GLU A 1 41  ? -5.965  8.106   10.157  1.00 36.45 ? 123 GLU A CG  1 
ATOM   311  C  CD  . GLU A 1 41  ? -6.416  8.591   8.758   1.00 39.51 ? 123 GLU A CD  1 
ATOM   312  O  OE1 . GLU A 1 41  ? -7.257  7.927   8.126   1.00 41.27 ? 123 GLU A OE1 1 
ATOM   313  O  OE2 . GLU A 1 41  ? -5.960  9.668   8.305   1.00 40.80 ? 123 GLU A OE2 1 
ATOM   314  N  N   . TYR A 1 42  ? -6.799  6.194   13.392  1.00 36.76 ? 124 TYR A N   1 
ATOM   315  C  CA  . TYR A 1 42  ? -7.420  6.735   14.615  1.00 35.55 ? 124 TYR A CA  1 
ATOM   316  C  C   . TYR A 1 42  ? -6.435  6.693   15.762  1.00 35.61 ? 124 TYR A C   1 
ATOM   317  O  O   . TYR A 1 42  ? -6.274  7.670   16.478  1.00 39.70 ? 124 TYR A O   1 
ATOM   318  C  CB  . TYR A 1 42  ? -8.665  5.905   14.969  1.00 31.55 ? 124 TYR A CB  1 
ATOM   319  C  CG  . TYR A 1 42  ? -9.239  6.193   16.341  1.00 30.98 ? 124 TYR A CG  1 
ATOM   320  C  CD1 . TYR A 1 42  ? -10.193 7.188   16.523  1.00 29.86 ? 124 TYR A CD1 1 
ATOM   321  C  CD2 . TYR A 1 42  ? -8.806  5.480   17.451  1.00 28.12 ? 124 TYR A CD2 1 
ATOM   322  C  CE1 . TYR A 1 42  ? -10.703 7.463   17.800  1.00 28.93 ? 124 TYR A CE1 1 
ATOM   323  C  CE2 . TYR A 1 42  ? -9.307  5.745   18.720  1.00 29.00 ? 124 TYR A CE2 1 
ATOM   324  C  CZ  . TYR A 1 42  ? -10.260 6.742   18.875  1.00 27.66 ? 124 TYR A CZ  1 
ATOM   325  O  OH  . TYR A 1 42  ? -10.774 7.013   20.102  1.00 28.86 ? 124 TYR A OH  1 
ATOM   326  N  N   . ARG A 1 43  ? -5.776  5.555   15.920  1.00 36.00 ? 125 ARG A N   1 
ATOM   327  C  CA  . ARG A 1 43  ? -4.814  5.330   17.002  1.00 36.79 ? 125 ARG A CA  1 
ATOM   328  C  C   . ARG A 1 43  ? -3.428  5.945   16.870  1.00 37.37 ? 125 ARG A C   1 
ATOM   329  O  O   . ARG A 1 43  ? -2.918  6.523   17.834  1.00 35.42 ? 125 ARG A O   1 
ATOM   330  C  CB  . ARG A 1 43  ? -4.591  3.834   17.227  1.00 35.65 ? 125 ARG A CB  1 
ATOM   331  C  CG  . ARG A 1 43  ? -5.798  3.034   17.677  1.00 37.78 ? 125 ARG A CG  1 
ATOM   332  C  CD  . ARG A 1 43  ? -5.362  1.562   17.975  1.00 36.65 ? 125 ARG A CD  1 
ATOM   333  N  NE  . ARG A 1 43  ? -4.892  0.896   16.762  1.00 35.43 ? 125 ARG A NE  1 
ATOM   334  C  CZ  . ARG A 1 43  ? -3.618  0.719   16.414  1.00 36.88 ? 125 ARG A CZ  1 
ATOM   335  N  NH1 . ARG A 1 43  ? -2.636  1.147   17.191  1.00 36.25 ? 125 ARG A NH1 1 
ATOM   336  N  NH2 . ARG A 1 43  ? -3.323  0.107   15.269  1.00 33.47 ? 125 ARG A NH2 1 
ATOM   337  N  N   . LYS A 1 44  ? -2.823  5.807   15.689  1.00 34.85 ? 126 LYS A N   1 
ATOM   338  C  CA  . LYS A 1 44  ? -1.455  6.275   15.446  1.00 34.69 ? 126 LYS A CA  1 
ATOM   339  C  C   . LYS A 1 44  ? -1.304  7.487   14.533  1.00 34.71 ? 126 LYS A C   1 
ATOM   340  O  O   . LYS A 1 44  ? -0.192  7.949   14.303  1.00 33.66 ? 126 LYS A O   1 
ATOM   341  C  CB  . LYS A 1 44  ? -0.624  5.123   14.863  1.00 33.95 ? 126 LYS A CB  1 
ATOM   342  C  CG  . LYS A 1 44  ? -0.735  3.811   15.647  1.00 37.48 ? 126 LYS A CG  1 
ATOM   343  C  CD  . LYS A 1 44  ? -0.238  3.961   17.089  1.00 41.33 ? 126 LYS A CD  1 
ATOM   344  C  CE  . LYS A 1 44  ? 1.282   4.022   17.182  1.00 41.02 ? 126 LYS A CE  1 
ATOM   345  N  NZ  . LYS A 1 44  ? 1.669   3.952   18.635  1.00 47.23 ? 126 LYS A NZ  1 
ATOM   346  N  N   . LYS A 1 45  ? -2.410  7.972   13.987  1.00 34.52 ? 127 LYS A N   1 
ATOM   347  C  CA  . LYS A 1 45  ? -2.386  9.128   13.119  1.00 34.28 ? 127 LYS A CA  1 
ATOM   348  C  C   . LYS A 1 45  ? -1.507  8.919   11.871  1.00 35.25 ? 127 LYS A C   1 
ATOM   349  O  O   . LYS A 1 45  ? -0.879  9.864   11.377  1.00 31.84 ? 127 LYS A O   1 
ATOM   350  C  CB  . LYS A 1 45  ? -1.943  10.362  13.923  1.00 35.98 ? 127 LYS A CB  1 
ATOM   351  C  CG  . LYS A 1 45  ? -2.995  10.759  15.000  1.00 38.30 ? 127 LYS A CG  1 
ATOM   352  C  CD  . LYS A 1 45  ? -2.453  11.741  16.047  1.00 39.82 ? 127 LYS A CD  1 
ATOM   353  C  CE  . LYS A 1 45  ? -3.602  12.465  16.791  1.00 40.74 ? 127 LYS A CE  1 
ATOM   354  N  NZ  . LYS A 1 45  ? -4.600  11.540  17.434  1.00 40.64 ? 127 LYS A NZ  1 
ATOM   355  N  N   . LEU A 1 46  ? -1.469  7.668   11.393  1.00 32.86 ? 128 LEU A N   1 
ATOM   356  C  CA  . LEU A 1 46  ? -0.738  7.296   10.173  1.00 30.96 ? 128 LEU A CA  1 
ATOM   357  C  C   . LEU A 1 46  ? -1.820  6.808   9.196   1.00 30.81 ? 128 LEU A C   1 
ATOM   358  O  O   . LEU A 1 46  ? -2.686  5.996   9.542   1.00 28.17 ? 128 LEU A O   1 
ATOM   359  C  CB  . LEU A 1 46  ? 0.274   6.184   10.465  1.00 28.91 ? 128 LEU A CB  1 
ATOM   360  C  CG  . LEU A 1 46  ? 1.410   6.702   11.369  1.00 28.38 ? 128 LEU A CG  1 
ATOM   361  C  CD1 . LEU A 1 46  ? 2.211   5.530   11.818  1.00 27.80 ? 128 LEU A CD1 1 
ATOM   362  C  CD2 . LEU A 1 46  ? 2.285   7.759   10.641  1.00 24.17 ? 128 LEU A CD2 1 
ATOM   363  N  N   . ARG A 1 47  ? -1.788  7.349   7.987   1.00 30.60 ? 129 ARG A N   1 
ATOM   364  C  CA  . ARG A 1 47  ? -2.765  6.996   6.977   1.00 32.04 ? 129 ARG A CA  1 
ATOM   365  C  C   . ARG A 1 47  ? -2.082  6.159   5.906   1.00 30.98 ? 129 ARG A C   1 
ATOM   366  O  O   . ARG A 1 47  ? -1.327  6.665   5.098   1.00 32.93 ? 129 ARG A O   1 
ATOM   367  C  CB  . ARG A 1 47  ? -3.372  8.262   6.368   1.00 33.17 ? 129 ARG A CB  1 
ATOM   368  C  CG  . ARG A 1 47  ? -4.151  7.988   5.082   1.00 39.87 ? 129 ARG A CG  1 
ATOM   369  C  CD  . ARG A 1 47  ? -5.522  8.576   5.160   1.00 43.41 ? 129 ARG A CD  1 
ATOM   370  N  NE  . ARG A 1 47  ? -6.457  7.834   4.317   1.00 50.64 ? 129 ARG A NE  1 
ATOM   371  C  CZ  . ARG A 1 47  ? -7.769  7.816   4.501   1.00 50.30 ? 129 ARG A CZ  1 
ATOM   372  N  NH1 . ARG A 1 47  ? -8.315  8.502   5.500   1.00 50.42 ? 129 ARG A NH1 1 
ATOM   373  N  NH2 . ARG A 1 47  ? -8.524  7.089   3.691   1.00 53.83 ? 129 ARG A NH2 1 
ATOM   374  N  N   . LEU A 1 48  ? -2.348  4.864   5.928   1.00 32.51 ? 130 LEU A N   1 
ATOM   375  C  CA  . LEU A 1 48  ? -1.755  3.915   4.994   1.00 29.34 ? 130 LEU A CA  1 
ATOM   376  C  C   . LEU A 1 48  ? -2.743  3.555   3.889   1.00 28.46 ? 130 LEU A C   1 
ATOM   377  O  O   . LEU A 1 48  ? -3.876  3.111   4.176   1.00 29.49 ? 130 LEU A O   1 
ATOM   378  C  CB  . LEU A 1 48  ? -1.354  2.671   5.786   1.00 28.34 ? 130 LEU A CB  1 
ATOM   379  C  CG  . LEU A 1 48  ? -0.854  1.414   5.050   1.00 30.65 ? 130 LEU A CG  1 
ATOM   380  C  CD1 . LEU A 1 48  ? 0.377   1.752   4.189   1.00 29.83 ? 130 LEU A CD1 1 
ATOM   381  C  CD2 . LEU A 1 48  ? -0.514  0.344   6.096   1.00 27.05 ? 130 LEU A CD2 1 
ATOM   382  N  N   . ASN A 1 49  ? -2.363  3.810   2.639   1.00 27.90 ? 131 ASN A N   1 
ATOM   383  C  CA  . ASN A 1 49  ? -3.215  3.456   1.499   1.00 28.56 ? 131 ASN A CA  1 
ATOM   384  C  C   . ASN A 1 49  ? -2.590  2.320   0.664   1.00 28.38 ? 131 ASN A C   1 
ATOM   385  O  O   . ASN A 1 49  ? -1.371  2.250   0.515   1.00 28.90 ? 131 ASN A O   1 
ATOM   386  C  CB  . ASN A 1 49  ? -3.435  4.640   0.556   1.00 31.83 ? 131 ASN A CB  1 
ATOM   387  C  CG  . ASN A 1 49  ? -4.456  5.629   1.082   1.00 34.93 ? 131 ASN A CG  1 
ATOM   388  O  OD1 . ASN A 1 49  ? -5.574  5.260   1.414   1.00 42.83 ? 131 ASN A OD1 1 
ATOM   389  N  ND2 . ASN A 1 49  ? -4.070  6.886   1.159   1.00 34.96 ? 131 ASN A ND2 1 
ATOM   390  N  N   . PHE A 1 50  ? -3.438  1.453   0.124   1.00 26.88 ? 132 PHE A N   1 
ATOM   391  C  CA  . PHE A 1 50  ? -3.002  0.357   -0.743  1.00 28.47 ? 132 PHE A CA  1 
ATOM   392  C  C   . PHE A 1 50  ? -3.511  0.641   -2.156  1.00 28.67 ? 132 PHE A C   1 
ATOM   393  O  O   . PHE A 1 50  ? -4.639  1.118   -2.326  1.00 29.92 ? 132 PHE A O   1 
ATOM   394  C  CB  . PHE A 1 50  ? -3.583  -0.977  -0.255  1.00 27.21 ? 132 PHE A CB  1 
ATOM   395  C  CG  . PHE A 1 50  ? -2.763  -1.623  0.798   1.00 29.20 ? 132 PHE A CG  1 
ATOM   396  C  CD1 . PHE A 1 50  ? -1.839  -2.624  0.469   1.00 28.74 ? 132 PHE A CD1 1 
ATOM   397  C  CD2 . PHE A 1 50  ? -2.848  -1.205  2.119   1.00 27.30 ? 132 PHE A CD2 1 
ATOM   398  C  CE1 . PHE A 1 50  ? -1.012  -3.195  1.456   1.00 26.86 ? 132 PHE A CE1 1 
ATOM   399  C  CE2 . PHE A 1 50  ? -2.024  -1.777  3.094   1.00 24.80 ? 132 PHE A CE2 1 
ATOM   400  C  CZ  . PHE A 1 50  ? -1.109  -2.769  2.766   1.00 26.00 ? 132 PHE A CZ  1 
ATOM   401  N  N   . ILE A 1 51  ? -2.686  0.373   -3.161  1.00 27.81 ? 133 ILE A N   1 
ATOM   402  C  CA  . ILE A 1 51  ? -3.086  0.576   -4.556  1.00 27.96 ? 133 ILE A CA  1 
ATOM   403  C  C   . ILE A 1 51  ? -2.793  -0.656  -5.380  1.00 28.81 ? 133 ILE A C   1 
ATOM   404  O  O   . ILE A 1 51  ? -1.647  -1.145  -5.373  1.00 28.11 ? 133 ILE A O   1 
ATOM   405  C  CB  . ILE A 1 51  ? -2.288  1.724   -5.216  1.00 29.96 ? 133 ILE A CB  1 
ATOM   406  C  CG1 . ILE A 1 51  ? -2.579  3.036   -4.459  1.00 29.41 ? 133 ILE A CG1 1 
ATOM   407  C  CG2 . ILE A 1 51  ? -2.565  1.768   -6.743  1.00 26.32 ? 133 ILE A CG2 1 
ATOM   408  C  CD1 . ILE A 1 51  ? -1.888  4.272   -5.028  1.00 33.26 ? 133 ILE A CD1 1 
ATOM   409  N  N   . THR A 1 52  ? -3.801  -1.181  -6.077  1.00 27.12 ? 134 THR A N   1 
ATOM   410  C  CA  . THR A 1 52  ? -3.527  -2.289  -6.994  1.00 28.45 ? 134 THR A CA  1 
ATOM   411  C  C   . THR A 1 52  ? -3.670  -1.743  -8.437  1.00 28.68 ? 134 THR A C   1 
ATOM   412  O  O   . THR A 1 52  ? -4.542  -0.916  -8.727  1.00 25.35 ? 134 THR A O   1 
ATOM   413  C  CB  . THR A 1 52  ? -4.517  -3.481  -6.877  1.00 28.31 ? 134 THR A CB  1 
ATOM   414  O  OG1 . THR A 1 52  ? -5.810  -3.069  -7.322  1.00 28.84 ? 134 THR A OG1 1 
ATOM   415  C  CG2 . THR A 1 52  ? -4.585  -4.001  -5.487  1.00 28.64 ? 134 THR A CG2 1 
ATOM   416  N  N   . VAL A 1 53  ? -2.805  -2.206  -9.330  1.00 30.00 ? 135 VAL A N   1 
ATOM   417  C  CA  . VAL A 1 53  ? -2.843  -1.790  -10.734 1.00 31.85 ? 135 VAL A CA  1 
ATOM   418  C  C   . VAL A 1 53  ? -2.318  -2.978  -11.559 1.00 31.44 ? 135 VAL A C   1 
ATOM   419  O  O   . VAL A 1 53  ? -1.329  -3.635  -11.182 1.00 29.01 ? 135 VAL A O   1 
ATOM   420  C  CB  . VAL A 1 53  ? -2.007  -0.494  -10.963 1.00 32.53 ? 135 VAL A CB  1 
ATOM   421  C  CG1 . VAL A 1 53  ? -0.559  -0.722  -10.571 1.00 31.68 ? 135 VAL A CG1 1 
ATOM   422  C  CG2 . VAL A 1 53  ? -2.135  -0.034  -12.401 1.00 30.97 ? 135 VAL A CG2 1 
ATOM   423  N  N   . ARG A 1 54  ? -2.997  -3.286  -12.659 1.00 33.73 ? 136 ARG A N   1 
ATOM   424  C  CA  . ARG A 1 54  ? -2.599  -4.455  -13.445 1.00 36.82 ? 136 ARG A CA  1 
ATOM   425  C  C   . ARG A 1 54  ? -1.252  -4.291  -14.119 1.00 37.27 ? 136 ARG A C   1 
ATOM   426  O  O   . ARG A 1 54  ? -0.386  -5.155  -14.007 1.00 36.06 ? 136 ARG A O   1 
ATOM   427  C  CB  . ARG A 1 54  ? -3.670  -4.833  -14.492 1.00 38.61 ? 136 ARG A CB  1 
ATOM   428  C  CG  . ARG A 1 54  ? -3.425  -6.242  -15.101 1.00 45.49 ? 136 ARG A CG  1 
ATOM   429  C  CD  . ARG A 1 54  ? -4.485  -6.701  -16.121 1.00 48.33 ? 136 ARG A CD  1 
ATOM   430  N  NE  . ARG A 1 54  ? -4.576  -5.733  -17.209 1.00 55.70 ? 136 ARG A NE  1 
ATOM   431  C  CZ  . ARG A 1 54  ? -3.711  -5.640  -18.222 1.00 57.87 ? 136 ARG A CZ  1 
ATOM   432  N  NH1 . ARG A 1 54  ? -2.676  -6.478  -18.320 1.00 57.51 ? 136 ARG A NH1 1 
ATOM   433  N  NH2 . ARG A 1 54  ? -3.854  -4.663  -19.111 1.00 59.54 ? 136 ARG A NH2 1 
ATOM   434  N  N   . LYS A 1 55  ? -1.064  -3.163  -14.780 1.00 39.10 ? 137 LYS A N   1 
ATOM   435  C  CA  . LYS A 1 55  ? 0.178   -2.909  -15.494 1.00 45.12 ? 137 LYS A CA  1 
ATOM   436  C  C   . LYS A 1 55  ? 0.456   -1.386  -15.620 1.00 45.61 ? 137 LYS A C   1 
ATOM   437  O  O   . LYS A 1 55  ? -0.475  -0.604  -15.729 1.00 47.31 ? 137 LYS A O   1 
ATOM   438  C  CB  . LYS A 1 55  ? 0.055   -3.550  -16.884 1.00 46.72 ? 137 LYS A CB  1 
ATOM   439  C  CG  . LYS A 1 55  ? 1.308   -3.471  -17.712 1.00 51.17 ? 137 LYS A CG  1 
ATOM   440  C  CD  . LYS A 1 55  ? 1.073   -3.919  -19.148 1.00 55.66 ? 137 LYS A CD  1 
ATOM   441  C  CE  . LYS A 1 55  ? 0.812   -5.420  -19.240 1.00 60.14 ? 137 LYS A CE  1 
ATOM   442  N  NZ  . LYS A 1 55  ? 0.850   -5.927  -20.661 1.00 61.14 ? 137 LYS A NZ  1 
ATOM   443  N  N   . LEU A 1 56  ? 1.715   -0.965  -15.598 1.00 48.37 ? 138 LEU A N   1 
ATOM   444  C  CA  . LEU A 1 56  ? 2.014   0.465   -15.757 1.00 53.01 ? 138 LEU A CA  1 
ATOM   445  C  C   . LEU A 1 56  ? 2.319   0.813   -17.231 1.00 58.28 ? 138 LEU A C   1 
ATOM   446  O  O   . LEU A 1 56  ? 3.247   0.255   -17.834 1.00 58.63 ? 138 LEU A O   1 
ATOM   447  C  CB  . LEU A 1 56  ? 3.204   0.869   -14.866 1.00 51.12 ? 138 LEU A CB  1 
ATOM   448  C  CG  . LEU A 1 56  ? 2.997   0.779   -13.346 1.00 48.53 ? 138 LEU A CG  1 
ATOM   449  C  CD1 . LEU A 1 56  ? 4.198   1.326   -12.613 1.00 48.13 ? 138 LEU A CD1 1 
ATOM   450  C  CD2 . LEU A 1 56  ? 1.758   1.543   -12.972 1.00 45.91 ? 138 LEU A CD2 1 
ATOM   451  N  N   . THR A 1 57  ? 1.529   1.724   -17.808 1.00 62.15 ? 139 THR A N   1 
ATOM   452  C  CA  . THR A 1 57  ? 1.715   2.143   -19.196 1.00 65.73 ? 139 THR A CA  1 
ATOM   453  C  C   . THR A 1 57  ? 3.144   2.642   -19.391 1.00 66.75 ? 139 THR A C   1 
ATOM   454  O  O   . THR A 1 57  ? 3.801   2.294   -20.364 1.00 67.99 ? 139 THR A O   1 
ATOM   455  C  CB  . THR A 1 57  ? 0.721   3.275   -19.588 1.00 67.45 ? 139 THR A CB  1 
ATOM   456  O  OG1 . THR A 1 57  ? 0.741   3.463   -21.009 1.00 69.56 ? 139 THR A OG1 1 
ATOM   457  C  CG2 . THR A 1 57  ? 1.104   4.592   -18.929 1.00 68.56 ? 139 THR A CG2 1 
ATOM   458  N  N   . SER A 1 58  ? 3.628   3.456   -18.459 1.00 67.58 ? 140 SER A N   1 
ATOM   459  C  CA  . SER A 1 58  ? 4.990   3.963   -18.552 1.00 68.03 ? 140 SER A CA  1 
ATOM   460  C  C   . SER A 1 58  ? 5.951   2.813   -18.253 1.00 68.62 ? 140 SER A C   1 
ATOM   461  O  O   . SER A 1 58  ? 5.525   1.691   -17.980 1.00 68.77 ? 140 SER A O   1 
ATOM   462  C  CB  . SER A 1 58  ? 5.205   5.117   -17.561 1.00 67.76 ? 140 SER A CB  1 
ATOM   463  O  OG  . SER A 1 58  ? 5.223   4.670   -16.216 1.00 67.96 ? 140 SER A OG  1 
ATOM   464  N  N   . LYS A 1 59  ? 7.246   3.084   -18.314 1.00 69.33 ? 141 LYS A N   1 
ATOM   465  C  CA  . LYS A 1 59  ? 8.225   2.042   -18.050 1.00 70.39 ? 141 LYS A CA  1 
ATOM   466  C  C   . LYS A 1 59  ? 8.687   2.081   -16.591 1.00 69.43 ? 141 LYS A C   1 
ATOM   467  O  O   . LYS A 1 59  ? 9.436   1.210   -16.146 1.00 70.47 ? 141 LYS A O   1 
ATOM   468  C  CB  . LYS A 1 59  ? 9.410   2.198   -19.012 1.00 72.38 ? 141 LYS A CB  1 
ATOM   469  C  CG  . LYS A 1 59  ? 9.002   2.010   -20.474 1.00 75.10 ? 141 LYS A CG  1 
ATOM   470  C  CD  . LYS A 1 59  ? 9.884   2.789   -21.446 1.00 77.18 ? 141 LYS A CD  1 
ATOM   471  C  CE  . LYS A 1 59  ? 9.276   2.775   -22.852 1.00 78.59 ? 141 LYS A CE  1 
ATOM   472  N  NZ  . LYS A 1 59  ? 10.019  3.634   -23.830 1.00 79.53 ? 141 LYS A NZ  1 
ATOM   473  N  N   . ALA A 1 60  ? 8.224   3.084   -15.848 1.00 67.17 ? 142 ALA A N   1 
ATOM   474  C  CA  . ALA A 1 60  ? 8.589   3.227   -14.440 1.00 64.28 ? 142 ALA A CA  1 
ATOM   475  C  C   . ALA A 1 60  ? 8.217   1.957   -13.686 1.00 61.10 ? 142 ALA A C   1 
ATOM   476  O  O   . ALA A 1 60  ? 7.254   1.282   -14.048 1.00 61.38 ? 142 ALA A O   1 
ATOM   477  C  CB  . ALA A 1 60  ? 7.867   4.430   -13.830 1.00 64.78 ? 142 ALA A CB  1 
ATOM   478  N  N   . ASP A 1 61  ? 8.991   1.619   -12.656 1.00 57.45 ? 143 ASP A N   1 
ATOM   479  C  CA  . ASP A 1 61  ? 8.693   0.434   -11.858 1.00 52.03 ? 143 ASP A CA  1 
ATOM   480  C  C   . ASP A 1 61  ? 7.762   0.781   -10.698 1.00 47.50 ? 143 ASP A C   1 
ATOM   481  O  O   . ASP A 1 61  ? 7.313   1.916   -10.558 1.00 45.00 ? 143 ASP A O   1 
ATOM   482  C  CB  . ASP A 1 61  ? 9.970   -0.213  -11.318 1.00 54.43 ? 143 ASP A CB  1 
ATOM   483  C  CG  . ASP A 1 61  ? 10.809  0.743   -10.498 1.00 56.62 ? 143 ASP A CG  1 
ATOM   484  O  OD1 . ASP A 1 61  ? 10.250  1.494   -9.656  1.00 56.57 ? 143 ASP A OD1 1 
ATOM   485  O  OD2 . ASP A 1 61  ? 12.043  0.729   -10.683 1.00 58.23 ? 143 ASP A OD2 1 
ATOM   486  N  N   . ALA A 1 62  ? 7.487   -0.213  -9.870  1.00 43.48 ? 144 ALA A N   1 
ATOM   487  C  CA  . ALA A 1 62  ? 6.585   -0.034  -8.758  1.00 42.14 ? 144 ALA A CA  1 
ATOM   488  C  C   . ALA A 1 62  ? 7.016   1.055   -7.781  1.00 40.52 ? 144 ALA A C   1 
ATOM   489  O  O   . ALA A 1 62  ? 6.198   1.897   -7.425  1.00 38.44 ? 144 ALA A O   1 
ATOM   490  C  CB  . ALA A 1 62  ? 6.370   -1.373  -8.011  1.00 40.53 ? 144 ALA A CB  1 
ATOM   491  N  N   . PHE A 1 63  ? 8.284   1.053   -7.367  1.00 39.15 ? 145 PHE A N   1 
ATOM   492  C  CA  . PHE A 1 63  ? 8.724   2.039   -6.408  1.00 39.81 ? 145 PHE A CA  1 
ATOM   493  C  C   . PHE A 1 63  ? 8.655   3.422   -7.018  1.00 39.48 ? 145 PHE A C   1 
ATOM   494  O  O   . PHE A 1 63  ? 8.192   4.370   -6.377  1.00 39.63 ? 145 PHE A O   1 
ATOM   495  C  CB  . PHE A 1 63  ? 10.133  1.748   -5.884  1.00 41.54 ? 145 PHE A CB  1 
ATOM   496  C  CG  . PHE A 1 63  ? 10.574  2.737   -4.839  1.00 43.33 ? 145 PHE A CG  1 
ATOM   497  C  CD1 . PHE A 1 63  ? 10.127  2.624   -3.527  1.00 44.94 ? 145 PHE A CD1 1 
ATOM   498  C  CD2 . PHE A 1 63  ? 11.331  3.855   -5.194  1.00 45.89 ? 145 PHE A CD2 1 
ATOM   499  C  CE1 . PHE A 1 63  ? 10.412  3.618   -2.570  1.00 44.88 ? 145 PHE A CE1 1 
ATOM   500  C  CE2 . PHE A 1 63  ? 11.629  4.862   -4.253  1.00 46.50 ? 145 PHE A CE2 1 
ATOM   501  C  CZ  . PHE A 1 63  ? 11.165  4.740   -2.943  1.00 45.43 ? 145 PHE A CZ  1 
ATOM   502  N  N   . GLU A 1 64  ? 9.086   3.539   -8.267  1.00 38.50 ? 146 GLU A N   1 
ATOM   503  C  CA  . GLU A 1 64  ? 9.027   4.816   -8.954  1.00 37.71 ? 146 GLU A CA  1 
ATOM   504  C  C   . GLU A 1 64  ? 7.587   5.333   -9.020  1.00 36.58 ? 146 GLU A C   1 
ATOM   505  O  O   . GLU A 1 64  ? 7.333   6.520   -8.821  1.00 33.60 ? 146 GLU A O   1 
ATOM   506  C  CB  . GLU A 1 64  ? 9.582   4.682   -10.370 1.00 40.38 ? 146 GLU A CB  1 
ATOM   507  C  CG  . GLU A 1 64  ? 11.087  4.494   -10.375 1.00 46.72 ? 146 GLU A CG  1 
ATOM   508  C  CD  . GLU A 1 64  ? 11.697  4.518   -11.773 1.00 50.80 ? 146 GLU A CD  1 
ATOM   509  O  OE1 . GLU A 1 64  ? 12.949  4.642   -11.858 1.00 51.36 ? 146 GLU A OE1 1 
ATOM   510  O  OE2 . GLU A 1 64  ? 10.933  4.403   -12.767 1.00 51.50 ? 146 GLU A OE2 1 
ATOM   511  N  N   . TYR A 1 65  ? 6.646   4.442   -9.311  1.00 33.97 ? 147 TYR A N   1 
ATOM   512  C  CA  . TYR A 1 65  ? 5.267   4.882   -9.393  1.00 32.80 ? 147 TYR A CA  1 
ATOM   513  C  C   . TYR A 1 65  ? 4.701   5.226   -8.000  1.00 32.03 ? 147 TYR A C   1 
ATOM   514  O  O   . TYR A 1 65  ? 3.927   6.164   -7.863  1.00 31.11 ? 147 TYR A O   1 
ATOM   515  C  CB  . TYR A 1 65  ? 4.416   3.810   -10.031 1.00 30.56 ? 147 TYR A CB  1 
ATOM   516  C  CG  . TYR A 1 65  ? 2.987   4.259   -10.239 1.00 30.43 ? 147 TYR A CG  1 
ATOM   517  C  CD1 . TYR A 1 65  ? 2.694   5.286   -11.139 1.00 31.17 ? 147 TYR A CD1 1 
ATOM   518  C  CD2 . TYR A 1 65  ? 1.933   3.647   -9.560  1.00 29.27 ? 147 TYR A CD2 1 
ATOM   519  C  CE1 . TYR A 1 65  ? 1.388   5.693   -11.362 1.00 31.50 ? 147 TYR A CE1 1 
ATOM   520  C  CE2 . TYR A 1 65  ? 0.594   4.044   -9.780  1.00 29.54 ? 147 TYR A CE2 1 
ATOM   521  C  CZ  . TYR A 1 65  ? 0.349   5.070   -10.688 1.00 28.51 ? 147 TYR A CZ  1 
ATOM   522  O  OH  . TYR A 1 65  ? -0.917  5.458   -10.962 1.00 30.36 ? 147 TYR A OH  1 
ATOM   523  N  N   . ALA A 1 66  ? 5.086   4.452   -6.983  1.00 32.07 ? 148 ALA A N   1 
ATOM   524  C  CA  . ALA A 1 66  ? 4.617   4.682   -5.625  1.00 33.70 ? 148 ALA A CA  1 
ATOM   525  C  C   . ALA A 1 66  ? 5.032   6.105   -5.210  1.00 34.06 ? 148 ALA A C   1 
ATOM   526  O  O   . ALA A 1 66  ? 4.229   6.895   -4.633  1.00 30.68 ? 148 ALA A O   1 
ATOM   527  C  CB  . ALA A 1 66  ? 5.229   3.629   -4.672  1.00 34.07 ? 148 ALA A CB  1 
ATOM   528  N  N   . ASP A 1 67  ? 6.284   6.430   -5.524  1.00 33.42 ? 149 ASP A N   1 
ATOM   529  C  CA  . ASP A 1 67  ? 6.838   7.748   -5.204  1.00 34.48 ? 149 ASP A CA  1 
ATOM   530  C  C   . ASP A 1 67  ? 6.087   8.815   -5.968  1.00 35.15 ? 149 ASP A C   1 
ATOM   531  O  O   . ASP A 1 67  ? 5.813   9.900   -5.446  1.00 37.57 ? 149 ASP A O   1 
ATOM   532  C  CB  . ASP A 1 67  ? 8.334   7.823   -5.556  1.00 35.80 ? 149 ASP A CB  1 
ATOM   533  C  CG  . ASP A 1 67  ? 8.891   9.241   -5.415  1.00 35.54 ? 149 ASP A CG  1 
ATOM   534  O  OD1 . ASP A 1 67  ? 9.133   9.672   -4.282  1.00 36.50 ? 149 ASP A OD1 1 
ATOM   535  O  OD2 . ASP A 1 67  ? 9.044   9.947   -6.434  1.00 38.94 ? 149 ASP A OD2 1 
ATOM   536  N  N   . GLN A 1 68  ? 5.739   8.518   -7.211  1.00 35.11 ? 150 GLN A N   1 
ATOM   537  C  CA  . GLN A 1 68  ? 5.007   9.485   -8.021  1.00 34.59 ? 150 GLN A CA  1 
ATOM   538  C  C   . GLN A 1 68  ? 3.605   9.729   -7.425  1.00 34.38 ? 150 GLN A C   1 
ATOM   539  O  O   . GLN A 1 68  ? 3.078   10.851  -7.473  1.00 33.38 ? 150 GLN A O   1 
ATOM   540  C  CB  . GLN A 1 68  ? 4.928   8.985   -9.467  1.00 38.90 ? 150 GLN A CB  1 
ATOM   541  C  CG  . GLN A 1 68  ? 3.947   9.763   -10.348 1.00 45.11 ? 150 GLN A CG  1 
ATOM   542  C  CD  . GLN A 1 68  ? 4.045   9.425   -11.859 1.00 46.27 ? 150 GLN A CD  1 
ATOM   543  O  OE1 . GLN A 1 68  ? 4.187   8.272   -12.235 1.00 46.02 ? 150 GLN A OE1 1 
ATOM   544  N  NE2 . GLN A 1 68  ? 3.953   10.452  -12.712 1.00 48.88 ? 150 GLN A NE2 1 
ATOM   545  N  N   . VAL A 1 69  ? 2.989   8.686   -6.865  1.00 32.05 ? 151 VAL A N   1 
ATOM   546  C  CA  . VAL A 1 69  ? 1.690   8.869   -6.259  1.00 30.23 ? 151 VAL A CA  1 
ATOM   547  C  C   . VAL A 1 69  ? 1.802   9.668   -4.941  1.00 31.29 ? 151 VAL A C   1 
ATOM   548  O  O   . VAL A 1 69  ? 0.982   10.559  -4.664  1.00 31.25 ? 151 VAL A O   1 
ATOM   549  C  CB  . VAL A 1 69  ? 0.979   7.499   -5.992  1.00 31.50 ? 151 VAL A CB  1 
ATOM   550  C  CG1 . VAL A 1 69  ? -0.306  7.735   -5.191  1.00 29.22 ? 151 VAL A CG1 1 
ATOM   551  C  CG2 . VAL A 1 69  ? 0.642   6.791   -7.349  1.00 29.42 ? 151 VAL A CG2 1 
ATOM   552  N  N   . LEU A 1 70  ? 2.805   9.350   -4.131  1.00 30.74 ? 152 LEU A N   1 
ATOM   553  C  CA  . LEU A 1 70  ? 3.008   10.048  -2.851  1.00 32.83 ? 152 LEU A CA  1 
ATOM   554  C  C   . LEU A 1 70  ? 3.135   11.547  -3.094  1.00 33.66 ? 152 LEU A C   1 
ATOM   555  O  O   . LEU A 1 70  ? 2.449   12.320  -2.450  1.00 35.23 ? 152 LEU A O   1 
ATOM   556  C  CB  . LEU A 1 70  ? 4.274   9.556   -2.138  1.00 29.86 ? 152 LEU A CB  1 
ATOM   557  C  CG  . LEU A 1 70  ? 4.635   10.187  -0.782  1.00 27.58 ? 152 LEU A CG  1 
ATOM   558  C  CD1 . LEU A 1 70  ? 3.628   9.788   0.293   1.00 28.80 ? 152 LEU A CD1 1 
ATOM   559  C  CD2 . LEU A 1 70  ? 6.022   9.719   -0.376  1.00 29.91 ? 152 LEU A CD2 1 
ATOM   560  N  N   . GLU A 1 71  ? 3.996   11.933  -4.037  1.00 33.48 ? 153 GLU A N   1 
ATOM   561  C  CA  . GLU A 1 71  ? 4.224   13.335  -4.377  1.00 34.80 ? 153 GLU A CA  1 
ATOM   562  C  C   . GLU A 1 71  ? 3.006   14.040  -5.007  1.00 34.42 ? 153 GLU A C   1 
ATOM   563  O  O   . GLU A 1 71  ? 2.785   15.231  -4.808  1.00 33.81 ? 153 GLU A O   1 
ATOM   564  C  CB  . GLU A 1 71  ? 5.434   13.457  -5.322  1.00 33.69 ? 153 GLU A CB  1 
ATOM   565  C  CG  . GLU A 1 71  ? 6.788   12.980  -4.759  1.00 37.79 ? 153 GLU A CG  1 
ATOM   566  C  CD  . GLU A 1 71  ? 7.395   13.935  -3.722  1.00 38.52 ? 153 GLU A CD  1 
ATOM   567  O  OE1 . GLU A 1 71  ? 6.844   15.049  -3.567  1.00 36.94 ? 153 GLU A OE1 1 
ATOM   568  O  OE2 . GLU A 1 71  ? 8.416   13.580  -3.068  1.00 37.41 ? 153 GLU A OE2 1 
ATOM   569  N  N   . LYS A 1 72  ? 2.227   13.311  -5.792  1.00 35.11 ? 154 LYS A N   1 
ATOM   570  C  CA  . LYS A 1 72  ? 1.036   13.897  -6.421  1.00 34.94 ? 154 LYS A CA  1 
ATOM   571  C  C   . LYS A 1 72  ? -0.138  14.013  -5.440  1.00 33.79 ? 154 LYS A C   1 
ATOM   572  O  O   . LYS A 1 72  ? -0.865  14.994  -5.437  1.00 33.27 ? 154 LYS A O   1 
ATOM   573  C  CB  . LYS A 1 72  ? 0.578   13.041  -7.603  1.00 37.94 ? 154 LYS A CB  1 
ATOM   574  C  CG  . LYS A 1 72  ? -0.721  13.499  -8.233  1.00 41.10 ? 154 LYS A CG  1 
ATOM   575  C  CD  . LYS A 1 72  ? -0.445  14.678  -9.116  1.00 45.43 ? 154 LYS A CD  1 
ATOM   576  C  CE  . LYS A 1 72  ? -1.539  14.881  -10.153 1.00 48.15 ? 154 LYS A CE  1 
ATOM   577  N  NZ  . LYS A 1 72  ? -2.551  15.889  -9.706  1.00 52.66 ? 154 LYS A NZ  1 
ATOM   578  N  N   . TRP A 1 73  ? -0.332  13.004  -4.615  1.00 32.11 ? 155 TRP A N   1 
ATOM   579  C  CA  . TRP A 1 73  ? -1.438  13.031  -3.673  1.00 32.85 ? 155 TRP A CA  1 
ATOM   580  C  C   . TRP A 1 73  ? -1.160  13.943  -2.476  1.00 34.78 ? 155 TRP A C   1 
ATOM   581  O  O   . TRP A 1 73  ? -2.051  14.625  -1.983  1.00 36.71 ? 155 TRP A O   1 
ATOM   582  C  CB  . TRP A 1 73  ? -1.708  11.622  -3.156  1.00 32.16 ? 155 TRP A CB  1 
ATOM   583  C  CG  . TRP A 1 73  ? -2.396  10.691  -4.122  1.00 31.22 ? 155 TRP A CG  1 
ATOM   584  C  CD1 . TRP A 1 73  ? -2.741  10.940  -5.423  1.00 31.18 ? 155 TRP A CD1 1 
ATOM   585  C  CD2 . TRP A 1 73  ? -2.845  9.362   -3.831  1.00 31.50 ? 155 TRP A CD2 1 
ATOM   586  N  NE1 . TRP A 1 73  ? -3.388  9.844   -5.955  1.00 31.66 ? 155 TRP A NE1 1 
ATOM   587  C  CE2 . TRP A 1 73  ? -3.468  8.860   -4.996  1.00 30.25 ? 155 TRP A CE2 1 
ATOM   588  C  CE3 . TRP A 1 73  ? -2.783  8.541   -2.683  1.00 31.10 ? 155 TRP A CE3 1 
ATOM   589  C  CZ2 . TRP A 1 73  ? -4.041  7.581   -5.066  1.00 27.91 ? 155 TRP A CZ2 1 
ATOM   590  C  CZ3 . TRP A 1 73  ? -3.351  7.257   -2.748  1.00 30.46 ? 155 TRP A CZ3 1 
ATOM   591  C  CH2 . TRP A 1 73  ? -3.982  6.798   -3.950  1.00 28.05 ? 155 TRP A CH2 1 
ATOM   592  N  N   . TYR A 1 74  ? 0.080   13.917  -2.001  1.00 33.13 ? 156 TYR A N   1 
ATOM   593  C  CA  . TYR A 1 74  ? 0.509   14.696  -0.835  1.00 32.37 ? 156 TYR A CA  1 
ATOM   594  C  C   . TYR A 1 74  ? 1.715   15.543  -1.230  1.00 31.63 ? 156 TYR A C   1 
ATOM   595  O  O   . TYR A 1 74  ? 2.846   15.234  -0.867  1.00 32.18 ? 156 TYR A O   1 
ATOM   596  C  CB  . TYR A 1 74  ? 0.890   13.717  0.260   1.00 29.92 ? 156 TYR A CB  1 
ATOM   597  C  CG  . TYR A 1 74  ? -0.211  12.732  0.541   1.00 32.03 ? 156 TYR A CG  1 
ATOM   598  C  CD1 . TYR A 1 74  ? -1.443  13.172  1.039   1.00 30.96 ? 156 TYR A CD1 1 
ATOM   599  C  CD2 . TYR A 1 74  ? -0.024  11.350  0.338   1.00 30.33 ? 156 TYR A CD2 1 
ATOM   600  C  CE1 . TYR A 1 74  ? -2.474  12.255  1.332   1.00 33.61 ? 156 TYR A CE1 1 
ATOM   601  C  CE2 . TYR A 1 74  ? -1.040  10.425  0.646   1.00 29.74 ? 156 TYR A CE2 1 
ATOM   602  C  CZ  . TYR A 1 74  ? -2.258  10.889  1.143   1.00 33.67 ? 156 TYR A CZ  1 
ATOM   603  O  OH  . TYR A 1 74  ? -3.243  9.999   1.514   1.00 34.82 ? 156 TYR A OH  1 
ATOM   604  N  N   . PRO A 1 75  ? 1.477   16.647  -1.937  1.00 32.53 ? 157 PRO A N   1 
ATOM   605  C  CA  . PRO A 1 75  ? 2.550   17.535  -2.407  1.00 33.58 ? 157 PRO A CA  1 
ATOM   606  C  C   . PRO A 1 75  ? 3.395   18.375  -1.457  1.00 34.17 ? 157 PRO A C   1 
ATOM   607  O  O   . PRO A 1 75  ? 4.108   19.263  -1.903  1.00 35.66 ? 157 PRO A O   1 
ATOM   608  C  CB  . PRO A 1 75  ? 1.844   18.372  -3.479  1.00 33.29 ? 157 PRO A CB  1 
ATOM   609  C  CG  . PRO A 1 75  ? 0.446   18.473  -2.959  1.00 33.89 ? 157 PRO A CG  1 
ATOM   610  C  CD  . PRO A 1 75  ? 0.144   17.129  -2.356  1.00 32.60 ? 157 PRO A CD  1 
ATOM   611  N  N   . SER A 1 76  ? 3.337   18.097  -0.164  1.00 35.16 ? 158 SER A N   1 
ATOM   612  C  CA  . SER A 1 76  ? 4.122   18.852  0.819   1.00 36.05 ? 158 SER A CA  1 
ATOM   613  C  C   . SER A 1 76  ? 4.366   17.909  1.967   1.00 34.33 ? 158 SER A C   1 
ATOM   614  O  O   . SER A 1 76  ? 3.565   16.985  2.175   1.00 34.58 ? 158 SER A O   1 
ATOM   615  C  CB  . SER A 1 76  ? 3.333   20.071  1.327   1.00 37.56 ? 158 SER A CB  1 
ATOM   616  O  OG  . SER A 1 76  ? 2.315   19.661  2.235   1.00 40.59 ? 158 SER A OG  1 
ATOM   617  N  N   . ILE A 1 77  ? 5.436   18.120  2.728   1.00 33.73 ? 159 ILE A N   1 
ATOM   618  C  CA  . ILE A 1 77  ? 5.710   17.218  3.851   1.00 33.41 ? 159 ILE A CA  1 
ATOM   619  C  C   . ILE A 1 77  ? 4.621   17.307  4.929   1.00 35.04 ? 159 ILE A C   1 
ATOM   620  O  O   . ILE A 1 77  ? 4.340   16.332  5.635   1.00 35.51 ? 159 ILE A O   1 
ATOM   621  C  CB  . ILE A 1 77  ? 7.101   17.459  4.488   1.00 33.08 ? 159 ILE A CB  1 
ATOM   622  C  CG1 . ILE A 1 77  ? 7.427   16.297  5.418   1.00 32.94 ? 159 ILE A CG1 1 
ATOM   623  C  CG2 . ILE A 1 77  ? 7.143   18.761  5.272   1.00 32.08 ? 159 ILE A CG2 1 
ATOM   624  C  CD1 . ILE A 1 77  ? 8.800   16.336  5.973   1.00 32.22 ? 159 ILE A CD1 1 
ATOM   625  N  N   . GLU A 1 78  ? 4.011   18.476  5.060   1.00 36.13 ? 160 GLU A N   1 
ATOM   626  C  CA  . GLU A 1 78  ? 2.941   18.626  6.027   1.00 40.50 ? 160 GLU A CA  1 
ATOM   627  C  C   . GLU A 1 78  ? 1.824   17.611  5.676   1.00 40.38 ? 160 GLU A C   1 
ATOM   628  O  O   . GLU A 1 78  ? 1.264   16.954  6.561   1.00 39.33 ? 160 GLU A O   1 
ATOM   629  C  CB  . GLU A 1 78  ? 2.407   20.056  5.985   1.00 45.27 ? 160 GLU A CB  1 
ATOM   630  C  CG  . GLU A 1 78  ? 1.293   20.327  6.959   1.00 54.66 ? 160 GLU A CG  1 
ATOM   631  C  CD  . GLU A 1 78  ? 1.063   21.820  7.156   1.00 59.62 ? 160 GLU A CD  1 
ATOM   632  O  OE1 . GLU A 1 78  ? 1.998   22.494  7.654   1.00 63.81 ? 160 GLU A OE1 1 
ATOM   633  O  OE2 . GLU A 1 78  ? -0.038  22.324  6.818   1.00 62.52 ? 160 GLU A OE2 1 
ATOM   634  N  N   . GLU A 1 79  ? 1.528   17.462  4.389   1.00 38.33 ? 161 GLU A N   1 
ATOM   635  C  CA  . GLU A 1 79  ? 0.491   16.522  3.964   1.00 37.95 ? 161 GLU A CA  1 
ATOM   636  C  C   . GLU A 1 79  ? 0.937   15.069  3.897   1.00 35.73 ? 161 GLU A C   1 
ATOM   637  O  O   . GLU A 1 79  ? 0.178   14.169  4.284   1.00 34.04 ? 161 GLU A O   1 
ATOM   638  C  CB  . GLU A 1 79  ? -0.036  16.894  2.591   1.00 40.35 ? 161 GLU A CB  1 
ATOM   639  C  CG  . GLU A 1 79  ? -0.831  18.167  2.546   1.00 42.10 ? 161 GLU A CG  1 
ATOM   640  C  CD  . GLU A 1 79  ? -0.832  18.739  1.164   1.00 45.99 ? 161 GLU A CD  1 
ATOM   641  O  OE1 . GLU A 1 79  ? 0.250   19.212  0.733   1.00 48.71 ? 161 GLU A OE1 1 
ATOM   642  O  OE2 . GLU A 1 79  ? -1.896  18.703  0.495   1.00 46.84 ? 161 GLU A OE2 1 
ATOM   643  N  N   . GLY A 1 80  ? 2.168   14.845  3.440   1.00 33.87 ? 162 GLY A N   1 
ATOM   644  C  CA  . GLY A 1 80  ? 2.673   13.494  3.288   1.00 31.86 ? 162 GLY A CA  1 
ATOM   645  C  C   . GLY A 1 80  ? 3.446   12.869  4.421   1.00 33.44 ? 162 GLY A C   1 
ATOM   646  O  O   . GLY A 1 80  ? 3.680   11.658  4.404   1.00 32.27 ? 162 GLY A O   1 
ATOM   647  N  N   . ASN A 1 81  ? 3.816   13.657  5.427   1.00 31.94 ? 163 ASN A N   1 
ATOM   648  C  CA  . ASN A 1 81  ? 4.631   13.140  6.526   1.00 31.25 ? 163 ASN A CA  1 
ATOM   649  C  C   . ASN A 1 81  ? 4.164   11.831  7.146   1.00 31.63 ? 163 ASN A C   1 
ATOM   650  O  O   . ASN A 1 81  ? 4.968   10.930  7.371   1.00 29.46 ? 163 ASN A O   1 
ATOM   651  C  CB  . ASN A 1 81  ? 4.764   14.203  7.632   1.00 31.89 ? 163 ASN A CB  1 
ATOM   652  C  CG  . ASN A 1 81  ? 5.844   13.854  8.643   1.00 34.03 ? 163 ASN A CG  1 
ATOM   653  O  OD1 . ASN A 1 81  ? 6.918   13.406  8.277   1.00 32.79 ? 163 ASN A OD1 1 
ATOM   654  N  ND2 . ASN A 1 81  ? 5.557   14.062  9.922   1.00 37.87 ? 163 ASN A ND2 1 
ATOM   655  N  N   . ASN A 1 82  ? 2.865   11.747  7.443   1.00 33.30 ? 164 ASN A N   1 
ATOM   656  C  CA  . ASN A 1 82  ? 2.255   10.561  8.060   1.00 34.96 ? 164 ASN A CA  1 
ATOM   657  C  C   . ASN A 1 82  ? 1.492   9.677   7.051   1.00 34.53 ? 164 ASN A C   1 
ATOM   658  O  O   . ASN A 1 82  ? 0.560   8.971   7.412   1.00 34.59 ? 164 ASN A O   1 
ATOM   659  C  CB  . ASN A 1 82  ? 1.265   11.022  9.140   1.00 36.76 ? 164 ASN A CB  1 
ATOM   660  C  CG  . ASN A 1 82  ? -0.028  11.590  8.540   1.00 42.29 ? 164 ASN A CG  1 
ATOM   661  O  OD1 . ASN A 1 82  ? -0.015  12.215  7.461   1.00 43.81 ? 164 ASN A OD1 1 
ATOM   662  N  ND2 . ASN A 1 82  ? -1.156  11.379  9.235   1.00 40.73 ? 164 ASN A ND2 1 
ATOM   663  N  N   . LYS A 1 83  ? 1.886   9.723   5.794   1.00 35.02 ? 165 LYS A N   1 
ATOM   664  C  CA  . LYS A 1 83  ? 1.204   8.951   4.760   1.00 34.98 ? 165 LYS A CA  1 
ATOM   665  C  C   . LYS A 1 83  ? 2.070   7.792   4.280   1.00 34.42 ? 165 LYS A C   1 
ATOM   666  O  O   . LYS A 1 83  ? 3.290   7.908   4.162   1.00 33.11 ? 165 LYS A O   1 
ATOM   667  C  CB  . LYS A 1 83  ? 0.872   9.847   3.559   1.00 33.39 ? 165 LYS A CB  1 
ATOM   668  C  CG  . LYS A 1 83  ? -0.003  11.062  3.889   1.00 35.70 ? 165 LYS A CG  1 
ATOM   669  C  CD  . LYS A 1 83  ? -1.299  10.657  4.600   1.00 34.84 ? 165 LYS A CD  1 
ATOM   670  C  CE  . LYS A 1 83  ? -2.254  11.867  4.826   1.00 35.15 ? 165 LYS A CE  1 
ATOM   671  N  NZ  . LYS A 1 83  ? -1.658  12.921  5.737   1.00 36.79 ? 165 LYS A NZ  1 
ATOM   672  N  N   . GLY A 1 84  ? 1.421   6.674   4.007   1.00 32.12 ? 166 GLY A N   1 
ATOM   673  C  CA  . GLY A 1 84  ? 2.132   5.521   3.510   1.00 31.67 ? 166 GLY A CA  1 
ATOM   674  C  C   . GLY A 1 84  ? 1.390   5.083   2.265   1.00 30.92 ? 166 GLY A C   1 
ATOM   675  O  O   . GLY A 1 84  ? 0.158   5.161   2.232   1.00 29.31 ? 166 GLY A O   1 
ATOM   676  N  N   . ILE A 1 85  ? 2.122   4.603   1.260   1.00 29.83 ? 167 ILE A N   1 
ATOM   677  C  CA  . ILE A 1 85  ? 1.509   4.179   0.001   1.00 30.21 ? 167 ILE A CA  1 
ATOM   678  C  C   . ILE A 1 85  ? 2.087   2.827   -0.412  1.00 31.13 ? 167 ILE A C   1 
ATOM   679  O  O   . ILE A 1 85  ? 3.310   2.731   -0.623  1.00 29.25 ? 167 ILE A O   1 
ATOM   680  C  CB  . ILE A 1 85  ? 1.854   5.153   -1.179  1.00 31.93 ? 167 ILE A CB  1 
ATOM   681  C  CG1 . ILE A 1 85  ? 1.339   6.557   -0.904  1.00 32.29 ? 167 ILE A CG1 1 
ATOM   682  C  CG2 . ILE A 1 85  ? 1.329   4.564   -2.518  1.00 33.57 ? 167 ILE A CG2 1 
ATOM   683  C  CD1 . ILE A 1 85  ? -0.133  6.669   -0.803  1.00 34.86 ? 167 ILE A CD1 1 
ATOM   684  N  N   . VAL A 1 86  ? 1.232   1.800   -0.535  1.00 28.51 ? 168 VAL A N   1 
ATOM   685  C  CA  . VAL A 1 86  ? 1.690   0.486   -0.972  1.00 27.50 ? 168 VAL A CA  1 
ATOM   686  C  C   . VAL A 1 86  ? 1.151   0.245   -2.386  1.00 27.68 ? 168 VAL A C   1 
ATOM   687  O  O   . VAL A 1 86  ? -0.055  0.309   -2.618  1.00 25.33 ? 168 VAL A O   1 
ATOM   688  C  CB  . VAL A 1 86  ? 1.155   -0.708  -0.051  1.00 28.49 ? 168 VAL A CB  1 
ATOM   689  C  CG1 . VAL A 1 86  ? 1.666   -2.056  -0.610  1.00 27.60 ? 168 VAL A CG1 1 
ATOM   690  C  CG2 . VAL A 1 86  ? 1.644   -0.571  1.416   1.00 25.61 ? 168 VAL A CG2 1 
ATOM   691  N  N   . VAL A 1 87  ? 2.035   -0.035  -3.329  1.00 26.73 ? 169 VAL A N   1 
ATOM   692  C  CA  . VAL A 1 87  ? 1.600   -0.325  -4.694  1.00 29.43 ? 169 VAL A CA  1 
ATOM   693  C  C   . VAL A 1 87  ? 1.840   -1.804  -5.016  1.00 31.62 ? 169 VAL A C   1 
ATOM   694  O  O   . VAL A 1 87  ? 2.878   -2.380  -4.643  1.00 31.43 ? 169 VAL A O   1 
ATOM   695  C  CB  . VAL A 1 87  ? 2.385   0.507   -5.782  1.00 29.92 ? 169 VAL A CB  1 
ATOM   696  C  CG1 . VAL A 1 87  ? 2.111   -0.050  -7.190  1.00 30.87 ? 169 VAL A CG1 1 
ATOM   697  C  CG2 . VAL A 1 87  ? 2.013   1.983   -5.691  1.00 28.53 ? 169 VAL A CG2 1 
ATOM   698  N  N   . LEU A 1 88  ? 0.871   -2.407  -5.699  1.00 30.68 ? 170 LEU A N   1 
ATOM   699  C  CA  . LEU A 1 88  ? 0.974   -3.786  -6.152  1.00 30.30 ? 170 LEU A CA  1 
ATOM   700  C  C   . LEU A 1 88  ? 0.619   -3.798  -7.642  1.00 31.54 ? 170 LEU A C   1 
ATOM   701  O  O   . LEU A 1 88  ? -0.493  -3.389  -8.027  1.00 30.81 ? 170 LEU A O   1 
ATOM   702  C  CB  . LEU A 1 88  ? 0.001   -4.715  -5.398  1.00 31.62 ? 170 LEU A CB  1 
ATOM   703  C  CG  . LEU A 1 88  ? -0.067  -6.168  -5.954  1.00 32.79 ? 170 LEU A CG  1 
ATOM   704  C  CD1 . LEU A 1 88  ? 1.352   -6.778  -5.980  1.00 32.09 ? 170 LEU A CD1 1 
ATOM   705  C  CD2 . LEU A 1 88  ? -0.994  -7.035  -5.102  1.00 30.85 ? 170 LEU A CD2 1 
ATOM   706  N  N   . ILE A 1 89  ? 1.572   -4.234  -8.476  1.00 31.11 ? 171 ILE A N   1 
ATOM   707  C  CA  . ILE A 1 89  ? 1.344   -4.337  -9.918  1.00 31.46 ? 171 ILE A CA  1 
ATOM   708  C  C   . ILE A 1 89  ? 1.102   -5.830  -10.137 1.00 31.34 ? 171 ILE A C   1 
ATOM   709  O  O   . ILE A 1 89  ? 2.027   -6.625  -10.122 1.00 31.63 ? 171 ILE A O   1 
ATOM   710  C  CB  . ILE A 1 89  ? 2.586   -3.864  -10.759 1.00 32.19 ? 171 ILE A CB  1 
ATOM   711  C  CG1 . ILE A 1 89  ? 2.957   -2.416  -10.418 1.00 34.27 ? 171 ILE A CG1 1 
ATOM   712  C  CG2 . ILE A 1 89  ? 2.250   -3.900  -12.280 1.00 30.33 ? 171 ILE A CG2 1 
ATOM   713  C  CD1 . ILE A 1 89  ? 4.329   -1.968  -10.968 1.00 36.37 ? 171 ILE A CD1 1 
ATOM   714  N  N   . THR A 1 90  ? -0.154  -6.188  -10.326 1.00 32.83 ? 172 THR A N   1 
ATOM   715  C  CA  . THR A 1 90  ? -0.565  -7.575  -10.445 1.00 34.95 ? 172 THR A CA  1 
ATOM   716  C  C   . THR A 1 90  ? 0.048   -8.379  -11.586 1.00 37.17 ? 172 THR A C   1 
ATOM   717  O  O   . THR A 1 90  ? 0.482   -9.509  -11.348 1.00 36.73 ? 172 THR A O   1 
ATOM   718  C  CB  . THR A 1 90  ? -2.099  -7.668  -10.495 1.00 34.46 ? 172 THR A CB  1 
ATOM   719  O  OG1 . THR A 1 90  ? -2.598  -6.906  -11.601 1.00 35.12 ? 172 THR A OG1 1 
ATOM   720  C  CG2 . THR A 1 90  ? -2.684  -7.063  -9.200  1.00 35.68 ? 172 THR A CG2 1 
ATOM   721  N  N   . SER A 1 91  ? 0.151   -7.797  -12.786 1.00 38.12 ? 173 SER A N   1 
ATOM   722  C  CA  . SER A 1 91  ? 0.702   -8.554  -13.914 1.00 40.99 ? 173 SER A CA  1 
ATOM   723  C  C   . SER A 1 91  ? 2.173   -8.894  -13.684 1.00 42.84 ? 173 SER A C   1 
ATOM   724  O  O   . SER A 1 91  ? 2.621   -10.002 -14.013 1.00 44.04 ? 173 SER A O   1 
ATOM   725  C  CB  . SER A 1 91  ? 0.485   -7.805  -15.242 1.00 41.08 ? 173 SER A CB  1 
ATOM   726  O  OG  . SER A 1 91  ? 1.320   -6.677  -15.369 1.00 43.27 ? 173 SER A OG  1 
ATOM   727  N  N   . GLN A 1 92  ? 2.898   -7.967  -13.057 1.00 43.23 ? 174 GLN A N   1 
ATOM   728  C  CA  . GLN A 1 92  ? 4.310   -8.144  -12.742 1.00 43.86 ? 174 GLN A CA  1 
ATOM   729  C  C   . GLN A 1 92  ? 4.573   -8.825  -11.406 1.00 42.64 ? 174 GLN A C   1 
ATOM   730  O  O   . GLN A 1 92  ? 5.697   -9.203  -11.131 1.00 45.55 ? 174 GLN A O   1 
ATOM   731  C  CB  . GLN A 1 92  ? 5.033   -6.789  -12.743 1.00 46.60 ? 174 GLN A CB  1 
ATOM   732  C  CG  . GLN A 1 92  ? 5.155   -6.151  -14.116 1.00 51.99 ? 174 GLN A CG  1 
ATOM   733  C  CD  . GLN A 1 92  ? 6.086   -6.939  -15.031 1.00 54.86 ? 174 GLN A CD  1 
ATOM   734  O  OE1 . GLN A 1 92  ? 5.967   -6.877  -16.259 1.00 59.06 ? 174 GLN A OE1 1 
ATOM   735  N  NE2 . GLN A 1 92  ? 7.026   -7.675  -14.434 1.00 56.26 ? 174 GLN A NE2 1 
ATOM   736  N  N   . LYS A 1 93  ? 3.558   -8.964  -10.566 1.00 41.75 ? 175 LYS A N   1 
ATOM   737  C  CA  . LYS A 1 93  ? 3.738   -9.592  -9.265  1.00 40.43 ? 175 LYS A CA  1 
ATOM   738  C  C   . LYS A 1 93  ? 4.834   -8.820  -8.500  1.00 41.38 ? 175 LYS A C   1 
ATOM   739  O  O   . LYS A 1 93  ? 5.685   -9.414  -7.833  1.00 39.38 ? 175 LYS A O   1 
ATOM   740  C  CB  . LYS A 1 93  ? 4.147   -11.065 -9.441  1.00 41.53 ? 175 LYS A CB  1 
ATOM   741  C  CG  . LYS A 1 93  ? 3.254   -11.874 -10.407 1.00 40.24 ? 175 LYS A CG  1 
ATOM   742  C  CD  . LYS A 1 93  ? 1.848   -12.038 -9.842  1.00 41.62 ? 175 LYS A CD  1 
ATOM   743  C  CE  . LYS A 1 93  ? 0.982   -12.973 -10.688 1.00 40.48 ? 175 LYS A CE  1 
ATOM   744  N  NZ  . LYS A 1 93  ? 0.696   -12.378 -12.012 1.00 40.24 ? 175 LYS A NZ  1 
ATOM   745  N  N   . GLU A 1 94  ? 4.780   -7.495  -8.589  1.00 40.20 ? 176 GLU A N   1 
ATOM   746  C  CA  . GLU A 1 94  ? 5.764   -6.635  -7.947  1.00 42.77 ? 176 GLU A CA  1 
ATOM   747  C  C   . GLU A 1 94  ? 5.109   -5.584  -7.052  1.00 41.32 ? 176 GLU A C   1 
ATOM   748  O  O   . GLU A 1 94  ? 4.070   -5.000  -7.393  1.00 42.99 ? 176 GLU A O   1 
ATOM   749  C  CB  . GLU A 1 94  ? 6.632   -5.966  -9.033  1.00 44.59 ? 176 GLU A CB  1 
ATOM   750  C  CG  . GLU A 1 94  ? 7.339   -4.668  -8.634  1.00 51.64 ? 176 GLU A CG  1 
ATOM   751  C  CD  . GLU A 1 94  ? 7.895   -3.901  -9.843  1.00 55.21 ? 176 GLU A CD  1 
ATOM   752  O  OE1 . GLU A 1 94  ? 7.517   -4.240  -10.988 1.00 56.85 ? 176 GLU A OE1 1 
ATOM   753  O  OE2 . GLU A 1 94  ? 8.697   -2.956  -9.650  1.00 57.56 ? 176 GLU A OE2 1 
ATOM   754  N  N   . GLY A 1 95  ? 5.711   -5.366  -5.889  1.00 37.34 ? 177 GLY A N   1 
ATOM   755  C  CA  . GLY A 1 95  ? 5.180   -4.375  -4.986  1.00 35.94 ? 177 GLY A CA  1 
ATOM   756  C  C   . GLY A 1 95  ? 6.240   -3.356  -4.608  1.00 35.93 ? 177 GLY A C   1 
ATOM   757  O  O   . GLY A 1 95  ? 7.422   -3.484  -4.935  1.00 36.58 ? 177 GLY A O   1 
ATOM   758  N  N   . ALA A 1 96  ? 5.801   -2.325  -3.921  1.00 33.94 ? 178 ALA A N   1 
ATOM   759  C  CA  . ALA A 1 96  ? 6.695   -1.277  -3.444  1.00 33.05 ? 178 ALA A CA  1 
ATOM   760  C  C   . ALA A 1 96  ? 5.922   -0.529  -2.383  1.00 33.04 ? 178 ALA A C   1 
ATOM   761  O  O   . ALA A 1 96  ? 4.678   -0.542  -2.356  1.00 33.11 ? 178 ALA A O   1 
ATOM   762  C  CB  . ALA A 1 96  ? 7.098   -0.324  -4.595  1.00 30.27 ? 178 ALA A CB  1 
ATOM   763  N  N   . ILE A 1 97  ? 6.659   0.154   -1.521  1.00 32.15 ? 179 ILE A N   1 
ATOM   764  C  CA  . ILE A 1 97  ? 6.059   0.895   -0.440  1.00 31.00 ? 179 ILE A CA  1 
ATOM   765  C  C   . ILE A 1 97  ? 6.861   2.151   -0.250  1.00 33.00 ? 179 ILE A C   1 
ATOM   766  O  O   . ILE A 1 97  ? 8.087   2.108   -0.243  1.00 33.30 ? 179 ILE A O   1 
ATOM   767  C  CB  . ILE A 1 97  ? 6.152   0.133   0.885   1.00 30.22 ? 179 ILE A CB  1 
ATOM   768  C  CG1 . ILE A 1 97  ? 5.393   -1.185  0.793   1.00 29.44 ? 179 ILE A CG1 1 
ATOM   769  C  CG2 . ILE A 1 97  ? 5.598   0.993   2.013   1.00 31.00 ? 179 ILE A CG2 1 
ATOM   770  C  CD1 . ILE A 1 97  ? 5.503   -2.027  2.081   1.00 32.87 ? 179 ILE A CD1 1 
ATOM   771  N  N   . THR A 1 98  ? 6.174   3.272   -0.139  1.00 31.60 ? 180 THR A N   1 
ATOM   772  C  CA  . THR A 1 98  ? 6.859   4.500   0.113   1.00 33.42 ? 180 THR A CA  1 
ATOM   773  C  C   . THR A 1 98  ? 6.011   5.310   1.105   1.00 32.53 ? 180 THR A C   1 
ATOM   774  O  O   . THR A 1 98  ? 4.967   4.844   1.558   1.00 30.12 ? 180 THR A O   1 
ATOM   775  C  CB  . THR A 1 98  ? 7.166   5.285   -1.197  1.00 33.72 ? 180 THR A CB  1 
ATOM   776  O  OG1 . THR A 1 98  ? 8.099   6.323   -0.885  1.00 36.48 ? 180 THR A OG1 1 
ATOM   777  C  CG2 . THR A 1 98  ? 5.910   5.895   -1.799  1.00 34.72 ? 180 THR A CG2 1 
ATOM   778  N  N   . GLY A 1 99  ? 6.465   6.507   1.441   1.00 32.23 ? 181 GLY A N   1 
ATOM   779  C  CA  . GLY A 1 99  ? 5.727   7.315   2.385   1.00 31.70 ? 181 GLY A CA  1 
ATOM   780  C  C   . GLY A 1 99  ? 6.537   8.478   2.936   1.00 32.77 ? 181 GLY A C   1 
ATOM   781  O  O   . GLY A 1 99  ? 7.662   8.737   2.488   1.00 29.53 ? 181 GLY A O   1 
ATOM   782  N  N   . GLY A 1 100 ? 5.919   9.221   3.865   1.00 31.73 ? 182 GLY A N   1 
ATOM   783  C  CA  . GLY A 1 100 ? 6.591   10.337  4.492   1.00 32.28 ? 182 GLY A CA  1 
ATOM   784  C  C   . GLY A 1 100 ? 7.543   9.813   5.561   1.00 31.86 ? 182 GLY A C   1 
ATOM   785  O  O   . GLY A 1 100 ? 7.445   8.639   6.005   1.00 32.58 ? 182 GLY A O   1 
ATOM   786  N  N   . PRO A 1 101 ? 8.483   10.661  6.005   1.00 31.42 ? 183 PRO A N   1 
ATOM   787  C  CA  . PRO A 1 101 ? 9.451   10.245  7.033   1.00 31.53 ? 183 PRO A CA  1 
ATOM   788  C  C   . PRO A 1 101 ? 8.815   9.622   8.282   1.00 30.25 ? 183 PRO A C   1 
ATOM   789  O  O   . PRO A 1 101 ? 9.269   8.584   8.782   1.00 31.59 ? 183 PRO A O   1 
ATOM   790  C  CB  . PRO A 1 101 ? 10.209  11.549  7.349   1.00 29.98 ? 183 PRO A CB  1 
ATOM   791  C  CG  . PRO A 1 101 ? 10.201  12.267  6.012   1.00 31.34 ? 183 PRO A CG  1 
ATOM   792  C  CD  . PRO A 1 101 ? 8.740   12.046  5.560   1.00 29.53 ? 183 PRO A CD  1 
ATOM   793  N  N   . ALA A 1 102 ? 7.768   10.249  8.796   1.00 29.21 ? 184 ALA A N   1 
ATOM   794  C  CA  . ALA A 1 102 ? 7.139   9.715   9.994   1.00 32.24 ? 184 ALA A CA  1 
ATOM   795  C  C   . ALA A 1 102 ? 6.588   8.297   9.731   1.00 32.61 ? 184 ALA A C   1 
ATOM   796  O  O   . ALA A 1 102 ? 6.770   7.399   10.557  1.00 32.19 ? 184 ALA A O   1 
ATOM   797  C  CB  . ALA A 1 102 ? 6.035   10.659  10.480  1.00 33.35 ? 184 ALA A CB  1 
ATOM   798  N  N   . PHE A 1 103 ? 5.934   8.088   8.582   1.00 32.84 ? 185 PHE A N   1 
ATOM   799  C  CA  . PHE A 1 103 ? 5.424   6.757   8.272   1.00 31.01 ? 185 PHE A CA  1 
ATOM   800  C  C   . PHE A 1 103 ? 6.593   5.770   8.127   1.00 31.34 ? 185 PHE A C   1 
ATOM   801  O  O   . PHE A 1 103 ? 6.561   4.689   8.703   1.00 31.05 ? 185 PHE A O   1 
ATOM   802  C  CB  . PHE A 1 103 ? 4.645   6.740   6.959   1.00 30.48 ? 185 PHE A CB  1 
ATOM   803  C  CG  . PHE A 1 103 ? 4.240   5.353   6.538   1.00 32.59 ? 185 PHE A CG  1 
ATOM   804  C  CD1 . PHE A 1 103 ? 3.124   4.715   7.113   1.00 34.84 ? 185 PHE A CD1 1 
ATOM   805  C  CD2 . PHE A 1 103 ? 5.013   4.642   5.617   1.00 35.79 ? 185 PHE A CD2 1 
ATOM   806  C  CE1 . PHE A 1 103 ? 2.792   3.372   6.773   1.00 33.73 ? 185 PHE A CE1 1 
ATOM   807  C  CE2 . PHE A 1 103 ? 4.696   3.313   5.264   1.00 35.45 ? 185 PHE A CE2 1 
ATOM   808  C  CZ  . PHE A 1 103 ? 3.591   2.675   5.843   1.00 34.11 ? 185 PHE A CZ  1 
ATOM   809  N  N   . ILE A 1 104 ? 7.596   6.133   7.325   1.00 32.69 ? 186 ILE A N   1 
ATOM   810  C  CA  . ILE A 1 104 ? 8.772   5.272   7.093   1.00 34.50 ? 186 ILE A CA  1 
ATOM   811  C  C   . ILE A 1 104 ? 9.466   4.913   8.401   1.00 36.10 ? 186 ILE A C   1 
ATOM   812  O  O   . ILE A 1 104 ? 9.824   3.758   8.657   1.00 35.09 ? 186 ILE A O   1 
ATOM   813  C  CB  . ILE A 1 104 ? 9.827   5.968   6.197   1.00 34.42 ? 186 ILE A CB  1 
ATOM   814  C  CG1 . ILE A 1 104 ? 9.237   6.283   4.825   1.00 35.58 ? 186 ILE A CG1 1 
ATOM   815  C  CG2 . ILE A 1 104 ? 11.023  5.031   5.980   1.00 33.27 ? 186 ILE A CG2 1 
ATOM   816  C  CD1 . ILE A 1 104 ? 8.771   4.988   4.099   1.00 36.49 ? 186 ILE A CD1 1 
ATOM   817  N  N   . GLU A 1 105 ? 9.642   5.924   9.238   1.00 37.93 ? 187 GLU A N   1 
ATOM   818  C  CA  . GLU A 1 105 ? 10.299  5.734   10.513  1.00 39.62 ? 187 GLU A CA  1 
ATOM   819  C  C   . GLU A 1 105 ? 9.507   4.752   11.381  1.00 39.73 ? 187 GLU A C   1 
ATOM   820  O  O   . GLU A 1 105 ? 10.075  3.844   12.012  1.00 36.76 ? 187 GLU A O   1 
ATOM   821  C  CB  . GLU A 1 105 ? 10.424  7.100   11.201  1.00 43.31 ? 187 GLU A CB  1 
ATOM   822  C  CG  . GLU A 1 105 ? 11.602  7.262   12.137  1.00 50.51 ? 187 GLU A CG  1 
ATOM   823  C  CD  . GLU A 1 105 ? 11.450  6.463   13.406  1.00 54.11 ? 187 GLU A CD  1 
ATOM   824  O  OE1 . GLU A 1 105 ? 10.314  6.411   13.961  1.00 56.82 ? 187 GLU A OE1 1 
ATOM   825  O  OE2 . GLU A 1 105 ? 12.476  5.900   13.853  1.00 57.42 ? 187 GLU A OE2 1 
ATOM   826  N  N   . ALA A 1 106 ? 8.184   4.912   11.407  1.00 39.02 ? 188 ALA A N   1 
ATOM   827  C  CA  . ALA A 1 106 ? 7.364   4.024   12.236  1.00 38.90 ? 188 ALA A CA  1 
ATOM   828  C  C   . ALA A 1 106 ? 7.401   2.555   11.812  1.00 39.46 ? 188 ALA A C   1 
ATOM   829  O  O   . ALA A 1 106 ? 7.319   1.659   12.654  1.00 40.03 ? 188 ALA A O   1 
ATOM   830  C  CB  . ALA A 1 106 ? 5.920   4.523   12.275  1.00 39.01 ? 188 ALA A CB  1 
ATOM   831  N  N   . VAL A 1 107 ? 7.513   2.300   10.513  1.00 39.13 ? 189 VAL A N   1 
ATOM   832  C  CA  . VAL A 1 107 ? 7.542   0.924   10.050  1.00 37.73 ? 189 VAL A CA  1 
ATOM   833  C  C   . VAL A 1 107 ? 8.938   0.319   10.175  1.00 37.59 ? 189 VAL A C   1 
ATOM   834  O  O   . VAL A 1 107 ? 9.088   -0.773  10.691  1.00 35.05 ? 189 VAL A O   1 
ATOM   835  C  CB  . VAL A 1 107 ? 7.084   0.789   8.567   1.00 35.84 ? 189 VAL A CB  1 
ATOM   836  C  CG1 . VAL A 1 107 ? 7.176   -0.663  8.139   1.00 33.81 ? 189 VAL A CG1 1 
ATOM   837  C  CG2 . VAL A 1 107 ? 5.647   1.268   8.394   1.00 35.22 ? 189 VAL A CG2 1 
ATOM   838  N  N   . GLY A 1 108 ? 9.960   1.021   9.696   1.00 39.73 ? 190 GLY A N   1 
ATOM   839  C  CA  . GLY A 1 108 ? 11.305  0.478   9.778   1.00 41.45 ? 190 GLY A CA  1 
ATOM   840  C  C   . GLY A 1 108 ? 11.668  -0.202  8.473   1.00 43.42 ? 190 GLY A C   1 
ATOM   841  O  O   . GLY A 1 108 ? 10.814  -0.818  7.832   1.00 41.84 ? 190 GLY A O   1 
ATOM   842  N  N   . GLU A 1 109 ? 12.934  -0.100  8.079   1.00 45.54 ? 191 GLU A N   1 
ATOM   843  C  CA  . GLU A 1 109 ? 13.406  -0.685  6.820   1.00 48.91 ? 191 GLU A CA  1 
ATOM   844  C  C   . GLU A 1 109 ? 13.313  -2.201  6.779   1.00 48.36 ? 191 GLU A C   1 
ATOM   845  O  O   . GLU A 1 109 ? 13.068  -2.801  5.720   1.00 47.31 ? 191 GLU A O   1 
ATOM   846  C  CB  . GLU A 1 109 ? 14.850  -0.257  6.564   1.00 54.40 ? 191 GLU A CB  1 
ATOM   847  C  CG  . GLU A 1 109 ? 14.966  0.901   5.574   1.00 61.13 ? 191 GLU A CG  1 
ATOM   848  C  CD  . GLU A 1 109 ? 14.667  0.477   4.136   1.00 64.67 ? 191 GLU A CD  1 
ATOM   849  O  OE1 . GLU A 1 109 ? 15.315  -0.478  3.653   1.00 66.99 ? 191 GLU A OE1 1 
ATOM   850  O  OE2 . GLU A 1 109 ? 13.798  1.103   3.484   1.00 66.84 ? 191 GLU A OE2 1 
ATOM   851  N  N   . ASN A 1 110 ? 13.519  -2.821  7.937   1.00 47.25 ? 192 ASN A N   1 
ATOM   852  C  CA  . ASN A 1 110 ? 13.444  -4.266  8.028   1.00 48.20 ? 192 ASN A CA  1 
ATOM   853  C  C   . ASN A 1 110 ? 12.072  -4.776  7.540   1.00 46.15 ? 192 ASN A C   1 
ATOM   854  O  O   . ASN A 1 110 ? 11.994  -5.613  6.637   1.00 45.28 ? 192 ASN A O   1 
ATOM   855  C  CB  . ASN A 1 110 ? 13.727  -4.709  9.470   1.00 51.14 ? 192 ASN A CB  1 
ATOM   856  C  CG  . ASN A 1 110 ? 15.160  -4.370  9.914   1.00 55.90 ? 192 ASN A CG  1 
ATOM   857  O  OD1 . ASN A 1 110 ? 16.128  -4.665  9.198   1.00 57.77 ? 192 ASN A OD1 1 
ATOM   858  N  ND2 . ASN A 1 110 ? 15.301  -3.753  11.096  1.00 58.28 ? 192 ASN A ND2 1 
ATOM   859  N  N   . ILE A 1 111 ? 10.998  -4.250  8.121   1.00 44.34 ? 193 ILE A N   1 
ATOM   860  C  CA  . ILE A 1 111 ? 9.650   -4.669  7.744   1.00 41.31 ? 193 ILE A CA  1 
ATOM   861  C  C   . ILE A 1 111 ? 9.230   -4.151  6.367   1.00 39.50 ? 193 ILE A C   1 
ATOM   862  O  O   . ILE A 1 111 ? 8.531   -4.840  5.626   1.00 37.54 ? 193 ILE A O   1 
ATOM   863  C  CB  . ILE A 1 111 ? 8.643   -4.256  8.820   1.00 41.42 ? 193 ILE A CB  1 
ATOM   864  C  CG1 . ILE A 1 111 ? 9.034   -4.934  10.140  1.00 45.00 ? 193 ILE A CG1 1 
ATOM   865  C  CG2 . ILE A 1 111 ? 7.243   -4.726  8.463   1.00 41.33 ? 193 ILE A CG2 1 
ATOM   866  C  CD1 . ILE A 1 111 ? 9.068   -6.481  10.051  1.00 44.60 ? 193 ILE A CD1 1 
ATOM   867  N  N   . LEU A 1 112 ? 9.653   -2.942  6.021   1.00 38.54 ? 194 LEU A N   1 
ATOM   868  C  CA  . LEU A 1 112 ? 9.328   -2.407  4.711   1.00 39.46 ? 194 LEU A CA  1 
ATOM   869  C  C   . LEU A 1 112 ? 9.899   -3.342  3.642   1.00 40.35 ? 194 LEU A C   1 
ATOM   870  O  O   . LEU A 1 112 ? 9.175   -3.821  2.771   1.00 39.20 ? 194 LEU A O   1 
ATOM   871  C  CB  . LEU A 1 112 ? 9.943   -1.016  4.546   1.00 36.93 ? 194 LEU A CB  1 
ATOM   872  C  CG  . LEU A 1 112 ? 9.254   0.039   5.403   1.00 39.10 ? 194 LEU A CG  1 
ATOM   873  C  CD1 . LEU A 1 112 ? 10.055  1.314   5.417   1.00 36.67 ? 194 LEU A CD1 1 
ATOM   874  C  CD2 . LEU A 1 112 ? 7.839   0.273   4.864   1.00 36.77 ? 194 LEU A CD2 1 
ATOM   875  N  N   . ASP A 1 113 ? 11.202  -3.602  3.713   1.00 40.65 ? 195 ASP A N   1 
ATOM   876  C  CA  . ASP A 1 113 ? 11.827  -4.454  2.711   1.00 43.64 ? 195 ASP A CA  1 
ATOM   877  C  C   . ASP A 1 113 ? 11.264  -5.873  2.688   1.00 41.34 ? 195 ASP A C   1 
ATOM   878  O  O   . ASP A 1 113 ? 11.047  -6.438  1.618   1.00 42.10 ? 195 ASP A O   1 
ATOM   879  C  CB  . ASP A 1 113 ? 13.356  -4.472  2.882   1.00 48.07 ? 195 ASP A CB  1 
ATOM   880  C  CG  . ASP A 1 113 ? 13.999  -3.141  2.485   1.00 52.60 ? 195 ASP A CG  1 
ATOM   881  O  OD1 . ASP A 1 113 ? 13.344  -2.338  1.774   1.00 55.87 ? 195 ASP A OD1 1 
ATOM   882  O  OD2 . ASP A 1 113 ? 15.162  -2.889  2.877   1.00 55.40 ? 195 ASP A OD2 1 
ATOM   883  N  N   . ALA A 1 114 ? 10.991  -6.419  3.862   1.00 39.37 ? 196 ALA A N   1 
ATOM   884  C  CA  . ALA A 1 114 ? 10.442  -7.756  3.972   1.00 38.96 ? 196 ALA A CA  1 
ATOM   885  C  C   . ALA A 1 114 ? 9.035   -7.889  3.356   1.00 40.24 ? 196 ALA A C   1 
ATOM   886  O  O   . ALA A 1 114 ? 8.718   -8.890  2.705   1.00 40.71 ? 196 ALA A O   1 
ATOM   887  C  CB  . ALA A 1 114 ? 10.404  -8.166  5.430   1.00 39.90 ? 196 ALA A CB  1 
ATOM   888  N  N   . THR A 1 115 ? 8.177   -6.900  3.588   1.00 38.73 ? 197 THR A N   1 
ATOM   889  C  CA  . THR A 1 115 ? 6.815   -6.942  3.053   1.00 36.46 ? 197 THR A CA  1 
ATOM   890  C  C   . THR A 1 115 ? 6.814   -6.937  1.516   1.00 35.98 ? 197 THR A C   1 
ATOM   891  O  O   . THR A 1 115 ? 6.053   -7.673  0.887   1.00 35.28 ? 197 THR A O   1 
ATOM   892  C  CB  . THR A 1 115 ? 5.994   -5.732  3.564   1.00 35.12 ? 197 THR A CB  1 
ATOM   893  O  OG1 . THR A 1 115 ? 5.909   -5.790  4.986   1.00 34.79 ? 197 THR A OG1 1 
ATOM   894  C  CG2 . THR A 1 115 ? 4.585   -5.755  2.968   1.00 33.67 ? 197 THR A CG2 1 
ATOM   895  N  N   . VAL A 1 116 ? 7.658   -6.094  0.924   1.00 36.04 ? 198 VAL A N   1 
ATOM   896  C  CA  . VAL A 1 116 ? 7.759   -5.978  -0.534  1.00 38.63 ? 198 VAL A CA  1 
ATOM   897  C  C   . VAL A 1 116 ? 8.498   -7.150  -1.177  1.00 38.94 ? 198 VAL A C   1 
ATOM   898  O  O   . VAL A 1 116 ? 8.247   -7.478  -2.339  1.00 36.68 ? 198 VAL A O   1 
ATOM   899  C  CB  . VAL A 1 116 ? 8.458   -4.674  -0.954  1.00 37.35 ? 198 VAL A CB  1 
ATOM   900  C  CG1 . VAL A 1 116 ? 7.756   -3.494  -0.327  1.00 37.59 ? 198 VAL A CG1 1 
ATOM   901  C  CG2 . VAL A 1 116 ? 9.878   -4.705  -0.508  1.00 43.18 ? 198 VAL A CG2 1 
ATOM   902  N  N   . SER A 1 117 ? 9.414   -7.787  -0.447  1.00 41.06 ? 199 SER A N   1 
ATOM   903  C  CA  . SER A 1 117 ? 10.107  -8.938  -1.042  1.00 41.42 ? 199 SER A CA  1 
ATOM   904  C  C   . SER A 1 117 ? 9.428   -10.265 -0.686  1.00 41.83 ? 199 SER A C   1 
ATOM   905  O  O   . SER A 1 117 ? 9.714   -11.271 -1.313  1.00 42.18 ? 199 SER A O   1 
ATOM   906  C  CB  . SER A 1 117 ? 11.573  -8.981  -0.621  1.00 41.44 ? 199 SER A CB  1 
ATOM   907  O  OG  . SER A 1 117 ? 11.685  -9.358  0.736   1.00 45.41 ? 199 SER A OG  1 
ATOM   908  N  N   . GLU A 1 118 ? 8.515   -10.283 0.289   1.00 40.97 ? 200 GLU A N   1 
ATOM   909  C  CA  . GLU A 1 118 ? 7.855   -11.544 0.635   1.00 41.40 ? 200 GLU A CA  1 
ATOM   910  C  C   . GLU A 1 118 ? 6.332   -11.535 0.432   1.00 40.46 ? 200 GLU A C   1 
ATOM   911  O  O   . GLU A 1 118 ? 5.857   -11.986 -0.592  1.00 39.25 ? 200 GLU A O   1 
ATOM   912  C  CB  . GLU A 1 118 ? 8.184   -11.951 2.084   1.00 41.38 ? 200 GLU A CB  1 
ATOM   913  C  CG  . GLU A 1 118 ? 9.679   -11.831 2.446   1.00 44.41 ? 200 GLU A CG  1 
ATOM   914  C  CD  . GLU A 1 118 ? 9.979   -12.128 3.927   1.00 45.83 ? 200 GLU A CD  1 
ATOM   915  O  OE1 . GLU A 1 118 ? 9.143   -11.846 4.803   1.00 43.32 ? 200 GLU A OE1 1 
ATOM   916  O  OE2 . GLU A 1 118 ? 11.079  -12.623 4.221   1.00 49.61 ? 200 GLU A OE2 1 
ATOM   917  N  N   . ASN A 1 119 ? 5.581   -11.029 1.413   1.00 39.97 ? 201 ASN A N   1 
ATOM   918  C  CA  . ASN A 1 119 ? 4.125   -11.010 1.319   1.00 39.94 ? 201 ASN A CA  1 
ATOM   919  C  C   . ASN A 1 119 ? 3.563   -10.642 -0.056  1.00 38.42 ? 201 ASN A C   1 
ATOM   920  O  O   . ASN A 1 119 ? 2.802   -11.411 -0.642  1.00 36.59 ? 201 ASN A O   1 
ATOM   921  C  CB  . ASN A 1 119 ? 3.534   -10.052 2.352   1.00 39.77 ? 201 ASN A CB  1 
ATOM   922  C  CG  . ASN A 1 119 ? 3.864   -10.459 3.777   1.00 40.07 ? 201 ASN A CG  1 
ATOM   923  O  OD1 . ASN A 1 119 ? 2.997   -10.927 4.541   1.00 39.26 ? 201 ASN A OD1 1 
ATOM   924  N  ND2 . ASN A 1 119 ? 5.122   -10.298 4.136   1.00 39.21 ? 201 ASN A ND2 1 
ATOM   925  N  N   . LEU A 1 120 ? 3.961   -9.487  -0.578  1.00 38.03 ? 202 LEU A N   1 
ATOM   926  C  CA  . LEU A 1 120 ? 3.422   -9.023  -1.857  1.00 39.06 ? 202 LEU A CA  1 
ATOM   927  C  C   . LEU A 1 120 ? 3.699   -9.871  -3.092  1.00 40.08 ? 202 LEU A C   1 
ATOM   928  O  O   . LEU A 1 120 ? 2.759   -10.352 -3.722  1.00 39.32 ? 202 LEU A O   1 
ATOM   929  C  CB  . LEU A 1 120 ? 3.823   -7.541  -2.111  1.00 36.07 ? 202 LEU A CB  1 
ATOM   930  C  CG  . LEU A 1 120 ? 3.109   -6.537  -1.171  1.00 37.92 ? 202 LEU A CG  1 
ATOM   931  C  CD1 . LEU A 1 120 ? 3.617   -5.106  -1.343  1.00 34.22 ? 202 LEU A CD1 1 
ATOM   932  C  CD2 . LEU A 1 120 ? 1.616   -6.589  -1.478  1.00 38.46 ? 202 LEU A CD2 1 
ATOM   933  N  N   . PRO A 1 121 ? 4.981   -10.073 -3.460  1.00 40.59 ? 203 PRO A N   1 
ATOM   934  C  CA  . PRO A 1 121 ? 5.276   -10.878 -4.655  1.00 41.44 ? 203 PRO A CA  1 
ATOM   935  C  C   . PRO A 1 121 ? 4.855   -12.351 -4.541  1.00 42.97 ? 203 PRO A C   1 
ATOM   936  O  O   . PRO A 1 121 ? 4.228   -12.916 -5.452  1.00 41.69 ? 203 PRO A O   1 
ATOM   937  C  CB  . PRO A 1 121 ? 6.789   -10.694 -4.832  1.00 41.04 ? 203 PRO A CB  1 
ATOM   938  C  CG  . PRO A 1 121 ? 7.283   -10.452 -3.431  1.00 40.52 ? 203 PRO A CG  1 
ATOM   939  C  CD  . PRO A 1 121 ? 6.218   -9.550  -2.846  1.00 40.68 ? 203 PRO A CD  1 
ATOM   940  N  N   . VAL A 1 122 ? 5.190   -12.958 -3.406  1.00 44.22 ? 204 VAL A N   1 
ATOM   941  C  CA  . VAL A 1 122 ? 4.868   -14.354 -3.147  1.00 43.27 ? 204 VAL A CA  1 
ATOM   942  C  C   . VAL A 1 122 ? 3.382   -14.666 -3.234  1.00 42.88 ? 204 VAL A C   1 
ATOM   943  O  O   . VAL A 1 122 ? 2.968   -15.494 -4.038  1.00 44.21 ? 204 VAL A O   1 
ATOM   944  C  CB  . VAL A 1 122 ? 5.404   -14.780 -1.770  1.00 43.23 ? 204 VAL A CB  1 
ATOM   945  C  CG1 . VAL A 1 122 ? 4.893   -16.174 -1.406  1.00 43.63 ? 204 VAL A CG1 1 
ATOM   946  C  CG2 . VAL A 1 122 ? 6.936   -14.774 -1.812  1.00 43.69 ? 204 VAL A CG2 1 
ATOM   947  N  N   . LEU A 1 123 ? 2.579   -14.002 -2.416  1.00 41.69 ? 205 LEU A N   1 
ATOM   948  C  CA  . LEU A 1 123 ? 1.153   -14.253 -2.422  1.00 40.31 ? 205 LEU A CA  1 
ATOM   949  C  C   . LEU A 1 123 ? 0.493   -13.919 -3.742  1.00 39.98 ? 205 LEU A C   1 
ATOM   950  O  O   . LEU A 1 123 ? -0.404  -14.644 -4.169  1.00 39.68 ? 205 LEU A O   1 
ATOM   951  C  CB  . LEU A 1 123 ? 0.487   -13.512 -1.247  1.00 39.32 ? 205 LEU A CB  1 
ATOM   952  C  CG  . LEU A 1 123 ? 0.799   -14.245 0.069   1.00 38.98 ? 205 LEU A CG  1 
ATOM   953  C  CD1 . LEU A 1 123 ? 0.374   -13.430 1.293   1.00 36.92 ? 205 LEU A CD1 1 
ATOM   954  C  CD2 . LEU A 1 123 ? 0.065   -15.622 0.037   1.00 37.41 ? 205 LEU A CD2 1 
ATOM   955  N  N   . ALA A 1 124 ? 0.923   -12.842 -4.404  1.00 39.95 ? 206 ALA A N   1 
ATOM   956  C  CA  . ALA A 1 124 ? 0.327   -12.490 -5.702  1.00 41.21 ? 206 ALA A CA  1 
ATOM   957  C  C   . ALA A 1 124 ? 0.697   -13.508 -6.783  1.00 41.61 ? 206 ALA A C   1 
ATOM   958  O  O   . ALA A 1 124 ? -0.062  -13.729 -7.720  1.00 43.45 ? 206 ALA A O   1 
ATOM   959  C  CB  . ALA A 1 124 ? 0.760   -11.086 -6.157  1.00 38.29 ? 206 ALA A CB  1 
ATOM   960  N  N   . THR A 1 125 ? 1.873   -14.110 -6.670  1.00 42.86 ? 207 THR A N   1 
ATOM   961  C  CA  . THR A 1 125 ? 2.268   -15.099 -7.667  1.00 45.21 ? 207 THR A CA  1 
ATOM   962  C  C   . THR A 1 125 ? 1.294   -16.282 -7.625  1.00 45.73 ? 207 THR A C   1 
ATOM   963  O  O   . THR A 1 125 ? 0.897   -16.822 -8.659  1.00 45.16 ? 207 THR A O   1 
ATOM   964  C  CB  . THR A 1 125 ? 3.704   -15.551 -7.430  1.00 45.25 ? 207 THR A CB  1 
ATOM   965  O  OG1 . THR A 1 125 ? 4.553   -14.405 -7.528  1.00 44.12 ? 207 THR A OG1 1 
ATOM   966  C  CG2 . THR A 1 125 ? 4.132   -16.581 -8.485  1.00 46.42 ? 207 THR A CG2 1 
ATOM   967  N  N   . ASP A 1 126 ? 0.864   -16.623 -6.420  1.00 46.89 ? 208 ASP A N   1 
ATOM   968  C  CA  . ASP A 1 126 ? -0.068  -17.714 -6.203  1.00 48.76 ? 208 ASP A CA  1 
ATOM   969  C  C   . ASP A 1 126 ? -1.518  -17.272 -6.447  1.00 48.49 ? 208 ASP A C   1 
ATOM   970  O  O   . ASP A 1 126 ? -2.459  -18.001 -6.134  1.00 47.71 ? 208 ASP A O   1 
ATOM   971  C  CB  . ASP A 1 126 ? 0.099   -18.198 -4.764  1.00 54.66 ? 208 ASP A CB  1 
ATOM   972  C  CG  . ASP A 1 126 ? 0.088   -19.704 -4.652  1.00 59.39 ? 208 ASP A CG  1 
ATOM   973  O  OD1 . ASP A 1 126 ? 0.829   -20.356 -5.426  1.00 62.32 ? 208 ASP A OD1 1 
ATOM   974  O  OD2 . ASP A 1 126 ? -0.656  -20.223 -3.785  1.00 61.24 ? 208 ASP A OD2 1 
ATOM   975  N  N   . GLU A 1 127 ? -1.691  -16.087 -7.026  1.00 48.16 ? 209 GLU A N   1 
ATOM   976  C  CA  . GLU A 1 127 ? -3.016  -15.512 -7.277  1.00 48.25 ? 209 GLU A CA  1 
ATOM   977  C  C   . GLU A 1 127 ? -3.825  -15.262 -5.981  1.00 47.56 ? 209 GLU A C   1 
ATOM   978  O  O   . GLU A 1 127 ? -5.053  -15.396 -5.979  1.00 48.40 ? 209 GLU A O   1 
ATOM   979  C  CB  . GLU A 1 127 ? -3.849  -16.400 -8.239  1.00 50.42 ? 209 GLU A CB  1 
ATOM   980  C  CG  . GLU A 1 127 ? -3.568  -16.198 -9.732  1.00 52.39 ? 209 GLU A CG  1 
ATOM   981  C  CD  . GLU A 1 127 ? -4.567  -16.908 -10.665 1.00 55.31 ? 209 GLU A CD  1 
ATOM   982  O  OE1 . GLU A 1 127 ? -4.604  -18.162 -10.728 1.00 55.43 ? 209 GLU A OE1 1 
ATOM   983  O  OE2 . GLU A 1 127 ? -5.325  -16.197 -11.359 1.00 57.20 ? 209 GLU A OE2 1 
ATOM   984  N  N   . LYS A 1 128 ? -3.153  -14.908 -4.883  1.00 44.65 ? 210 LYS A N   1 
ATOM   985  C  CA  . LYS A 1 128 ? -3.860  -14.651 -3.614  1.00 43.35 ? 210 LYS A CA  1 
ATOM   986  C  C   . LYS A 1 128 ? -3.715  -13.163 -3.301  1.00 40.27 ? 210 LYS A C   1 
ATOM   987  O  O   . LYS A 1 128 ? -3.064  -12.768 -2.335  1.00 37.72 ? 210 LYS A O   1 
ATOM   988  C  CB  . LYS A 1 128 ? -3.261  -15.512 -2.486  1.00 44.35 ? 210 LYS A CB  1 
ATOM   989  C  CG  . LYS A 1 128 ? -3.493  -17.008 -2.712  1.00 50.63 ? 210 LYS A CG  1 
ATOM   990  C  CD  . LYS A 1 128 ? -2.834  -17.865 -1.659  1.00 55.24 ? 210 LYS A CD  1 
ATOM   991  C  CE  . LYS A 1 128 ? -3.231  -19.345 -1.794  1.00 57.91 ? 210 LYS A CE  1 
ATOM   992  N  NZ  . LYS A 1 128 ? -2.340  -20.241 -0.956  1.00 59.55 ? 210 LYS A NZ  1 
ATOM   993  N  N   . TYR A 1 129 ? -4.330  -12.346 -4.149  1.00 37.97 ? 211 TYR A N   1 
ATOM   994  C  CA  . TYR A 1 129 ? -4.237  -10.904 -4.040  1.00 36.71 ? 211 TYR A CA  1 
ATOM   995  C  C   . TYR A 1 129 ? -4.823  -10.361 -2.734  1.00 35.42 ? 211 TYR A C   1 
ATOM   996  O  O   . TYR A 1 129 ? -4.238  -9.455  -2.121  1.00 36.25 ? 211 TYR A O   1 
ATOM   997  C  CB  . TYR A 1 129 ? -4.889  -10.277 -5.284  1.00 36.20 ? 211 TYR A CB  1 
ATOM   998  C  CG  . TYR A 1 129 ? -4.219  -10.686 -6.581  1.00 36.17 ? 211 TYR A CG  1 
ATOM   999  C  CD1 . TYR A 1 129 ? -2.993  -10.134 -6.961  1.00 36.74 ? 211 TYR A CD1 1 
ATOM   1000 C  CD2 . TYR A 1 129 ? -4.821  -11.601 -7.451  1.00 37.90 ? 211 TYR A CD2 1 
ATOM   1001 C  CE1 . TYR A 1 129 ? -2.388  -10.465 -8.161  1.00 36.60 ? 211 TYR A CE1 1 
ATOM   1002 C  CE2 . TYR A 1 129 ? -4.223  -11.944 -8.662  1.00 38.12 ? 211 TYR A CE2 1 
ATOM   1003 C  CZ  . TYR A 1 129 ? -3.011  -11.367 -9.015  1.00 40.09 ? 211 TYR A CZ  1 
ATOM   1004 O  OH  . TYR A 1 129 ? -2.466  -11.630 -10.252 1.00 42.20 ? 211 TYR A OH  1 
ATOM   1005 N  N   . ASN A 1 130 ? -5.945  -10.933 -2.294  1.00 34.65 ? 212 ASN A N   1 
ATOM   1006 C  CA  . ASN A 1 130 ? -6.596  -10.516 -1.064  1.00 33.63 ? 212 ASN A CA  1 
ATOM   1007 C  C   . ASN A 1 130 ? -5.685  -10.755 0.132   1.00 34.36 ? 212 ASN A C   1 
ATOM   1008 O  O   . ASN A 1 130 ? -5.597  -9.917  1.039   1.00 34.44 ? 212 ASN A O   1 
ATOM   1009 C  CB  . ASN A 1 130 ? -7.907  -11.289 -0.850  1.00 33.20 ? 212 ASN A CB  1 
ATOM   1010 C  CG  . ASN A 1 130 ? -9.040  -10.788 -1.736  1.00 34.07 ? 212 ASN A CG  1 
ATOM   1011 O  OD1 . ASN A 1 130 ? -9.433  -9.623  -1.680  1.00 32.61 ? 212 ASN A OD1 1 
ATOM   1012 N  ND2 . ASN A 1 130 ? -9.567  -11.677 -2.565  1.00 38.17 ? 212 ASN A ND2 1 
ATOM   1013 N  N   . GLU A 1 131 ? -5.015  -11.905 0.139   1.00 34.17 ? 213 GLU A N   1 
ATOM   1014 C  CA  . GLU A 1 131 ? -4.124  -12.250 1.235   1.00 35.06 ? 213 GLU A CA  1 
ATOM   1015 C  C   . GLU A 1 131 ? -2.843  -11.444 1.124   1.00 34.12 ? 213 GLU A C   1 
ATOM   1016 O  O   . GLU A 1 131 ? -2.273  -11.045 2.139   1.00 33.63 ? 213 GLU A O   1 
ATOM   1017 C  CB  . GLU A 1 131 ? -3.802  -13.753 1.233   1.00 35.02 ? 213 GLU A CB  1 
ATOM   1018 C  CG  . GLU A 1 131 ? -5.011  -14.661 1.511   1.00 36.77 ? 213 GLU A CG  1 
ATOM   1019 C  CD  . GLU A 1 131 ? -5.776  -15.062 0.249   1.00 37.17 ? 213 GLU A CD  1 
ATOM   1020 O  OE1 . GLU A 1 131 ? -5.613  -14.405 -0.802  1.00 36.22 ? 213 GLU A OE1 1 
ATOM   1021 O  OE2 . GLU A 1 131 ? -6.556  -16.041 0.316   1.00 38.36 ? 213 GLU A OE2 1 
ATOM   1022 N  N   . ALA A 1 132 ? -2.394  -11.208 -0.111  1.00 33.41 ? 214 ALA A N   1 
ATOM   1023 C  CA  . ALA A 1 132 ? -1.173  -10.440 -0.333  1.00 34.29 ? 214 ALA A CA  1 
ATOM   1024 C  C   . ALA A 1 132 ? -1.306  -9.055  0.310   1.00 33.41 ? 214 ALA A C   1 
ATOM   1025 O  O   . ALA A 1 132 ? -0.415  -8.578  1.018   1.00 33.06 ? 214 ALA A O   1 
ATOM   1026 C  CB  . ALA A 1 132 ? -0.916  -10.276 -1.830  1.00 32.70 ? 214 ALA A CB  1 
ATOM   1027 N  N   . VAL A 1 133 ? -2.419  -8.411  0.014   1.00 31.83 ? 215 VAL A N   1 
ATOM   1028 C  CA  . VAL A 1 133 ? -2.675  -7.083  0.528   1.00 32.56 ? 215 VAL A CA  1 
ATOM   1029 C  C   . VAL A 1 133 ? -3.036  -7.082  2.020   1.00 32.04 ? 215 VAL A C   1 
ATOM   1030 O  O   . VAL A 1 133 ? -2.473  -6.305  2.802   1.00 30.22 ? 215 VAL A O   1 
ATOM   1031 C  CB  . VAL A 1 133 ? -3.772  -6.403  -0.310  1.00 30.54 ? 215 VAL A CB  1 
ATOM   1032 C  CG1 . VAL A 1 133 ? -4.123  -5.072  0.254   1.00 32.97 ? 215 VAL A CG1 1 
ATOM   1033 C  CG2 . VAL A 1 133 ? -3.272  -6.227  -1.732  1.00 29.75 ? 215 VAL A CG2 1 
ATOM   1034 N  N   . TYR A 1 134 ? -3.945  -7.958  2.440   1.00 31.19 ? 216 TYR A N   1 
ATOM   1035 C  CA  . TYR A 1 134 ? -4.314  -7.932  3.853   1.00 31.66 ? 216 TYR A CA  1 
ATOM   1036 C  C   . TYR A 1 134 ? -3.168  -8.398  4.774   1.00 31.64 ? 216 TYR A C   1 
ATOM   1037 O  O   . TYR A 1 134 ? -2.981  -7.836  5.838   1.00 30.81 ? 216 TYR A O   1 
ATOM   1038 C  CB  . TYR A 1 134 ? -5.583  -8.764  4.112   1.00 32.01 ? 216 TYR A CB  1 
ATOM   1039 C  CG  . TYR A 1 134 ? -6.174  -8.491  5.476   1.00 34.55 ? 216 TYR A CG  1 
ATOM   1040 C  CD1 . TYR A 1 134 ? -6.920  -7.325  5.722   1.00 32.50 ? 216 TYR A CD1 1 
ATOM   1041 C  CD2 . TYR A 1 134 ? -5.946  -9.373  6.542   1.00 36.38 ? 216 TYR A CD2 1 
ATOM   1042 C  CE1 . TYR A 1 134 ? -7.426  -7.044  6.978   1.00 35.29 ? 216 TYR A CE1 1 
ATOM   1043 C  CE2 . TYR A 1 134 ? -6.437  -9.107  7.802   1.00 37.28 ? 216 TYR A CE2 1 
ATOM   1044 C  CZ  . TYR A 1 134 ? -7.182  -7.940  8.021   1.00 39.39 ? 216 TYR A CZ  1 
ATOM   1045 O  OH  . TYR A 1 134 ? -7.683  -7.703  9.282   1.00 41.03 ? 216 TYR A OH  1 
ATOM   1046 N  N   . SER A 1 135 ? -2.387  -9.403  4.375   1.00 31.24 ? 217 SER A N   1 
ATOM   1047 C  CA  . SER A 1 135 ? -1.302  -9.822  5.256   1.00 31.91 ? 217 SER A CA  1 
ATOM   1048 C  C   . SER A 1 135 ? -0.260  -8.718  5.333   1.00 30.19 ? 217 SER A C   1 
ATOM   1049 O  O   . SER A 1 135 ? 0.386   -8.541  6.358   1.00 31.00 ? 217 SER A O   1 
ATOM   1050 C  CB  . SER A 1 135 ? -0.636  -11.135 4.773   1.00 30.69 ? 217 SER A CB  1 
ATOM   1051 O  OG  . SER A 1 135 ? -0.020  -10.954 3.520   1.00 34.27 ? 217 SER A OG  1 
ATOM   1052 N  N   . SER A 1 136 ? -0.074  -7.988  4.238   1.00 31.59 ? 218 SER A N   1 
ATOM   1053 C  CA  . SER A 1 136 ? 0.925   -6.890  4.220   1.00 30.26 ? 218 SER A CA  1 
ATOM   1054 C  C   . SER A 1 136 ? 0.473   -5.766  5.138   1.00 30.78 ? 218 SER A C   1 
ATOM   1055 O  O   . SER A 1 136 ? 1.282   -5.172  5.866   1.00 29.84 ? 218 SER A O   1 
ATOM   1056 C  CB  . SER A 1 136 ? 1.099   -6.319  2.821   1.00 28.21 ? 218 SER A CB  1 
ATOM   1057 O  OG  . SER A 1 136 ? 1.803   -7.220  2.013   1.00 31.52 ? 218 SER A OG  1 
ATOM   1058 N  N   . ALA A 1 137 ? -0.830  -5.484  5.085   1.00 29.08 ? 219 ALA A N   1 
ATOM   1059 C  CA  . ALA A 1 137 ? -1.393  -4.448  5.915   1.00 32.14 ? 219 ALA A CA  1 
ATOM   1060 C  C   . ALA A 1 137 ? -1.212  -4.866  7.371   1.00 33.28 ? 219 ALA A C   1 
ATOM   1061 O  O   . ALA A 1 137 ? -0.817  -4.044  8.205   1.00 35.16 ? 219 ALA A O   1 
ATOM   1062 C  CB  . ALA A 1 137 ? -2.882  -4.223  5.583   1.00 27.27 ? 219 ALA A CB  1 
ATOM   1063 N  N   . LYS A 1 138 ? -1.489  -6.135  7.677   1.00 34.08 ? 220 LYS A N   1 
ATOM   1064 C  CA  . LYS A 1 138 ? -1.344  -6.626  9.051   1.00 34.67 ? 220 LYS A CA  1 
ATOM   1065 C  C   . LYS A 1 138 ? 0.115   -6.564  9.505   1.00 35.34 ? 220 LYS A C   1 
ATOM   1066 O  O   . LYS A 1 138 ? 0.403   -6.180  10.642  1.00 35.37 ? 220 LYS A O   1 
ATOM   1067 C  CB  . LYS A 1 138 ? -1.817  -8.080  9.174   1.00 38.13 ? 220 LYS A CB  1 
ATOM   1068 C  CG  . LYS A 1 138 ? -3.297  -8.307  8.994   1.00 41.54 ? 220 LYS A CG  1 
ATOM   1069 C  CD  . LYS A 1 138 ? -4.104  -7.805  10.181  1.00 44.63 ? 220 LYS A CD  1 
ATOM   1070 C  CE  . LYS A 1 138 ? -3.877  -8.677  11.419  1.00 46.74 ? 220 LYS A CE  1 
ATOM   1071 N  NZ  . LYS A 1 138 ? -4.724  -8.237  12.577  1.00 48.43 ? 220 LYS A NZ  1 
ATOM   1072 N  N   . ARG A 1 139 ? 1.036   -6.952  8.618   1.00 33.97 ? 221 ARG A N   1 
ATOM   1073 C  CA  . ARG A 1 139 ? 2.446   -6.940  8.952   1.00 33.38 ? 221 ARG A CA  1 
ATOM   1074 C  C   . ARG A 1 139 ? 2.980   -5.526  9.197   1.00 34.01 ? 221 ARG A C   1 
ATOM   1075 O  O   . ARG A 1 139 ? 3.794   -5.297  10.091  1.00 36.25 ? 221 ARG A O   1 
ATOM   1076 C  CB  . ARG A 1 139 ? 3.250   -7.621  7.838   1.00 34.41 ? 221 ARG A CB  1 
ATOM   1077 C  CG  . ARG A 1 139 ? 4.675   -7.932  8.240   1.00 33.64 ? 221 ARG A CG  1 
ATOM   1078 C  CD  . ARG A 1 139 ? 5.364   -8.807  7.210   1.00 36.37 ? 221 ARG A CD  1 
ATOM   1079 N  NE  . ARG A 1 139 ? 6.607   -9.356  7.746   1.00 37.60 ? 221 ARG A NE  1 
ATOM   1080 C  CZ  . ARG A 1 139 ? 7.514   -10.017 7.035   1.00 37.03 ? 221 ARG A CZ  1 
ATOM   1081 N  NH1 . ARG A 1 139 ? 7.349   -10.218 5.731   1.00 35.32 ? 221 ARG A NH1 1 
ATOM   1082 N  NH2 . ARG A 1 139 ? 8.578   -10.498 7.646   1.00 39.64 ? 221 ARG A NH2 1 
ATOM   1083 N  N   . LEU A 1 140 ? 2.517   -4.565  8.414   1.00 33.62 ? 222 LEU A N   1 
ATOM   1084 C  CA  . LEU A 1 140 ? 2.992   -3.195  8.589   1.00 33.33 ? 222 LEU A CA  1 
ATOM   1085 C  C   . LEU A 1 140 ? 2.436   -2.596  9.889   1.00 33.95 ? 222 LEU A C   1 
ATOM   1086 O  O   . LEU A 1 140 ? 3.144   -1.876  10.596  1.00 32.69 ? 222 LEU A O   1 
ATOM   1087 C  CB  . LEU A 1 140 ? 2.579   -2.350  7.390   1.00 30.20 ? 222 LEU A CB  1 
ATOM   1088 C  CG  . LEU A 1 140 ? 3.181   -2.783  6.040   1.00 32.45 ? 222 LEU A CG  1 
ATOM   1089 C  CD1 . LEU A 1 140 ? 2.428   -2.079  4.904   1.00 27.51 ? 222 LEU A CD1 1 
ATOM   1090 C  CD2 . LEU A 1 140 ? 4.702   -2.436  5.967   1.00 27.44 ? 222 LEU A CD2 1 
ATOM   1091 N  N   . VAL A 1 141 ? 1.169   -2.886  10.172  1.00 32.54 ? 223 VAL A N   1 
ATOM   1092 C  CA  . VAL A 1 141 ? 0.514   -2.414  11.395  1.00 34.43 ? 223 VAL A CA  1 
ATOM   1093 C  C   . VAL A 1 141 ? 1.257   -2.935  12.633  1.00 35.88 ? 223 VAL A C   1 
ATOM   1094 O  O   . VAL A 1 141 ? 1.520   -2.182  13.587  1.00 34.67 ? 223 VAL A O   1 
ATOM   1095 C  CB  . VAL A 1 141 ? -0.950  -2.893  11.463  1.00 33.33 ? 223 VAL A CB  1 
ATOM   1096 C  CG1 . VAL A 1 141 ? -1.540  -2.579  12.856  1.00 34.00 ? 223 VAL A CG1 1 
ATOM   1097 C  CG2 . VAL A 1 141 ? -1.782  -2.172  10.373  1.00 31.45 ? 223 VAL A CG2 1 
ATOM   1098 N  N   . ALA A 1 142 ? 1.575   -4.227  12.617  1.00 35.92 ? 224 ALA A N   1 
ATOM   1099 C  CA  . ALA A 1 142 ? 2.311   -4.847  13.717  1.00 36.99 ? 224 ALA A CA  1 
ATOM   1100 C  C   . ALA A 1 142 ? 3.634   -4.074  13.929  1.00 36.82 ? 224 ALA A C   1 
ATOM   1101 O  O   . ALA A 1 142 ? 3.951   -3.705  15.063  1.00 37.34 ? 224 ALA A O   1 
ATOM   1102 C  CB  . ALA A 1 142 ? 2.573   -6.338  13.400  1.00 32.90 ? 224 ALA A CB  1 
ATOM   1103 N  N   . ALA A 1 143 ? 4.390   -3.809  12.857  1.00 36.47 ? 225 ALA A N   1 
ATOM   1104 C  CA  . ALA A 1 143 ? 5.654   -3.051  12.964  1.00 37.08 ? 225 ALA A CA  1 
ATOM   1105 C  C   . ALA A 1 143 ? 5.403   -1.673  13.598  1.00 39.46 ? 225 ALA A C   1 
ATOM   1106 O  O   . ALA A 1 143 ? 6.137   -1.218  14.496  1.00 37.99 ? 225 ALA A O   1 
ATOM   1107 C  CB  . ALA A 1 143 ? 6.276   -2.855  11.586  1.00 38.44 ? 225 ALA A CB  1 
ATOM   1108 N  N   . ILE A 1 144 ? 4.371   -0.993  13.106  1.00 38.45 ? 226 ILE A N   1 
ATOM   1109 C  CA  . ILE A 1 144 ? 4.033   0.319   13.639  1.00 38.63 ? 226 ILE A CA  1 
ATOM   1110 C  C   . ILE A 1 144 ? 3.673   0.257   15.126  1.00 40.77 ? 226 ILE A C   1 
ATOM   1111 O  O   . ILE A 1 144 ? 4.137   1.083   15.904  1.00 39.83 ? 226 ILE A O   1 
ATOM   1112 C  CB  . ILE A 1 144 ? 2.894   0.950   12.855  1.00 34.94 ? 226 ILE A CB  1 
ATOM   1113 C  CG1 . ILE A 1 144 ? 3.427   1.360   11.460  1.00 33.09 ? 226 ILE A CG1 1 
ATOM   1114 C  CG2 . ILE A 1 144 ? 2.304   2.124   13.655  1.00 35.54 ? 226 ILE A CG2 1 
ATOM   1115 C  CD1 . ILE A 1 144 ? 2.353   1.832   10.444  1.00 33.44 ? 226 ILE A CD1 1 
ATOM   1116 N  N   . ASP A 1 145 ? 2.878   -0.737  15.522  1.00 42.78 ? 227 ASP A N   1 
ATOM   1117 C  CA  . ASP A 1 145 ? 2.484   -0.878  16.921  1.00 44.72 ? 227 ASP A CA  1 
ATOM   1118 C  C   . ASP A 1 145 ? 3.544   -1.545  17.796  1.00 45.95 ? 227 ASP A C   1 
ATOM   1119 O  O   . ASP A 1 145 ? 3.290   -1.856  18.959  1.00 45.31 ? 227 ASP A O   1 
ATOM   1120 C  CB  . ASP A 1 145 ? 1.174   -1.657  17.032  1.00 43.04 ? 227 ASP A CB  1 
ATOM   1121 C  CG  . ASP A 1 145 ? 0.002   -0.902  16.431  1.00 44.70 ? 227 ASP A CG  1 
ATOM   1122 O  OD1 . ASP A 1 145 ? -0.028  0.339   16.525  1.00 45.63 ? 227 ASP A OD1 1 
ATOM   1123 O  OD2 . ASP A 1 145 ? -0.902  -1.541  15.869  1.00 45.65 ? 227 ASP A OD2 1 
ATOM   1124 N  N   . GLY A 1 146 ? 4.731   -1.752  17.235  1.00 46.86 ? 228 GLY A N   1 
ATOM   1125 C  CA  . GLY A 1 146 ? 5.794   -2.389  17.981  1.00 48.57 ? 228 GLY A CA  1 
ATOM   1126 C  C   . GLY A 1 146 ? 5.411   -3.771  18.471  1.00 51.07 ? 228 GLY A C   1 
ATOM   1127 O  O   . GLY A 1 146 ? 5.826   -4.173  19.557  1.00 52.05 ? 228 GLY A O   1 
ATOM   1128 N  N   . GLN A 1 147 ? 4.613   -4.493  17.686  1.00 51.25 ? 229 GLN A N   1 
ATOM   1129 C  CA  . GLN A 1 147 ? 4.207   -5.842  18.032  1.00 52.49 ? 229 GLN A CA  1 
ATOM   1130 C  C   . GLN A 1 147 ? 5.123   -6.857  17.318  1.00 54.24 ? 229 GLN A C   1 
ATOM   1131 O  O   . GLN A 1 147 ? 5.925   -6.491  16.449  1.00 53.83 ? 229 GLN A O   1 
ATOM   1132 C  CB  . GLN A 1 147 ? 2.741   -6.078  17.647  1.00 53.44 ? 229 GLN A CB  1 
ATOM   1133 C  CG  . GLN A 1 147 ? 1.732   -5.260  18.444  1.00 56.14 ? 229 GLN A CG  1 
ATOM   1134 C  CD  . GLN A 1 147 ? 1.807   -5.538  19.948  1.00 60.11 ? 229 GLN A CD  1 
ATOM   1135 O  OE1 . GLN A 1 147 ? 1.584   -6.666  20.404  1.00 61.15 ? 229 GLN A OE1 1 
ATOM   1136 N  NE2 . GLN A 1 147 ? 2.128   -4.504  20.724  1.00 60.76 ? 229 GLN A NE2 1 
ATOM   1137 N  N   . PRO A 1 148 ? 5.030   -8.149  17.696  1.00 55.66 ? 230 PRO A N   1 
ATOM   1138 C  CA  . PRO A 1 148 ? 5.867   -9.182  17.065  1.00 56.17 ? 230 PRO A CA  1 
ATOM   1139 C  C   . PRO A 1 148 ? 5.602   -9.288  15.554  1.00 55.89 ? 230 PRO A C   1 
ATOM   1140 O  O   . PRO A 1 148 ? 4.459   -9.288  15.122  1.00 53.91 ? 230 PRO A O   1 
ATOM   1141 C  CB  . PRO A 1 148 ? 5.463   -10.459 17.816  1.00 56.62 ? 230 PRO A CB  1 
ATOM   1142 C  CG  . PRO A 1 148 ? 5.033   -9.942  19.175  1.00 56.14 ? 230 PRO A CG  1 
ATOM   1143 C  CD  . PRO A 1 148 ? 4.241   -8.715  18.809  1.00 55.61 ? 230 PRO A CD  1 
ATOM   1144 N  N   . ASP A 1 149 ? 6.665   -9.384  14.762  1.00 56.72 ? 231 ASP A N   1 
ATOM   1145 C  CA  . ASP A 1 149 ? 6.539   -9.481  13.313  1.00 57.14 ? 231 ASP A CA  1 
ATOM   1146 C  C   . ASP A 1 149 ? 5.877   -10.785 12.887  1.00 58.35 ? 231 ASP A C   1 
ATOM   1147 O  O   . ASP A 1 149 ? 6.474   -11.852 12.978  1.00 59.96 ? 231 ASP A O   1 
ATOM   1148 C  CB  . ASP A 1 149 ? 7.913   -9.367  12.643  1.00 54.89 ? 231 ASP A CB  1 
ATOM   1149 C  CG  . ASP A 1 149 ? 7.830   -9.416  11.116  1.00 55.79 ? 231 ASP A CG  1 
ATOM   1150 O  OD1 . ASP A 1 149 ? 6.969   -8.707  10.529  1.00 56.73 ? 231 ASP A OD1 1 
ATOM   1151 O  OD2 . ASP A 1 149 ? 8.634   -10.138 10.491  1.00 51.78 ? 231 ASP A OD2 1 
ATOM   1152 N  N   . PRO A 1 150 ? 4.643   -10.714 12.377  1.00 59.09 ? 232 PRO A N   1 
ATOM   1153 C  CA  . PRO A 1 150 ? 3.962   -11.941 11.956  1.00 59.18 ? 232 PRO A CA  1 
ATOM   1154 C  C   . PRO A 1 150 ? 4.717   -12.768 10.923  1.00 59.48 ? 232 PRO A C   1 
ATOM   1155 O  O   . PRO A 1 150 ? 4.359   -13.917 10.677  1.00 60.57 ? 232 PRO A O   1 
ATOM   1156 C  CB  . PRO A 1 150 ? 2.611   -11.434 11.450  1.00 59.34 ? 232 PRO A CB  1 
ATOM   1157 C  CG  . PRO A 1 150 ? 2.935   -10.058 10.940  1.00 60.01 ? 232 PRO A CG  1 
ATOM   1158 C  CD  . PRO A 1 150 ? 3.864   -9.517  12.005  1.00 59.65 ? 232 PRO A CD  1 
ATOM   1159 N  N   . GLY A 1 151 ? 5.776   -12.200 10.351  1.00 59.02 ? 233 GLY A N   1 
ATOM   1160 C  CA  . GLY A 1 151 ? 6.551   -12.912 9.353   1.00 58.58 ? 233 GLY A CA  1 
ATOM   1161 C  C   . GLY A 1 151 ? 5.884   -12.882 7.985   1.00 59.77 ? 233 GLY A C   1 
ATOM   1162 O  O   . GLY A 1 151 ? 4.755   -12.419 7.860   1.00 58.07 ? 233 GLY A O   1 
ATOM   1163 N  N   . GLY A 1 152 ? 6.578   -13.372 6.958   1.00 61.00 ? 234 GLY A N   1 
ATOM   1164 C  CA  . GLY A 1 152 ? 6.017   -13.389 5.617   1.00 62.56 ? 234 GLY A CA  1 
ATOM   1165 C  C   . GLY A 1 152 ? 5.467   -14.759 5.273   1.00 64.35 ? 234 GLY A C   1 
ATOM   1166 O  O   . GLY A 1 152 ? 5.484   -15.647 6.119   1.00 65.09 ? 234 GLY A O   1 
ATOM   1167 N  N   . PRO A 1 153 ? 4.959   -14.966 4.047   1.00 65.42 ? 235 PRO A N   1 
ATOM   1168 C  CA  . PRO A 1 153 ? 4.406   -16.260 3.627   1.00 66.09 ? 235 PRO A CA  1 
ATOM   1169 C  C   . PRO A 1 153 ? 5.497   -17.240 3.155   1.00 67.09 ? 235 PRO A C   1 
ATOM   1170 O  O   . PRO A 1 153 ? 6.562   -16.758 2.706   1.00 67.20 ? 235 PRO A O   1 
ATOM   1171 C  CB  . PRO A 1 153 ? 3.477   -15.868 2.488   1.00 65.58 ? 235 PRO A CB  1 
ATOM   1172 C  CG  . PRO A 1 153 ? 4.268   -14.787 1.820   1.00 65.13 ? 235 PRO A CG  1 
ATOM   1173 C  CD  . PRO A 1 153 ? 4.743   -13.950 3.001   1.00 65.16 ? 235 PRO A CD  1 
ATOM   1174 O  OXT . PRO A 1 153 ? 5.264   -18.477 3.218   1.00 67.76 ? 235 PRO A OXT 1 
HETATM 1175 N  N   . SER B 2 .   ? -10.919 -0.331  -3.970  1.00 70.76 ? 305 SER A N   1 
HETATM 1176 C  CA  . SER B 2 .   ? -11.743 0.546   -4.779  1.00 70.97 ? 305 SER A CA  1 
HETATM 1177 C  C   . SER B 2 .   ? -12.775 -0.291  -5.546  1.00 72.00 ? 305 SER A C   1 
HETATM 1178 O  O   . SER B 2 .   ? -12.736 -0.300  -6.800  1.00 72.00 ? 305 SER A O   1 
HETATM 1179 C  CB  . SER B 2 .   ? -10.859 1.335   -5.747  1.00 70.67 ? 305 SER A CB  1 
HETATM 1180 O  OG  . SER B 2 .   ? -11.533 2.457   -6.286  1.00 70.26 ? 305 SER A OG  1 
HETATM 1181 O  OXT . SER B 2 .   ? -13.609 -0.942  -4.870  1.00 72.07 ? 305 SER A OXT 1 
HETATM 1182 CA CA  . CA  C 3 .   ? -5.439  -1.834  -13.449 1.00 68.02 ? 301 CA  A CA  1 
HETATM 1183 C  C1  . GOL D 4 .   ? -7.709  -11.874 3.271   1.00 56.93 ? 302 GOL A C1  1 
HETATM 1184 O  O1  . GOL D 4 .   ? -7.259  -13.220 3.160   1.00 57.32 ? 302 GOL A O1  1 
HETATM 1185 C  C2  . GOL D 4 .   ? -8.973  -11.818 4.133   1.00 58.45 ? 302 GOL A C2  1 
HETATM 1186 O  O2  . GOL D 4 .   ? -8.697  -12.336 5.454   1.00 58.75 ? 302 GOL A O2  1 
HETATM 1187 C  C3  . GOL D 4 .   ? -9.442  -10.365 4.230   1.00 57.74 ? 302 GOL A C3  1 
HETATM 1188 O  O3  . GOL D 4 .   ? -10.620 -10.279 5.004   1.00 55.20 ? 302 GOL A O3  1 
HETATM 1189 C  C1  . GOL E 4 .   ? -1.137  12.944  -14.594 1.00 79.57 ? 303 GOL A C1  1 
HETATM 1190 O  O1  . GOL E 4 .   ? 0.289   13.026  -14.490 1.00 79.25 ? 303 GOL A O1  1 
HETATM 1191 C  C2  . GOL E 4 .   ? -1.781  13.775  -13.473 1.00 79.84 ? 303 GOL A C2  1 
HETATM 1192 O  O2  . GOL E 4 .   ? -1.363  15.150  -13.580 1.00 80.35 ? 303 GOL A O2  1 
HETATM 1193 C  C3  . GOL E 4 .   ? -3.310  13.696  -13.562 1.00 78.62 ? 303 GOL A C3  1 
HETATM 1194 O  O3  . GOL E 4 .   ? -3.914  14.472  -12.513 1.00 77.02 ? 303 GOL A O3  1 
HETATM 1195 O  O   . HOH F 5 .   ? 0.853   -10.459 8.414   1.00 39.68 ? 1   HOH A O   1 
HETATM 1196 O  O   . HOH F 5 .   ? -9.806  -5.994  9.707   1.00 41.28 ? 2   HOH A O   1 
HETATM 1197 O  O   . HOH F 5 .   ? -11.904 -1.337  13.424  1.00 49.48 ? 3   HOH A O   1 
HETATM 1198 O  O   . HOH F 5 .   ? -4.777  -3.640  14.491  1.00 43.00 ? 4   HOH A O   1 
HETATM 1199 O  O   . HOH F 5 .   ? 5.677   -6.712  11.564  1.00 41.32 ? 5   HOH A O   1 
HETATM 1200 O  O   . HOH F 5 .   ? 11.197  -2.476  10.811  1.00 49.49 ? 6   HOH A O   1 
HETATM 1201 O  O   . HOH F 5 .   ? 7.684   7.808   12.938  1.00 48.46 ? 7   HOH A O   1 
HETATM 1202 O  O   . HOH F 5 .   ? 2.038   7.513   15.718  1.00 43.05 ? 8   HOH A O   1 
HETATM 1203 O  O   . HOH F 5 .   ? -2.167  9.282   18.544  1.00 39.01 ? 9   HOH A O   1 
HETATM 1204 O  O   . HOH F 5 .   ? 9.121   8.668   -9.051  1.00 58.77 ? 10  HOH A O   1 
HETATM 1205 O  O   . HOH F 5 .   ? -8.916  -14.240 1.233   1.00 40.44 ? 11  HOH A O   1 
HETATM 1206 O  O   . HOH F 5 .   ? -7.735  8.449   -19.419 1.00 58.43 ? 12  HOH A O   1 
HETATM 1207 O  O   . HOH F 5 .   ? -19.720 -9.965  -1.159  1.00 67.06 ? 13  HOH A O   1 
HETATM 1208 O  O   . HOH F 5 .   ? -16.124 -3.314  0.907   1.00 43.70 ? 14  HOH A O   1 
HETATM 1209 O  O   . HOH F 5 .   ? -7.167  -1.775  17.824  1.00 46.20 ? 15  HOH A O   1 
HETATM 1210 O  O   . HOH F 5 .   ? -11.290 -0.672  16.435  1.00 43.15 ? 16  HOH A O   1 
HETATM 1211 O  O   . HOH F 5 .   ? -6.898  7.649   -7.313  1.00 33.46 ? 17  HOH A O   1 
HETATM 1212 O  O   . HOH F 5 .   ? -8.689  6.349   -8.780  1.00 34.55 ? 18  HOH A O   1 
HETATM 1213 O  O   . HOH F 5 .   ? 7.744   -6.895  -4.747  1.00 34.46 ? 19  HOH A O   1 
HETATM 1214 O  O   . HOH F 5 .   ? 9.705   -0.410  -1.588  1.00 51.56 ? 20  HOH A O   1 
HETATM 1215 O  O   . HOH F 5 .   ? 11.093  -0.945  0.656   1.00 62.86 ? 21  HOH A O   1 
HETATM 1216 O  O   . HOH F 5 .   ? 13.718  -8.338  2.653   1.00 65.81 ? 22  HOH A O   1 
HETATM 1217 O  O   . HOH F 5 .   ? 8.217   -18.057 0.527   1.00 62.50 ? 23  HOH A O   1 
HETATM 1218 O  O   . HOH F 5 .   ? -1.290  -6.771  12.844  1.00 38.24 ? 24  HOH A O   1 
HETATM 1219 O  O   . HOH F 5 .   ? -2.163  2.373   19.830  1.00 57.95 ? 25  HOH A O   1 
HETATM 1220 O  O   . HOH F 5 .   ? 11.964  8.533   7.949   1.00 46.44 ? 26  HOH A O   1 
HETATM 1221 O  O   . HOH F 5 .   ? -17.757 8.702   9.846   1.00 57.16 ? 27  HOH A O   1 
HETATM 1222 O  O   . HOH F 5 .   ? 4.006   13.034  -8.970  1.00 41.92 ? 28  HOH A O   1 
HETATM 1223 O  O   . HOH F 5 .   ? 7.005   -6.290  13.730  1.00 39.21 ? 29  HOH A O   1 
HETATM 1224 O  O   . HOH F 5 .   ? -5.723  18.604  -9.039  1.00 40.78 ? 30  HOH A O   1 
HETATM 1225 O  O   . HOH F 5 .   ? 3.394   4.504   -23.747 1.00 55.93 ? 31  HOH A O   1 
HETATM 1226 O  O   . HOH F 5 .   ? -11.096 3.732   -3.847  1.00 55.31 ? 32  HOH A O   1 
HETATM 1227 O  O   . HOH F 5 .   ? -4.269  14.328  -6.552  1.00 58.31 ? 33  HOH A O   1 
HETATM 1228 O  O   . HOH F 5 .   ? -9.573  6.904   11.352  1.00 39.17 ? 34  HOH A O   1 
HETATM 1229 O  O   . HOH F 5 .   ? -5.332  -1.258  13.357  1.00 38.27 ? 35  HOH A O   1 
HETATM 1230 O  O   . HOH F 5 .   ? 5.876   -11.643 -14.344 1.00 56.23 ? 36  HOH A O   1 
HETATM 1231 O  O   . HOH F 5 .   ? -4.170  4.150   8.066   1.00 28.08 ? 37  HOH A O   1 
HETATM 1232 O  O   . HOH F 5 .   ? -3.606  -1.161  -15.751 1.00 52.10 ? 38  HOH A O   1 
HETATM 1233 O  O   . HOH F 5 .   ? -6.898  -3.743  -15.296 1.00 61.73 ? 39  HOH A O   1 
HETATM 1234 O  O   . HOH F 5 .   ? -9.500  7.888   -4.680  1.00 41.32 ? 40  HOH A O   1 
HETATM 1235 O  O   . HOH F 5 .   ? -4.957  17.684  -11.763 1.00 41.32 ? 41  HOH A O   1 
HETATM 1236 O  O   . HOH F 5 .   ? -8.989  3.253   -14.192 1.00 51.03 ? 42  HOH A O   1 
HETATM 1237 O  O   . HOH F 5 .   ? -1.606  -3.967  16.401  1.00 51.67 ? 43  HOH A O   1 
HETATM 1238 O  O   . HOH F 5 .   ? 14.790  1.783   10.024  1.00 50.18 ? 44  HOH A O   1 
HETATM 1239 O  O   . HOH F 5 .   ? 14.536  -1.290  10.471  1.00 51.40 ? 45  HOH A O   1 
HETATM 1240 O  O   . HOH F 5 .   ? -15.264 -1.629  6.844   1.00 51.93 ? 46  HOH A O   1 
HETATM 1241 O  O   . HOH F 5 .   ? -7.314  -14.945 -7.394  1.00 52.37 ? 47  HOH A O   1 
HETATM 1242 O  O   . HOH F 5 .   ? -10.497 -16.636 10.179  1.00 83.60 ? 48  HOH A O   1 
HETATM 1243 O  O   . HOH F 5 .   ? -1.052  7.768   -18.156 1.00 68.31 ? 49  HOH A O   1 
HETATM 1244 O  O   . HOH F 5 .   ? -5.970  1.283   -18.443 1.00 56.57 ? 50  HOH A O   1 
HETATM 1245 O  O   . HOH F 5 .   ? -4.552  -2.378  -17.779 1.00 76.04 ? 51  HOH A O   1 
HETATM 1246 O  O   . HOH F 5 .   ? 1.447   -8.440  -18.936 1.00 71.58 ? 52  HOH A O   1 
HETATM 1247 O  O   . HOH F 5 .   ? 6.658   -2.511  -13.914 1.00 71.65 ? 53  HOH A O   1 
HETATM 1248 O  O   . HOH F 5 .   ? 3.742   -2.734  -15.375 1.00 52.51 ? 54  HOH A O   1 
HETATM 1249 O  O   . HOH F 5 .   ? 11.449  2.151   -14.841 1.00 46.59 ? 55  HOH A O   1 
HETATM 1250 O  O   . HOH F 5 .   ? 14.235  1.609   -4.871  1.00 63.88 ? 56  HOH A O   1 
HETATM 1251 O  O   . HOH F 5 .   ? 9.888   -1.842  -5.035  1.00 65.11 ? 57  HOH A O   1 
HETATM 1252 O  O   . HOH F 5 .   ? 10.426  -11.759 -14.897 1.00 79.58 ? 58  HOH A O   1 
HETATM 1253 O  O   . HOH F 5 .   ? 11.562  -14.328 -7.642  1.00 70.20 ? 59  HOH A O   1 
HETATM 1254 O  O   . HOH F 5 .   ? 8.749   -7.062  -10.791 1.00 68.34 ? 60  HOH A O   1 
HETATM 1255 O  O   . HOH F 5 .   ? -0.553  -2.383  -24.196 1.00 51.55 ? 61  HOH A O   1 
HETATM 1256 O  O   . HOH F 5 .   ? 7.123   1.944   15.568  1.00 43.33 ? 62  HOH A O   1 
HETATM 1257 O  O   . HOH F 5 .   ? 12.408  9.029   5.106   1.00 50.03 ? 63  HOH A O   1 
HETATM 1258 O  O   . HOH F 5 .   ? 10.655  12.222  -1.177  1.00 43.69 ? 64  HOH A O   1 
HETATM 1259 O  O   . HOH F 5 .   ? 16.373  8.129   -1.339  1.00 80.00 ? 65  HOH A O   1 
HETATM 1260 O  O   . HOH F 5 .   ? 17.961  2.703   2.444   1.00 54.57 ? 66  HOH A O   1 
HETATM 1261 O  O   . HOH F 5 .   ? 14.600  3.599   -3.153  1.00 60.49 ? 67  HOH A O   1 
HETATM 1262 O  O   . HOH F 5 .   ? 2.829   13.127  -11.751 1.00 62.85 ? 68  HOH A O   1 
HETATM 1263 O  O   . HOH F 5 .   ? 3.038   15.984  -8.604  1.00 51.93 ? 69  HOH A O   1 
HETATM 1264 O  O   . HOH F 5 .   ? 6.828   12.962  -8.733  1.00 50.71 ? 70  HOH A O   1 
HETATM 1265 O  O   . HOH F 5 .   ? 10.234  7.459   -13.117 1.00 77.65 ? 71  HOH A O   1 
HETATM 1266 O  O   . HOH F 5 .   ? 14.758  6.035   -10.523 1.00 64.00 ? 72  HOH A O   1 
HETATM 1267 O  O   . HOH F 5 .   ? -3.823  -5.959  13.229  1.00 41.04 ? 73  HOH A O   1 
HETATM 1268 O  O   . HOH F 5 .   ? -9.656  -4.612  12.036  1.00 49.06 ? 74  HOH A O   1 
HETATM 1269 O  O   . HOH F 5 .   ? -18.513 -6.493  3.591   1.00 55.13 ? 75  HOH A O   1 
HETATM 1270 O  O   . HOH F 5 .   ? -12.054 0.912   -1.883  1.00 77.38 ? 76  HOH A O   1 
HETATM 1271 O  O   . HOH F 5 .   ? 1.212   -18.657 -2.046  1.00 86.63 ? 77  HOH A O   1 
HETATM 1272 O  O   . HOH F 5 .   ? -11.595 12.231  -6.067  1.00 67.29 ? 78  HOH A O   1 
HETATM 1273 O  O   . HOH F 5 .   ? -3.164  16.125  0.398   1.00 49.46 ? 81  HOH A O   1 
HETATM 1274 O  O   . HOH F 5 .   ? -5.766  19.042  0.014   1.00 70.90 ? 82  HOH A O   1 
HETATM 1275 O  O   . HOH F 5 .   ? -7.142  18.259  2.556   1.00 61.75 ? 306 HOH A O   1 
HETATM 1276 O  O   . HOH F 5 .   ? -1.846  22.072  2.781   1.00 66.05 ? 307 HOH A O   1 
HETATM 1277 O  O   . HOH F 5 .   ? -1.141  14.817  9.167   1.00 52.11 ? 308 HOH A O   1 
HETATM 1278 O  O   . HOH F 5 .   ? 0.301   16.840  13.453  1.00 65.83 ? 309 HOH A O   1 
HETATM 1279 O  O   . HOH F 5 .   ? 2.357   14.981  10.123  1.00 56.73 ? 310 HOH A O   1 
HETATM 1280 O  O   . HOH F 5 .   ? 0.241   14.210  16.068  1.00 66.50 ? 311 HOH A O   1 
HETATM 1281 O  O   . HOH F 5 .   ? 10.144  9.761   3.352   1.00 43.07 ? 312 HOH A O   1 
HETATM 1282 O  O   . HOH F 5 .   ? 12.488  7.191   2.482   1.00 66.74 ? 313 HOH A O   1 
HETATM 1283 O  O   . HOH F 5 .   ? -8.912  12.441  -2.779  1.00 49.68 ? 314 HOH A O   1 
HETATM 1284 O  O   . HOH F 5 .   ? -11.273 12.725  -3.203  1.00 72.06 ? 315 HOH A O   1 
HETATM 1285 O  O   . HOH F 5 .   ? -11.397 8.302   6.914   1.00 85.33 ? 316 HOH A O   1 
HETATM 1286 O  O   . HOH F 5 .   ? -15.219 -1.066  1.955   1.00 61.04 ? 317 HOH A O   1 
HETATM 1287 O  O   . HOH F 5 .   ? -14.489 -0.351  12.839  1.00 53.94 ? 318 HOH A O   1 
HETATM 1288 O  O   . HOH F 5 .   ? -10.335 -3.413  14.515  1.00 68.69 ? 319 HOH A O   1 
HETATM 1289 O  O   . HOH F 5 .   ? -4.315  2.537   21.161  1.00 54.08 ? 320 HOH A O   1 
HETATM 1290 O  O   . HOH F 5 .   ? -0.818  -1.011  20.349  1.00 61.17 ? 321 HOH A O   1 
HETATM 1291 O  O   . HOH F 5 .   ? 1.256   0.660   19.368  1.00 59.24 ? 322 HOH A O   1 
HETATM 1292 O  O   . HOH F 5 .   ? 1.848   22.633  3.136   1.00 63.40 ? 323 HOH A O   1 
HETATM 1293 O  O   . HOH F 5 .   ? -4.309  15.118  -3.061  1.00 57.15 ? 324 HOH A O   1 
HETATM 1294 O  O   . HOH F 5 .   ? 12.897  11.678  9.644   1.00 63.82 ? 325 HOH A O   1 
HETATM 1295 O  O   . HOH F 5 .   ? -1.214  -20.579 -7.458  1.00 48.34 ? 326 HOH A O   1 
HETATM 1296 O  O   . HOH F 5 .   ? -3.485  -11.840 8.036   1.00 65.95 ? 327 HOH A O   1 
HETATM 1297 O  O   . HOH F 5 .   ? 12.541  -9.476  10.599  1.00 72.85 ? 328 HOH A O   1 
HETATM 1298 O  O   . HOH F 5 .   ? 1.907   -9.955  15.563  1.00 55.05 ? 329 HOH A O   1 
HETATM 1299 O  O   . HOH F 5 .   ? 0.294   -7.971  17.414  1.00 82.09 ? 330 HOH A O   1 
HETATM 1300 O  O   . HOH F 5 .   ? -10.302 -9.987  9.856   1.00 72.52 ? 331 HOH A O   1 
HETATM 1301 O  O   . HOH F 5 .   ? -7.028  -13.857 7.204   1.00 69.93 ? 332 HOH A O   1 
HETATM 1302 O  O   . HOH F 5 .   ? -3.370  -14.604 5.193   1.00 75.28 ? 333 HOH A O   1 
HETATM 1303 O  O   . HOH F 5 .   ? 15.973  -7.487  0.135   1.00 67.12 ? 334 HOH A O   1 
HETATM 1304 O  O   . HOH F 5 .   ? 10.002  11.579  2.149   1.00 47.28 ? 335 HOH A O   1 
HETATM 1305 O  O   . HOH F 5 .   ? 12.086  13.436  2.812   1.00 45.88 ? 336 HOH A O   1 
HETATM 1306 O  O   . HOH F 5 .   ? -10.286 1.279   -8.547  1.00 56.64 ? 337 HOH A O   1 
HETATM 1307 O  O   . HOH F 5 .   ? 13.015  -10.768 5.922   1.00 70.00 ? 338 HOH A O   1 
HETATM 1308 O  O   . HOH F 5 .   ? 17.875  1.380   6.449   1.00 69.30 ? 339 HOH A O   1 
HETATM 1309 O  O   . HOH F 5 .   ? 16.787  0.125   -0.528  1.00 71.44 ? 340 HOH A O   1 
HETATM 1310 O  O   . HOH F 5 .   ? 3.548   1.947   20.838  1.00 71.27 ? 341 HOH A O   1 
HETATM 1311 O  O   . HOH F 5 .   ? 3.307   -11.248 22.619  1.00 54.38 ? 342 HOH A O   1 
HETATM 1312 O  O   . HOH F 5 .   ? 3.928   -14.781 15.550  1.00 86.17 ? 343 HOH A O   1 
HETATM 1313 O  O   . HOH F 5 .   ? -11.971 10.790  -8.995  1.00 45.99 ? 344 HOH A O   1 
HETATM 1314 O  O   . HOH F 5 .   ? -11.487 -1.600  -17.452 1.00 68.28 ? 345 HOH A O   1 
HETATM 1315 O  O   . HOH F 5 .   ? -15.265 0.637   8.687   1.00 54.60 ? 346 HOH A O   1 
HETATM 1316 O  O   . HOH F 5 .   ? -13.606 1.314   10.830  1.00 58.43 ? 347 HOH A O   1 
HETATM 1317 O  O   . HOH F 5 .   ? -15.494 1.982   13.477  1.00 51.63 ? 348 HOH A O   1 
HETATM 1318 O  O   . HOH F 5 .   ? 13.238  1.699   -1.081  1.00 79.97 ? 349 HOH A O   1 
HETATM 1319 O  O   . HOH F 5 .   ? 5.272   17.166  -4.269  1.00 53.00 ? 350 HOH A O   1 
HETATM 1320 O  O   . HOH F 5 .   ? 13.359  6.624   9.147   1.00 62.56 ? 351 HOH A O   1 
HETATM 1321 O  O   . HOH F 5 .   ? 4.209   -17.626 -5.064  1.00 54.57 ? 352 HOH A O   1 
HETATM 1322 O  O   . HOH F 5 .   ? -3.355  15.652  4.603   1.00 50.50 ? 353 HOH A O   1 
HETATM 1323 O  O   . HOH F 5 .   ? -17.380 -8.865  12.307  1.00 62.10 ? 354 HOH A O   1 
HETATM 1324 O  O   . HOH F 5 .   ? -2.081  21.678  10.479  1.00 60.70 ? 355 HOH A O   1 
HETATM 1325 O  O   . HOH F 5 .   ? -7.249  -11.090 -15.717 1.00 70.33 ? 356 HOH A O   1 
HETATM 1326 O  O   . HOH F 5 .   ? -0.409  5.908   20.669  1.00 66.60 ? 357 HOH A O   1 
HETATM 1327 O  O   . HOH F 5 .   ? -5.045  15.016  -8.526  1.00 60.10 ? 358 HOH A O   1 
HETATM 1328 O  O   . HOH F 5 .   ? -11.145 9.871   8.998   1.00 69.21 ? 359 HOH A O   1 
HETATM 1329 O  O   . HOH F 5 .   ? 13.192  0.097   -7.816  1.00 63.05 ? 360 HOH A O   1 
HETATM 1330 O  O   . HOH F 5 .   ? 0.791   -0.338  -25.017 1.00 80.27 ? 361 HOH A O   1 
HETATM 1331 O  O   . HOH F 5 .   ? -0.477  -4.818  -22.966 1.00 54.77 ? 362 HOH A O   1 
HETATM 1332 O  O   . HOH F 5 .   ? -8.145  -4.204  14.002  1.00 51.70 ? 363 HOH A O   1 
HETATM 1333 O  O   . HOH F 5 .   ? -2.056  -9.747  -16.281 1.00 65.68 ? 364 HOH A O   1 
HETATM 1334 O  O   . HOH F 5 .   ? -3.348  -9.633  -13.049 1.00 72.86 ? 365 HOH A O   1 
HETATM 1335 O  O   . HOH F 5 .   ? -9.526  14.455  -7.623  1.00 44.82 ? 366 HOH A O   1 
HETATM 1336 O  O   . HOH F 5 .   ? -8.372  16.353  -6.242  1.00 54.06 ? 367 HOH A O   1 
HETATM 1337 O  O   . HOH F 5 .   ? 9.937   -1.210  -7.819  1.00 48.43 ? 368 HOH A O   1 
HETATM 1338 O  O   . HOH F 5 .   ? 3.548   -7.128  -17.136 1.00 64.29 ? 369 HOH A O   1 
HETATM 1339 O  O   . HOH F 5 .   ? 3.000   0.533   -22.804 1.00 59.87 ? 370 HOH A O   1 
HETATM 1340 O  O   . HOH F 5 .   ? -11.230 7.336   9.732   1.00 52.70 ? 371 HOH A O   1 
HETATM 1341 O  O   . HOH F 5 .   ? -16.710 -0.975  4.547   1.00 79.10 ? 372 HOH A O   1 
HETATM 1342 O  O   . HOH F 5 .   ? 9.928   10.511  0.007   1.00 52.73 ? 373 HOH A O   1 
HETATM 1343 O  O   . HOH F 5 .   ? 1.254   14.337  7.418   1.00 55.28 ? 374 HOH A O   1 
HETATM 1344 O  O   . HOH F 5 .   ? -4.388  22.680  11.796  1.00 71.94 ? 375 HOH A O   1 
# 
loop_
_pdbx_poly_seq_scheme.asym_id 
_pdbx_poly_seq_scheme.entity_id 
_pdbx_poly_seq_scheme.seq_id 
_pdbx_poly_seq_scheme.mon_id 
_pdbx_poly_seq_scheme.ndb_seq_num 
_pdbx_poly_seq_scheme.pdb_seq_num 
_pdbx_poly_seq_scheme.auth_seq_num 
_pdbx_poly_seq_scheme.pdb_mon_id 
_pdbx_poly_seq_scheme.auth_mon_id 
_pdbx_poly_seq_scheme.pdb_strand_id 
_pdbx_poly_seq_scheme.pdb_ins_code 
_pdbx_poly_seq_scheme.hetero 
A 1 1   SER 1   83  83  SER SER A . n 
A 1 2   ALA 2   84  84  ALA ALA A . n 
A 1 3   SER 3   85  85  SER SER A . n 
A 1 4   GLU 4   86  86  GLU GLU A . n 
A 1 5   PHE 5   87  87  PHE PHE A . n 
A 1 6   ASN 6   88  88  ASN ASN A . n 
A 1 7   ILE 7   89  89  ILE ILE A . n 
A 1 8   LEU 8   90  90  LEU LEU A . n 
A 1 9   ASN 9   91  91  ASN ASN A . n 
A 1 10  ASP 10  92  92  ASP ASP A . n 
A 1 11  GLY 11  93  93  GLY GLY A . n 
A 1 12  PRO 12  94  94  PRO PRO A . n 
A 1 13  PRO 13  95  95  PRO PRO A . n 
A 1 14  LYS 14  96  96  LYS LYS A . n 
A 1 15  GLU 15  97  97  GLU GLU A . n 
A 1 16  THR 16  98  98  THR THR A . n 
A 1 17  TYR 17  99  99  TYR TYR A . n 
A 1 18  VAL 18  100 100 VAL VAL A . n 
A 1 19  VAL 19  101 101 VAL VAL A . n 
A 1 20  ASP 20  102 102 ASP ASP A . n 
A 1 21  ASP 21  103 103 ASP ASP A . n 
A 1 22  ALA 22  104 104 ALA ALA A . n 
A 1 23  GLY 23  105 105 GLY GLY A . n 
A 1 24  VAL 24  106 106 VAL VAL A . n 
A 1 25  LEU 25  107 107 LEU LEU A . n 
A 1 26  SER 26  108 108 SER SER A . n 
A 1 27  ARG 27  109 109 ARG ARG A . n 
A 1 28  VAL 28  110 110 VAL VAL A . n 
A 1 29  THR 29  111 111 THR THR A . n 
A 1 30  LYS 30  112 112 LYS LYS A . n 
A 1 31  SER 31  113 113 SER SER A . n 
A 1 32  ASP 32  114 114 ASP ASP A . n 
A 1 33  LEU 33  115 115 LEU LEU A . n 
A 1 34  LYS 34  116 116 LYS LYS A . n 
A 1 35  LYS 35  117 117 LYS LYS A . n 
A 1 36  LEU 36  118 118 LEU LEU A . n 
A 1 37  LEU 37  119 119 LEU LEU A . n 
A 1 38  SER 38  120 120 SER SER A . n 
A 1 39  ASP 39  121 121 ASP ASP A . n 
A 1 40  LEU 40  122 122 LEU LEU A . n 
A 1 41  GLU 41  123 123 GLU GLU A . n 
A 1 42  TYR 42  124 124 TYR TYR A . n 
A 1 43  ARG 43  125 125 ARG ARG A . n 
A 1 44  LYS 44  126 126 LYS LYS A . n 
A 1 45  LYS 45  127 127 LYS LYS A . n 
A 1 46  LEU 46  128 128 LEU LEU A . n 
A 1 47  ARG 47  129 129 ARG ARG A . n 
A 1 48  LEU 48  130 130 LEU LEU A . n 
A 1 49  ASN 49  131 131 ASN ASN A . n 
A 1 50  PHE 50  132 132 PHE PHE A . n 
A 1 51  ILE 51  133 133 ILE ILE A . n 
A 1 52  THR 52  134 134 THR THR A . n 
A 1 53  VAL 53  135 135 VAL VAL A . n 
A 1 54  ARG 54  136 136 ARG ARG A . n 
A 1 55  LYS 55  137 137 LYS LYS A . n 
A 1 56  LEU 56  138 138 LEU LEU A . n 
A 1 57  THR 57  139 139 THR THR A . n 
A 1 58  SER 58  140 140 SER SER A . n 
A 1 59  LYS 59  141 141 LYS LYS A . n 
A 1 60  ALA 60  142 142 ALA ALA A . n 
A 1 61  ASP 61  143 143 ASP ASP A . n 
A 1 62  ALA 62  144 144 ALA ALA A . n 
A 1 63  PHE 63  145 145 PHE PHE A . n 
A 1 64  GLU 64  146 146 GLU GLU A . n 
A 1 65  TYR 65  147 147 TYR TYR A . n 
A 1 66  ALA 66  148 148 ALA ALA A . n 
A 1 67  ASP 67  149 149 ASP ASP A . n 
A 1 68  GLN 68  150 150 GLN GLN A . n 
A 1 69  VAL 69  151 151 VAL VAL A . n 
A 1 70  LEU 70  152 152 LEU LEU A . n 
A 1 71  GLU 71  153 153 GLU GLU A . n 
A 1 72  LYS 72  154 154 LYS LYS A . n 
A 1 73  TRP 73  155 155 TRP TRP A . n 
A 1 74  TYR 74  156 156 TYR TYR A . n 
A 1 75  PRO 75  157 157 PRO PRO A . n 
A 1 76  SER 76  158 158 SER SER A . n 
A 1 77  ILE 77  159 159 ILE ILE A . n 
A 1 78  GLU 78  160 160 GLU GLU A . n 
A 1 79  GLU 79  161 161 GLU GLU A . n 
A 1 80  GLY 80  162 162 GLY GLY A . n 
A 1 81  ASN 81  163 163 ASN ASN A . n 
A 1 82  ASN 82  164 164 ASN ASN A . n 
A 1 83  LYS 83  165 165 LYS LYS A . n 
A 1 84  GLY 84  166 166 GLY GLY A . n 
A 1 85  ILE 85  167 167 ILE ILE A . n 
A 1 86  VAL 86  168 168 VAL VAL A . n 
A 1 87  VAL 87  169 169 VAL VAL A . n 
A 1 88  LEU 88  170 170 LEU LEU A . n 
A 1 89  ILE 89  171 171 ILE ILE A . n 
A 1 90  THR 90  172 172 THR THR A . n 
A 1 91  SER 91  173 173 SER SER A . n 
A 1 92  GLN 92  174 174 GLN GLN A . n 
A 1 93  LYS 93  175 175 LYS LYS A . n 
A 1 94  GLU 94  176 176 GLU GLU A . n 
A 1 95  GLY 95  177 177 GLY GLY A . n 
A 1 96  ALA 96  178 178 ALA ALA A . n 
A 1 97  ILE 97  179 179 ILE ILE A . n 
A 1 98  THR 98  180 180 THR THR A . n 
A 1 99  GLY 99  181 181 GLY GLY A . n 
A 1 100 GLY 100 182 182 GLY GLY A . n 
A 1 101 PRO 101 183 183 PRO PRO A . n 
A 1 102 ALA 102 184 184 ALA ALA A . n 
A 1 103 PHE 103 185 185 PHE PHE A . n 
A 1 104 ILE 104 186 186 ILE ILE A . n 
A 1 105 GLU 105 187 187 GLU GLU A . n 
A 1 106 ALA 106 188 188 ALA ALA A . n 
A 1 107 VAL 107 189 189 VAL VAL A . n 
A 1 108 GLY 108 190 190 GLY GLY A . n 
A 1 109 GLU 109 191 191 GLU GLU A . n 
A 1 110 ASN 110 192 192 ASN ASN A . n 
A 1 111 ILE 111 193 193 ILE ILE A . n 
A 1 112 LEU 112 194 194 LEU LEU A . n 
A 1 113 ASP 113 195 195 ASP ASP A . n 
A 1 114 ALA 114 196 196 ALA ALA A . n 
A 1 115 THR 115 197 197 THR THR A . n 
A 1 116 VAL 116 198 198 VAL VAL A . n 
A 1 117 SER 117 199 199 SER SER A . n 
A 1 118 GLU 118 200 200 GLU GLU A . n 
A 1 119 ASN 119 201 201 ASN ASN A . n 
A 1 120 LEU 120 202 202 LEU LEU A . n 
A 1 121 PRO 121 203 203 PRO PRO A . n 
A 1 122 VAL 122 204 204 VAL VAL A . n 
A 1 123 LEU 123 205 205 LEU LEU A . n 
A 1 124 ALA 124 206 206 ALA ALA A . n 
A 1 125 THR 125 207 207 THR THR A . n 
A 1 126 ASP 126 208 208 ASP ASP A . n 
A 1 127 GLU 127 209 209 GLU GLU A . n 
A 1 128 LYS 128 210 210 LYS LYS A . n 
A 1 129 TYR 129 211 211 TYR TYR A . n 
A 1 130 ASN 130 212 212 ASN ASN A . n 
A 1 131 GLU 131 213 213 GLU GLU A . n 
A 1 132 ALA 132 214 214 ALA ALA A . n 
A 1 133 VAL 133 215 215 VAL VAL A . n 
A 1 134 TYR 134 216 216 TYR TYR A . n 
A 1 135 SER 135 217 217 SER SER A . n 
A 1 136 SER 136 218 218 SER SER A . n 
A 1 137 ALA 137 219 219 ALA ALA A . n 
A 1 138 LYS 138 220 220 LYS LYS A . n 
A 1 139 ARG 139 221 221 ARG ARG A . n 
A 1 140 LEU 140 222 222 LEU LEU A . n 
A 1 141 VAL 141 223 223 VAL VAL A . n 
A 1 142 ALA 142 224 224 ALA ALA A . n 
A 1 143 ALA 143 225 225 ALA ALA A . n 
A 1 144 ILE 144 226 226 ILE ILE A . n 
A 1 145 ASP 145 227 227 ASP ASP A . n 
A 1 146 GLY 146 228 228 GLY GLY A . n 
A 1 147 GLN 147 229 229 GLN GLN A . n 
A 1 148 PRO 148 230 230 PRO PRO A . n 
A 1 149 ASP 149 231 231 ASP ASP A . n 
A 1 150 PRO 150 232 232 PRO PRO A . n 
A 1 151 GLY 151 233 233 GLY GLY A . n 
A 1 152 GLY 152 234 234 GLY GLY A . n 
A 1 153 PRO 153 235 235 PRO PRO A . n 
# 
loop_
_pdbx_nonpoly_scheme.asym_id 
_pdbx_nonpoly_scheme.entity_id 
_pdbx_nonpoly_scheme.mon_id 
_pdbx_nonpoly_scheme.ndb_seq_num 
_pdbx_nonpoly_scheme.pdb_seq_num 
_pdbx_nonpoly_scheme.auth_seq_num 
_pdbx_nonpoly_scheme.pdb_mon_id 
_pdbx_nonpoly_scheme.auth_mon_id 
_pdbx_nonpoly_scheme.pdb_strand_id 
_pdbx_nonpoly_scheme.pdb_ins_code 
B 2 SER 1   305 305 SER SER A . 
C 3 CA  1   301 301 CA  CA  A . 
D 4 GOL 1   302 302 GOL GOL A . 
E 4 GOL 1   303 303 GOL GOL A . 
F 5 HOH 1   1   1   HOH HOH A . 
F 5 HOH 2   2   2   HOH HOH A . 
F 5 HOH 3   3   3   HOH HOH A . 
F 5 HOH 4   4   4   HOH HOH A . 
F 5 HOH 5   5   5   HOH HOH A . 
F 5 HOH 6   6   6   HOH HOH A . 
F 5 HOH 7   7   7   HOH HOH A . 
F 5 HOH 8   8   8   HOH HOH A . 
F 5 HOH 9   9   9   HOH HOH A . 
F 5 HOH 10  10  10  HOH HOH A . 
F 5 HOH 11  11  11  HOH HOH A . 
F 5 HOH 12  12  12  HOH HOH A . 
F 5 HOH 13  13  13  HOH HOH A . 
F 5 HOH 14  14  14  HOH HOH A . 
F 5 HOH 15  15  15  HOH HOH A . 
F 5 HOH 16  16  16  HOH HOH A . 
F 5 HOH 17  17  17  HOH HOH A . 
F 5 HOH 18  18  18  HOH HOH A . 
F 5 HOH 19  19  19  HOH HOH A . 
F 5 HOH 20  20  20  HOH HOH A . 
F 5 HOH 21  21  21  HOH HOH A . 
F 5 HOH 22  22  22  HOH HOH A . 
F 5 HOH 23  23  23  HOH HOH A . 
F 5 HOH 24  24  24  HOH HOH A . 
F 5 HOH 25  25  25  HOH HOH A . 
F 5 HOH 26  26  26  HOH HOH A . 
F 5 HOH 27  27  27  HOH HOH A . 
F 5 HOH 28  28  28  HOH HOH A . 
F 5 HOH 29  29  29  HOH HOH A . 
F 5 HOH 30  30  30  HOH HOH A . 
F 5 HOH 31  31  31  HOH HOH A . 
F 5 HOH 32  32  32  HOH HOH A . 
F 5 HOH 33  33  33  HOH HOH A . 
F 5 HOH 34  34  34  HOH HOH A . 
F 5 HOH 35  35  35  HOH HOH A . 
F 5 HOH 36  36  36  HOH HOH A . 
F 5 HOH 37  37  37  HOH HOH A . 
F 5 HOH 38  38  38  HOH HOH A . 
F 5 HOH 39  39  39  HOH HOH A . 
F 5 HOH 40  40  40  HOH HOH A . 
F 5 HOH 41  41  41  HOH HOH A . 
F 5 HOH 42  42  42  HOH HOH A . 
F 5 HOH 43  43  43  HOH HOH A . 
F 5 HOH 44  44  44  HOH HOH A . 
F 5 HOH 45  45  45  HOH HOH A . 
F 5 HOH 46  46  46  HOH HOH A . 
F 5 HOH 47  47  47  HOH HOH A . 
F 5 HOH 48  48  48  HOH HOH A . 
F 5 HOH 49  49  49  HOH HOH A . 
F 5 HOH 50  50  50  HOH HOH A . 
F 5 HOH 51  51  51  HOH HOH A . 
F 5 HOH 52  52  52  HOH HOH A . 
F 5 HOH 53  53  53  HOH HOH A . 
F 5 HOH 54  54  54  HOH HOH A . 
F 5 HOH 55  55  55  HOH HOH A . 
F 5 HOH 56  56  56  HOH HOH A . 
F 5 HOH 57  57  57  HOH HOH A . 
F 5 HOH 58  58  58  HOH HOH A . 
F 5 HOH 59  59  59  HOH HOH A . 
F 5 HOH 60  60  60  HOH HOH A . 
F 5 HOH 61  61  61  HOH HOH A . 
F 5 HOH 62  62  62  HOH HOH A . 
F 5 HOH 63  63  63  HOH HOH A . 
F 5 HOH 64  64  64  HOH HOH A . 
F 5 HOH 65  65  65  HOH HOH A . 
F 5 HOH 66  66  66  HOH HOH A . 
F 5 HOH 67  67  67  HOH HOH A . 
F 5 HOH 68  68  68  HOH HOH A . 
F 5 HOH 69  69  69  HOH HOH A . 
F 5 HOH 70  70  70  HOH HOH A . 
F 5 HOH 71  71  71  HOH HOH A . 
F 5 HOH 72  72  72  HOH HOH A . 
F 5 HOH 73  73  73  HOH HOH A . 
F 5 HOH 74  74  74  HOH HOH A . 
F 5 HOH 75  75  75  HOH HOH A . 
F 5 HOH 76  76  76  HOH HOH A . 
F 5 HOH 77  77  77  HOH HOH A . 
F 5 HOH 78  78  78  HOH HOH A . 
F 5 HOH 79  81  81  HOH HOH A . 
F 5 HOH 80  82  82  HOH HOH A . 
F 5 HOH 81  306 83  HOH HOH A . 
F 5 HOH 82  307 84  HOH HOH A . 
F 5 HOH 83  308 85  HOH HOH A . 
F 5 HOH 84  309 86  HOH HOH A . 
F 5 HOH 85  310 87  HOH HOH A . 
F 5 HOH 86  311 88  HOH HOH A . 
F 5 HOH 87  312 89  HOH HOH A . 
F 5 HOH 88  313 90  HOH HOH A . 
F 5 HOH 89  314 91  HOH HOH A . 
F 5 HOH 90  315 92  HOH HOH A . 
F 5 HOH 91  316 93  HOH HOH A . 
F 5 HOH 92  317 94  HOH HOH A . 
F 5 HOH 93  318 95  HOH HOH A . 
F 5 HOH 94  319 96  HOH HOH A . 
F 5 HOH 95  320 97  HOH HOH A . 
F 5 HOH 96  321 98  HOH HOH A . 
F 5 HOH 97  322 99  HOH HOH A . 
F 5 HOH 98  323 100 HOH HOH A . 
F 5 HOH 99  324 101 HOH HOH A . 
F 5 HOH 100 325 102 HOH HOH A . 
F 5 HOH 101 326 103 HOH HOH A . 
F 5 HOH 102 327 104 HOH HOH A . 
F 5 HOH 103 328 105 HOH HOH A . 
F 5 HOH 104 329 106 HOH HOH A . 
F 5 HOH 105 330 107 HOH HOH A . 
F 5 HOH 106 331 108 HOH HOH A . 
F 5 HOH 107 332 109 HOH HOH A . 
F 5 HOH 108 333 110 HOH HOH A . 
F 5 HOH 109 334 112 HOH HOH A . 
F 5 HOH 110 335 113 HOH HOH A . 
F 5 HOH 111 336 114 HOH HOH A . 
F 5 HOH 112 337 115 HOH HOH A . 
F 5 HOH 113 338 116 HOH HOH A . 
F 5 HOH 114 339 117 HOH HOH A . 
F 5 HOH 115 340 118 HOH HOH A . 
F 5 HOH 116 341 119 HOH HOH A . 
F 5 HOH 117 342 120 HOH HOH A . 
F 5 HOH 118 343 121 HOH HOH A . 
F 5 HOH 119 344 123 HOH HOH A . 
F 5 HOH 120 345 124 HOH HOH A . 
F 5 HOH 121 346 125 HOH HOH A . 
F 5 HOH 122 347 126 HOH HOH A . 
F 5 HOH 123 348 127 HOH HOH A . 
F 5 HOH 124 349 128 HOH HOH A . 
F 5 HOH 125 350 129 HOH HOH A . 
F 5 HOH 126 351 130 HOH HOH A . 
F 5 HOH 127 352 131 HOH HOH A . 
F 5 HOH 128 353 132 HOH HOH A . 
F 5 HOH 129 354 133 HOH HOH A . 
F 5 HOH 130 355 134 HOH HOH A . 
F 5 HOH 131 356 135 HOH HOH A . 
F 5 HOH 132 357 136 HOH HOH A . 
F 5 HOH 133 358 139 HOH HOH A . 
F 5 HOH 134 359 140 HOH HOH A . 
F 5 HOH 135 360 141 HOH HOH A . 
F 5 HOH 136 361 142 HOH HOH A . 
F 5 HOH 137 362 143 HOH HOH A . 
F 5 HOH 138 363 144 HOH HOH A . 
F 5 HOH 139 364 145 HOH HOH A . 
F 5 HOH 140 365 146 HOH HOH A . 
F 5 HOH 141 366 147 HOH HOH A . 
F 5 HOH 142 367 148 HOH HOH A . 
F 5 HOH 143 368 149 HOH HOH A . 
F 5 HOH 144 369 150 HOH HOH A . 
F 5 HOH 145 370 151 HOH HOH A . 
F 5 HOH 146 371 152 HOH HOH A . 
F 5 HOH 147 372 153 HOH HOH A . 
F 5 HOH 148 373 154 HOH HOH A . 
F 5 HOH 149 374 155 HOH HOH A . 
F 5 HOH 150 375 156 HOH HOH A . 
# 
_pdbx_struct_assembly.id                   1 
_pdbx_struct_assembly.details              author_and_software_defined_assembly 
_pdbx_struct_assembly.method_details       PISA 
_pdbx_struct_assembly.oligomeric_details   monomeric 
_pdbx_struct_assembly.oligomeric_count     1 
# 
_pdbx_struct_assembly_gen.assembly_id       1 
_pdbx_struct_assembly_gen.oper_expression   1 
_pdbx_struct_assembly_gen.asym_id_list      A,B,C,D,E,F 
# 
_pdbx_struct_oper_list.id                   1 
_pdbx_struct_oper_list.type                 'identity operation' 
_pdbx_struct_oper_list.name                 1_555 
_pdbx_struct_oper_list.symmetry_operation   x,y,z 
_pdbx_struct_oper_list.matrix[1][1]         1.0000000000 
_pdbx_struct_oper_list.matrix[1][2]         0.0000000000 
_pdbx_struct_oper_list.matrix[1][3]         0.0000000000 
_pdbx_struct_oper_list.vector[1]            0.0000000000 
_pdbx_struct_oper_list.matrix[2][1]         0.0000000000 
_pdbx_struct_oper_list.matrix[2][2]         1.0000000000 
_pdbx_struct_oper_list.matrix[2][3]         0.0000000000 
_pdbx_struct_oper_list.vector[2]            0.0000000000 
_pdbx_struct_oper_list.matrix[3][1]         0.0000000000 
_pdbx_struct_oper_list.matrix[3][2]         0.0000000000 
_pdbx_struct_oper_list.matrix[3][3]         1.0000000000 
_pdbx_struct_oper_list.vector[3]            0.0000000000 
# 
loop_
_pdbx_struct_conn_angle.id 
_pdbx_struct_conn_angle.ptnr1_label_atom_id 
_pdbx_struct_conn_angle.ptnr1_label_alt_id 
_pdbx_struct_conn_angle.ptnr1_label_asym_id 
_pdbx_struct_conn_angle.ptnr1_label_comp_id 
_pdbx_struct_conn_angle.ptnr1_label_seq_id 
_pdbx_struct_conn_angle.ptnr1_auth_atom_id 
_pdbx_struct_conn_angle.ptnr1_auth_asym_id 
_pdbx_struct_conn_angle.ptnr1_auth_comp_id 
_pdbx_struct_conn_angle.ptnr1_auth_seq_id 
_pdbx_struct_conn_angle.ptnr1_PDB_ins_code 
_pdbx_struct_conn_angle.ptnr1_symmetry 
_pdbx_struct_conn_angle.ptnr2_label_atom_id 
_pdbx_struct_conn_angle.ptnr2_label_alt_id 
_pdbx_struct_conn_angle.ptnr2_label_asym_id 
_pdbx_struct_conn_angle.ptnr2_label_comp_id 
_pdbx_struct_conn_angle.ptnr2_label_seq_id 
_pdbx_struct_conn_angle.ptnr2_auth_atom_id 
_pdbx_struct_conn_angle.ptnr2_auth_asym_id 
_pdbx_struct_conn_angle.ptnr2_auth_comp_id 
_pdbx_struct_conn_angle.ptnr2_auth_seq_id 
_pdbx_struct_conn_angle.ptnr2_PDB_ins_code 
_pdbx_struct_conn_angle.ptnr2_symmetry 
_pdbx_struct_conn_angle.ptnr3_label_atom_id 
_pdbx_struct_conn_angle.ptnr3_label_alt_id 
_pdbx_struct_conn_angle.ptnr3_label_asym_id 
_pdbx_struct_conn_angle.ptnr3_label_comp_id 
_pdbx_struct_conn_angle.ptnr3_label_seq_id 
_pdbx_struct_conn_angle.ptnr3_auth_atom_id 
_pdbx_struct_conn_angle.ptnr3_auth_asym_id 
_pdbx_struct_conn_angle.ptnr3_auth_comp_id 
_pdbx_struct_conn_angle.ptnr3_auth_seq_id 
_pdbx_struct_conn_angle.ptnr3_PDB_ins_code 
_pdbx_struct_conn_angle.ptnr3_symmetry 
_pdbx_struct_conn_angle.value 
_pdbx_struct_conn_angle.value_esd 
1 O ? F HOH . ? A HOH 38 ? 1_555 CA ? C CA . ? A CA 301 ? 1_555 O   ? F HOH .  ? A HOH 39  ? 1_555 88.2  ? 
2 O ? F HOH . ? A HOH 38 ? 1_555 CA ? C CA . ? A CA 301 ? 1_555 OD2 ? A ASP 21 ? A ASP 103 ? 1_555 101.9 ? 
3 O ? F HOH . ? A HOH 39 ? 1_555 CA ? C CA . ? A CA 301 ? 1_555 OD2 ? A ASP 21 ? A ASP 103 ? 1_555 121.5 ? 
# 
loop_
_pdbx_audit_revision_history.ordinal 
_pdbx_audit_revision_history.data_content_type 
_pdbx_audit_revision_history.major_revision 
_pdbx_audit_revision_history.minor_revision 
_pdbx_audit_revision_history.revision_date 
1 'Structure model' 1 0 2011-10-26 
2 'Structure model' 1 1 2012-01-25 
3 'Structure model' 1 2 2023-11-01 
# 
_pdbx_audit_revision_details.ordinal             1 
_pdbx_audit_revision_details.revision_ordinal    1 
_pdbx_audit_revision_details.data_content_type   'Structure model' 
_pdbx_audit_revision_details.provider            repository 
_pdbx_audit_revision_details.type                'Initial release' 
_pdbx_audit_revision_details.description         ? 
_pdbx_audit_revision_details.details             ? 
# 
loop_
_pdbx_audit_revision_group.ordinal 
_pdbx_audit_revision_group.revision_ordinal 
_pdbx_audit_revision_group.data_content_type 
_pdbx_audit_revision_group.group 
1 2 'Structure model' 'Database references'    
2 3 'Structure model' 'Data collection'        
3 3 'Structure model' 'Database references'    
4 3 'Structure model' 'Derived calculations'   
5 3 'Structure model' 'Refinement description' 
# 
loop_
_pdbx_audit_revision_category.ordinal 
_pdbx_audit_revision_category.revision_ordinal 
_pdbx_audit_revision_category.data_content_type 
_pdbx_audit_revision_category.category 
1 3 'Structure model' chem_comp_atom                
2 3 'Structure model' chem_comp_bond                
3 3 'Structure model' database_2                    
4 3 'Structure model' pdbx_initial_refinement_model 
5 3 'Structure model' pdbx_struct_conn_angle        
6 3 'Structure model' struct_conn                   
7 3 'Structure model' struct_ref_seq_dif            
8 3 'Structure model' struct_site                   
# 
loop_
_pdbx_audit_revision_item.ordinal 
_pdbx_audit_revision_item.revision_ordinal 
_pdbx_audit_revision_item.data_content_type 
_pdbx_audit_revision_item.item 
1  3 'Structure model' '_database_2.pdbx_DOI'                        
2  3 'Structure model' '_database_2.pdbx_database_accession'         
3  3 'Structure model' '_pdbx_struct_conn_angle.ptnr1_auth_comp_id'  
4  3 'Structure model' '_pdbx_struct_conn_angle.ptnr1_auth_seq_id'   
5  3 'Structure model' '_pdbx_struct_conn_angle.ptnr1_label_asym_id' 
6  3 'Structure model' '_pdbx_struct_conn_angle.ptnr1_label_atom_id' 
7  3 'Structure model' '_pdbx_struct_conn_angle.ptnr1_label_comp_id' 
8  3 'Structure model' '_pdbx_struct_conn_angle.ptnr1_label_seq_id'  
9  3 'Structure model' '_pdbx_struct_conn_angle.ptnr3_auth_comp_id'  
10 3 'Structure model' '_pdbx_struct_conn_angle.ptnr3_auth_seq_id'   
11 3 'Structure model' '_pdbx_struct_conn_angle.ptnr3_label_asym_id' 
12 3 'Structure model' '_pdbx_struct_conn_angle.ptnr3_label_atom_id' 
13 3 'Structure model' '_pdbx_struct_conn_angle.ptnr3_label_comp_id' 
14 3 'Structure model' '_pdbx_struct_conn_angle.ptnr3_label_seq_id'  
15 3 'Structure model' '_pdbx_struct_conn_angle.value'               
16 3 'Structure model' '_struct_conn.pdbx_dist_value'                
17 3 'Structure model' '_struct_conn.ptnr1_auth_comp_id'             
18 3 'Structure model' '_struct_conn.ptnr1_auth_seq_id'              
19 3 'Structure model' '_struct_conn.ptnr1_label_asym_id'            
20 3 'Structure model' '_struct_conn.ptnr1_label_atom_id'            
21 3 'Structure model' '_struct_conn.ptnr1_label_comp_id'            
22 3 'Structure model' '_struct_conn.ptnr1_label_seq_id'             
23 3 'Structure model' '_struct_conn.ptnr2_auth_comp_id'             
24 3 'Structure model' '_struct_conn.ptnr2_auth_seq_id'              
25 3 'Structure model' '_struct_conn.ptnr2_label_asym_id'            
26 3 'Structure model' '_struct_conn.ptnr2_label_atom_id'            
27 3 'Structure model' '_struct_conn.ptnr2_label_comp_id'            
28 3 'Structure model' '_struct_ref_seq_dif.details'                 
29 3 'Structure model' '_struct_site.pdbx_auth_asym_id'              
30 3 'Structure model' '_struct_site.pdbx_auth_comp_id'              
31 3 'Structure model' '_struct_site.pdbx_auth_seq_id'               
# 
loop_
_software.name 
_software.classification 
_software.version 
_software.citation_id 
_software.pdbx_ordinal 
ADSC      'data collection' Quantum ? 1 
CNS       refinement        .       ? 2 
HKL-2000  'data reduction'  .       ? 3 
SCALEPACK 'data scaling'    .       ? 4 
CNS       phasing           .       ? 5 
# 
_pdbx_validate_close_contact.id               1 
_pdbx_validate_close_contact.PDB_model_num    1 
_pdbx_validate_close_contact.auth_atom_id_1   O 
_pdbx_validate_close_contact.auth_asym_id_1   A 
_pdbx_validate_close_contact.auth_comp_id_1   HOH 
_pdbx_validate_close_contact.auth_seq_id_1    312 
_pdbx_validate_close_contact.PDB_ins_code_1   ? 
_pdbx_validate_close_contact.label_alt_id_1   ? 
_pdbx_validate_close_contact.auth_atom_id_2   O 
_pdbx_validate_close_contact.auth_asym_id_2   A 
_pdbx_validate_close_contact.auth_comp_id_2   HOH 
_pdbx_validate_close_contact.auth_seq_id_2    335 
_pdbx_validate_close_contact.PDB_ins_code_2   ? 
_pdbx_validate_close_contact.label_alt_id_2   ? 
_pdbx_validate_close_contact.dist             2.18 
# 
loop_
_pdbx_validate_torsion.id 
_pdbx_validate_torsion.PDB_model_num 
_pdbx_validate_torsion.auth_comp_id 
_pdbx_validate_torsion.auth_asym_id 
_pdbx_validate_torsion.auth_seq_id 
_pdbx_validate_torsion.PDB_ins_code 
_pdbx_validate_torsion.label_alt_id 
_pdbx_validate_torsion.phi 
_pdbx_validate_torsion.psi 
1 1 PRO A 157 ? ? -68.22  13.53  
2 1 GLU A 200 ? ? -118.50 -83.67 
3 1 LYS A 210 ? ? -113.03 66.23  
# 
loop_
_chem_comp_atom.comp_id 
_chem_comp_atom.atom_id 
_chem_comp_atom.type_symbol 
_chem_comp_atom.pdbx_aromatic_flag 
_chem_comp_atom.pdbx_stereo_config 
_chem_comp_atom.pdbx_ordinal 
ALA N    N  N N 1   
ALA CA   C  N S 2   
ALA C    C  N N 3   
ALA O    O  N N 4   
ALA CB   C  N N 5   
ALA OXT  O  N N 6   
ALA H    H  N N 7   
ALA H2   H  N N 8   
ALA HA   H  N N 9   
ALA HB1  H  N N 10  
ALA HB2  H  N N 11  
ALA HB3  H  N N 12  
ALA HXT  H  N N 13  
ARG N    N  N N 14  
ARG CA   C  N S 15  
ARG C    C  N N 16  
ARG O    O  N N 17  
ARG CB   C  N N 18  
ARG CG   C  N N 19  
ARG CD   C  N N 20  
ARG NE   N  N N 21  
ARG CZ   C  N N 22  
ARG NH1  N  N N 23  
ARG NH2  N  N N 24  
ARG OXT  O  N N 25  
ARG H    H  N N 26  
ARG H2   H  N N 27  
ARG HA   H  N N 28  
ARG HB2  H  N N 29  
ARG HB3  H  N N 30  
ARG HG2  H  N N 31  
ARG HG3  H  N N 32  
ARG HD2  H  N N 33  
ARG HD3  H  N N 34  
ARG HE   H  N N 35  
ARG HH11 H  N N 36  
ARG HH12 H  N N 37  
ARG HH21 H  N N 38  
ARG HH22 H  N N 39  
ARG HXT  H  N N 40  
ASN N    N  N N 41  
ASN CA   C  N S 42  
ASN C    C  N N 43  
ASN O    O  N N 44  
ASN CB   C  N N 45  
ASN CG   C  N N 46  
ASN OD1  O  N N 47  
ASN ND2  N  N N 48  
ASN OXT  O  N N 49  
ASN H    H  N N 50  
ASN H2   H  N N 51  
ASN HA   H  N N 52  
ASN HB2  H  N N 53  
ASN HB3  H  N N 54  
ASN HD21 H  N N 55  
ASN HD22 H  N N 56  
ASN HXT  H  N N 57  
ASP N    N  N N 58  
ASP CA   C  N S 59  
ASP C    C  N N 60  
ASP O    O  N N 61  
ASP CB   C  N N 62  
ASP CG   C  N N 63  
ASP OD1  O  N N 64  
ASP OD2  O  N N 65  
ASP OXT  O  N N 66  
ASP H    H  N N 67  
ASP H2   H  N N 68  
ASP HA   H  N N 69  
ASP HB2  H  N N 70  
ASP HB3  H  N N 71  
ASP HD2  H  N N 72  
ASP HXT  H  N N 73  
CA  CA   CA N N 74  
GLN N    N  N N 75  
GLN CA   C  N S 76  
GLN C    C  N N 77  
GLN O    O  N N 78  
GLN CB   C  N N 79  
GLN CG   C  N N 80  
GLN CD   C  N N 81  
GLN OE1  O  N N 82  
GLN NE2  N  N N 83  
GLN OXT  O  N N 84  
GLN H    H  N N 85  
GLN H2   H  N N 86  
GLN HA   H  N N 87  
GLN HB2  H  N N 88  
GLN HB3  H  N N 89  
GLN HG2  H  N N 90  
GLN HG3  H  N N 91  
GLN HE21 H  N N 92  
GLN HE22 H  N N 93  
GLN HXT  H  N N 94  
GLU N    N  N N 95  
GLU CA   C  N S 96  
GLU C    C  N N 97  
GLU O    O  N N 98  
GLU CB   C  N N 99  
GLU CG   C  N N 100 
GLU CD   C  N N 101 
GLU OE1  O  N N 102 
GLU OE2  O  N N 103 
GLU OXT  O  N N 104 
GLU H    H  N N 105 
GLU H2   H  N N 106 
GLU HA   H  N N 107 
GLU HB2  H  N N 108 
GLU HB3  H  N N 109 
GLU HG2  H  N N 110 
GLU HG3  H  N N 111 
GLU HE2  H  N N 112 
GLU HXT  H  N N 113 
GLY N    N  N N 114 
GLY CA   C  N N 115 
GLY C    C  N N 116 
GLY O    O  N N 117 
GLY OXT  O  N N 118 
GLY H    H  N N 119 
GLY H2   H  N N 120 
GLY HA2  H  N N 121 
GLY HA3  H  N N 122 
GLY HXT  H  N N 123 
GOL C1   C  N N 124 
GOL O1   O  N N 125 
GOL C2   C  N N 126 
GOL O2   O  N N 127 
GOL C3   C  N N 128 
GOL O3   O  N N 129 
GOL H11  H  N N 130 
GOL H12  H  N N 131 
GOL HO1  H  N N 132 
GOL H2   H  N N 133 
GOL HO2  H  N N 134 
GOL H31  H  N N 135 
GOL H32  H  N N 136 
GOL HO3  H  N N 137 
HOH O    O  N N 138 
HOH H1   H  N N 139 
HOH H2   H  N N 140 
ILE N    N  N N 141 
ILE CA   C  N S 142 
ILE C    C  N N 143 
ILE O    O  N N 144 
ILE CB   C  N S 145 
ILE CG1  C  N N 146 
ILE CG2  C  N N 147 
ILE CD1  C  N N 148 
ILE OXT  O  N N 149 
ILE H    H  N N 150 
ILE H2   H  N N 151 
ILE HA   H  N N 152 
ILE HB   H  N N 153 
ILE HG12 H  N N 154 
ILE HG13 H  N N 155 
ILE HG21 H  N N 156 
ILE HG22 H  N N 157 
ILE HG23 H  N N 158 
ILE HD11 H  N N 159 
ILE HD12 H  N N 160 
ILE HD13 H  N N 161 
ILE HXT  H  N N 162 
LEU N    N  N N 163 
LEU CA   C  N S 164 
LEU C    C  N N 165 
LEU O    O  N N 166 
LEU CB   C  N N 167 
LEU CG   C  N N 168 
LEU CD1  C  N N 169 
LEU CD2  C  N N 170 
LEU OXT  O  N N 171 
LEU H    H  N N 172 
LEU H2   H  N N 173 
LEU HA   H  N N 174 
LEU HB2  H  N N 175 
LEU HB3  H  N N 176 
LEU HG   H  N N 177 
LEU HD11 H  N N 178 
LEU HD12 H  N N 179 
LEU HD13 H  N N 180 
LEU HD21 H  N N 181 
LEU HD22 H  N N 182 
LEU HD23 H  N N 183 
LEU HXT  H  N N 184 
LYS N    N  N N 185 
LYS CA   C  N S 186 
LYS C    C  N N 187 
LYS O    O  N N 188 
LYS CB   C  N N 189 
LYS CG   C  N N 190 
LYS CD   C  N N 191 
LYS CE   C  N N 192 
LYS NZ   N  N N 193 
LYS OXT  O  N N 194 
LYS H    H  N N 195 
LYS H2   H  N N 196 
LYS HA   H  N N 197 
LYS HB2  H  N N 198 
LYS HB3  H  N N 199 
LYS HG2  H  N N 200 
LYS HG3  H  N N 201 
LYS HD2  H  N N 202 
LYS HD3  H  N N 203 
LYS HE2  H  N N 204 
LYS HE3  H  N N 205 
LYS HZ1  H  N N 206 
LYS HZ2  H  N N 207 
LYS HZ3  H  N N 208 
LYS HXT  H  N N 209 
PHE N    N  N N 210 
PHE CA   C  N S 211 
PHE C    C  N N 212 
PHE O    O  N N 213 
PHE CB   C  N N 214 
PHE CG   C  Y N 215 
PHE CD1  C  Y N 216 
PHE CD2  C  Y N 217 
PHE CE1  C  Y N 218 
PHE CE2  C  Y N 219 
PHE CZ   C  Y N 220 
PHE OXT  O  N N 221 
PHE H    H  N N 222 
PHE H2   H  N N 223 
PHE HA   H  N N 224 
PHE HB2  H  N N 225 
PHE HB3  H  N N 226 
PHE HD1  H  N N 227 
PHE HD2  H  N N 228 
PHE HE1  H  N N 229 
PHE HE2  H  N N 230 
PHE HZ   H  N N 231 
PHE HXT  H  N N 232 
PRO N    N  N N 233 
PRO CA   C  N S 234 
PRO C    C  N N 235 
PRO O    O  N N 236 
PRO CB   C  N N 237 
PRO CG   C  N N 238 
PRO CD   C  N N 239 
PRO OXT  O  N N 240 
PRO H    H  N N 241 
PRO HA   H  N N 242 
PRO HB2  H  N N 243 
PRO HB3  H  N N 244 
PRO HG2  H  N N 245 
PRO HG3  H  N N 246 
PRO HD2  H  N N 247 
PRO HD3  H  N N 248 
PRO HXT  H  N N 249 
SER N    N  N N 250 
SER CA   C  N S 251 
SER C    C  N N 252 
SER O    O  N N 253 
SER CB   C  N N 254 
SER OG   O  N N 255 
SER OXT  O  N N 256 
SER H    H  N N 257 
SER H2   H  N N 258 
SER HA   H  N N 259 
SER HB2  H  N N 260 
SER HB3  H  N N 261 
SER HG   H  N N 262 
SER HXT  H  N N 263 
THR N    N  N N 264 
THR CA   C  N S 265 
THR C    C  N N 266 
THR O    O  N N 267 
THR CB   C  N R 268 
THR OG1  O  N N 269 
THR CG2  C  N N 270 
THR OXT  O  N N 271 
THR H    H  N N 272 
THR H2   H  N N 273 
THR HA   H  N N 274 
THR HB   H  N N 275 
THR HG1  H  N N 276 
THR HG21 H  N N 277 
THR HG22 H  N N 278 
THR HG23 H  N N 279 
THR HXT  H  N N 280 
TRP N    N  N N 281 
TRP CA   C  N S 282 
TRP C    C  N N 283 
TRP O    O  N N 284 
TRP CB   C  N N 285 
TRP CG   C  Y N 286 
TRP CD1  C  Y N 287 
TRP CD2  C  Y N 288 
TRP NE1  N  Y N 289 
TRP CE2  C  Y N 290 
TRP CE3  C  Y N 291 
TRP CZ2  C  Y N 292 
TRP CZ3  C  Y N 293 
TRP CH2  C  Y N 294 
TRP OXT  O  N N 295 
TRP H    H  N N 296 
TRP H2   H  N N 297 
TRP HA   H  N N 298 
TRP HB2  H  N N 299 
TRP HB3  H  N N 300 
TRP HD1  H  N N 301 
TRP HE1  H  N N 302 
TRP HE3  H  N N 303 
TRP HZ2  H  N N 304 
TRP HZ3  H  N N 305 
TRP HH2  H  N N 306 
TRP HXT  H  N N 307 
TYR N    N  N N 308 
TYR CA   C  N S 309 
TYR C    C  N N 310 
TYR O    O  N N 311 
TYR CB   C  N N 312 
TYR CG   C  Y N 313 
TYR CD1  C  Y N 314 
TYR CD2  C  Y N 315 
TYR CE1  C  Y N 316 
TYR CE2  C  Y N 317 
TYR CZ   C  Y N 318 
TYR OH   O  N N 319 
TYR OXT  O  N N 320 
TYR H    H  N N 321 
TYR H2   H  N N 322 
TYR HA   H  N N 323 
TYR HB2  H  N N 324 
TYR HB3  H  N N 325 
TYR HD1  H  N N 326 
TYR HD2  H  N N 327 
TYR HE1  H  N N 328 
TYR HE2  H  N N 329 
TYR HH   H  N N 330 
TYR HXT  H  N N 331 
VAL N    N  N N 332 
VAL CA   C  N S 333 
VAL C    C  N N 334 
VAL O    O  N N 335 
VAL CB   C  N N 336 
VAL CG1  C  N N 337 
VAL CG2  C  N N 338 
VAL OXT  O  N N 339 
VAL H    H  N N 340 
VAL H2   H  N N 341 
VAL HA   H  N N 342 
VAL HB   H  N N 343 
VAL HG11 H  N N 344 
VAL HG12 H  N N 345 
VAL HG13 H  N N 346 
VAL HG21 H  N N 347 
VAL HG22 H  N N 348 
VAL HG23 H  N N 349 
VAL HXT  H  N N 350 
# 
loop_
_chem_comp_bond.comp_id 
_chem_comp_bond.atom_id_1 
_chem_comp_bond.atom_id_2 
_chem_comp_bond.value_order 
_chem_comp_bond.pdbx_aromatic_flag 
_chem_comp_bond.pdbx_stereo_config 
_chem_comp_bond.pdbx_ordinal 
ALA N   CA   sing N N 1   
ALA N   H    sing N N 2   
ALA N   H2   sing N N 3   
ALA CA  C    sing N N 4   
ALA CA  CB   sing N N 5   
ALA CA  HA   sing N N 6   
ALA C   O    doub N N 7   
ALA C   OXT  sing N N 8   
ALA CB  HB1  sing N N 9   
ALA CB  HB2  sing N N 10  
ALA CB  HB3  sing N N 11  
ALA OXT HXT  sing N N 12  
ARG N   CA   sing N N 13  
ARG N   H    sing N N 14  
ARG N   H2   sing N N 15  
ARG CA  C    sing N N 16  
ARG CA  CB   sing N N 17  
ARG CA  HA   sing N N 18  
ARG C   O    doub N N 19  
ARG C   OXT  sing N N 20  
ARG CB  CG   sing N N 21  
ARG CB  HB2  sing N N 22  
ARG CB  HB3  sing N N 23  
ARG CG  CD   sing N N 24  
ARG CG  HG2  sing N N 25  
ARG CG  HG3  sing N N 26  
ARG CD  NE   sing N N 27  
ARG CD  HD2  sing N N 28  
ARG CD  HD3  sing N N 29  
ARG NE  CZ   sing N N 30  
ARG NE  HE   sing N N 31  
ARG CZ  NH1  sing N N 32  
ARG CZ  NH2  doub N N 33  
ARG NH1 HH11 sing N N 34  
ARG NH1 HH12 sing N N 35  
ARG NH2 HH21 sing N N 36  
ARG NH2 HH22 sing N N 37  
ARG OXT HXT  sing N N 38  
ASN N   CA   sing N N 39  
ASN N   H    sing N N 40  
ASN N   H2   sing N N 41  
ASN CA  C    sing N N 42  
ASN CA  CB   sing N N 43  
ASN CA  HA   sing N N 44  
ASN C   O    doub N N 45  
ASN C   OXT  sing N N 46  
ASN CB  CG   sing N N 47  
ASN CB  HB2  sing N N 48  
ASN CB  HB3  sing N N 49  
ASN CG  OD1  doub N N 50  
ASN CG  ND2  sing N N 51  
ASN ND2 HD21 sing N N 52  
ASN ND2 HD22 sing N N 53  
ASN OXT HXT  sing N N 54  
ASP N   CA   sing N N 55  
ASP N   H    sing N N 56  
ASP N   H2   sing N N 57  
ASP CA  C    sing N N 58  
ASP CA  CB   sing N N 59  
ASP CA  HA   sing N N 60  
ASP C   O    doub N N 61  
ASP C   OXT  sing N N 62  
ASP CB  CG   sing N N 63  
ASP CB  HB2  sing N N 64  
ASP CB  HB3  sing N N 65  
ASP CG  OD1  doub N N 66  
ASP CG  OD2  sing N N 67  
ASP OD2 HD2  sing N N 68  
ASP OXT HXT  sing N N 69  
GLN N   CA   sing N N 70  
GLN N   H    sing N N 71  
GLN N   H2   sing N N 72  
GLN CA  C    sing N N 73  
GLN CA  CB   sing N N 74  
GLN CA  HA   sing N N 75  
GLN C   O    doub N N 76  
GLN C   OXT  sing N N 77  
GLN CB  CG   sing N N 78  
GLN CB  HB2  sing N N 79  
GLN CB  HB3  sing N N 80  
GLN CG  CD   sing N N 81  
GLN CG  HG2  sing N N 82  
GLN CG  HG3  sing N N 83  
GLN CD  OE1  doub N N 84  
GLN CD  NE2  sing N N 85  
GLN NE2 HE21 sing N N 86  
GLN NE2 HE22 sing N N 87  
GLN OXT HXT  sing N N 88  
GLU N   CA   sing N N 89  
GLU N   H    sing N N 90  
GLU N   H2   sing N N 91  
GLU CA  C    sing N N 92  
GLU CA  CB   sing N N 93  
GLU CA  HA   sing N N 94  
GLU C   O    doub N N 95  
GLU C   OXT  sing N N 96  
GLU CB  CG   sing N N 97  
GLU CB  HB2  sing N N 98  
GLU CB  HB3  sing N N 99  
GLU CG  CD   sing N N 100 
GLU CG  HG2  sing N N 101 
GLU CG  HG3  sing N N 102 
GLU CD  OE1  doub N N 103 
GLU CD  OE2  sing N N 104 
GLU OE2 HE2  sing N N 105 
GLU OXT HXT  sing N N 106 
GLY N   CA   sing N N 107 
GLY N   H    sing N N 108 
GLY N   H2   sing N N 109 
GLY CA  C    sing N N 110 
GLY CA  HA2  sing N N 111 
GLY CA  HA3  sing N N 112 
GLY C   O    doub N N 113 
GLY C   OXT  sing N N 114 
GLY OXT HXT  sing N N 115 
GOL C1  O1   sing N N 116 
GOL C1  C2   sing N N 117 
GOL C1  H11  sing N N 118 
GOL C1  H12  sing N N 119 
GOL O1  HO1  sing N N 120 
GOL C2  O2   sing N N 121 
GOL C2  C3   sing N N 122 
GOL C2  H2   sing N N 123 
GOL O2  HO2  sing N N 124 
GOL C3  O3   sing N N 125 
GOL C3  H31  sing N N 126 
GOL C3  H32  sing N N 127 
GOL O3  HO3  sing N N 128 
HOH O   H1   sing N N 129 
HOH O   H2   sing N N 130 
ILE N   CA   sing N N 131 
ILE N   H    sing N N 132 
ILE N   H2   sing N N 133 
ILE CA  C    sing N N 134 
ILE CA  CB   sing N N 135 
ILE CA  HA   sing N N 136 
ILE C   O    doub N N 137 
ILE C   OXT  sing N N 138 
ILE CB  CG1  sing N N 139 
ILE CB  CG2  sing N N 140 
ILE CB  HB   sing N N 141 
ILE CG1 CD1  sing N N 142 
ILE CG1 HG12 sing N N 143 
ILE CG1 HG13 sing N N 144 
ILE CG2 HG21 sing N N 145 
ILE CG2 HG22 sing N N 146 
ILE CG2 HG23 sing N N 147 
ILE CD1 HD11 sing N N 148 
ILE CD1 HD12 sing N N 149 
ILE CD1 HD13 sing N N 150 
ILE OXT HXT  sing N N 151 
LEU N   CA   sing N N 152 
LEU N   H    sing N N 153 
LEU N   H2   sing N N 154 
LEU CA  C    sing N N 155 
LEU CA  CB   sing N N 156 
LEU CA  HA   sing N N 157 
LEU C   O    doub N N 158 
LEU C   OXT  sing N N 159 
LEU CB  CG   sing N N 160 
LEU CB  HB2  sing N N 161 
LEU CB  HB3  sing N N 162 
LEU CG  CD1  sing N N 163 
LEU CG  CD2  sing N N 164 
LEU CG  HG   sing N N 165 
LEU CD1 HD11 sing N N 166 
LEU CD1 HD12 sing N N 167 
LEU CD1 HD13 sing N N 168 
LEU CD2 HD21 sing N N 169 
LEU CD2 HD22 sing N N 170 
LEU CD2 HD23 sing N N 171 
LEU OXT HXT  sing N N 172 
LYS N   CA   sing N N 173 
LYS N   H    sing N N 174 
LYS N   H2   sing N N 175 
LYS CA  C    sing N N 176 
LYS CA  CB   sing N N 177 
LYS CA  HA   sing N N 178 
LYS C   O    doub N N 179 
LYS C   OXT  sing N N 180 
LYS CB  CG   sing N N 181 
LYS CB  HB2  sing N N 182 
LYS CB  HB3  sing N N 183 
LYS CG  CD   sing N N 184 
LYS CG  HG2  sing N N 185 
LYS CG  HG3  sing N N 186 
LYS CD  CE   sing N N 187 
LYS CD  HD2  sing N N 188 
LYS CD  HD3  sing N N 189 
LYS CE  NZ   sing N N 190 
LYS CE  HE2  sing N N 191 
LYS CE  HE3  sing N N 192 
LYS NZ  HZ1  sing N N 193 
LYS NZ  HZ2  sing N N 194 
LYS NZ  HZ3  sing N N 195 
LYS OXT HXT  sing N N 196 
PHE N   CA   sing N N 197 
PHE N   H    sing N N 198 
PHE N   H2   sing N N 199 
PHE CA  C    sing N N 200 
PHE CA  CB   sing N N 201 
PHE CA  HA   sing N N 202 
PHE C   O    doub N N 203 
PHE C   OXT  sing N N 204 
PHE CB  CG   sing N N 205 
PHE CB  HB2  sing N N 206 
PHE CB  HB3  sing N N 207 
PHE CG  CD1  doub Y N 208 
PHE CG  CD2  sing Y N 209 
PHE CD1 CE1  sing Y N 210 
PHE CD1 HD1  sing N N 211 
PHE CD2 CE2  doub Y N 212 
PHE CD2 HD2  sing N N 213 
PHE CE1 CZ   doub Y N 214 
PHE CE1 HE1  sing N N 215 
PHE CE2 CZ   sing Y N 216 
PHE CE2 HE2  sing N N 217 
PHE CZ  HZ   sing N N 218 
PHE OXT HXT  sing N N 219 
PRO N   CA   sing N N 220 
PRO N   CD   sing N N 221 
PRO N   H    sing N N 222 
PRO CA  C    sing N N 223 
PRO CA  CB   sing N N 224 
PRO CA  HA   sing N N 225 
PRO C   O    doub N N 226 
PRO C   OXT  sing N N 227 
PRO CB  CG   sing N N 228 
PRO CB  HB2  sing N N 229 
PRO CB  HB3  sing N N 230 
PRO CG  CD   sing N N 231 
PRO CG  HG2  sing N N 232 
PRO CG  HG3  sing N N 233 
PRO CD  HD2  sing N N 234 
PRO CD  HD3  sing N N 235 
PRO OXT HXT  sing N N 236 
SER N   CA   sing N N 237 
SER N   H    sing N N 238 
SER N   H2   sing N N 239 
SER CA  C    sing N N 240 
SER CA  CB   sing N N 241 
SER CA  HA   sing N N 242 
SER C   O    doub N N 243 
SER C   OXT  sing N N 244 
SER CB  OG   sing N N 245 
SER CB  HB2  sing N N 246 
SER CB  HB3  sing N N 247 
SER OG  HG   sing N N 248 
SER OXT HXT  sing N N 249 
THR N   CA   sing N N 250 
THR N   H    sing N N 251 
THR N   H2   sing N N 252 
THR CA  C    sing N N 253 
THR CA  CB   sing N N 254 
THR CA  HA   sing N N 255 
THR C   O    doub N N 256 
THR C   OXT  sing N N 257 
THR CB  OG1  sing N N 258 
THR CB  CG2  sing N N 259 
THR CB  HB   sing N N 260 
THR OG1 HG1  sing N N 261 
THR CG2 HG21 sing N N 262 
THR CG2 HG22 sing N N 263 
THR CG2 HG23 sing N N 264 
THR OXT HXT  sing N N 265 
TRP N   CA   sing N N 266 
TRP N   H    sing N N 267 
TRP N   H2   sing N N 268 
TRP CA  C    sing N N 269 
TRP CA  CB   sing N N 270 
TRP CA  HA   sing N N 271 
TRP C   O    doub N N 272 
TRP C   OXT  sing N N 273 
TRP CB  CG   sing N N 274 
TRP CB  HB2  sing N N 275 
TRP CB  HB3  sing N N 276 
TRP CG  CD1  doub Y N 277 
TRP CG  CD2  sing Y N 278 
TRP CD1 NE1  sing Y N 279 
TRP CD1 HD1  sing N N 280 
TRP CD2 CE2  doub Y N 281 
TRP CD2 CE3  sing Y N 282 
TRP NE1 CE2  sing Y N 283 
TRP NE1 HE1  sing N N 284 
TRP CE2 CZ2  sing Y N 285 
TRP CE3 CZ3  doub Y N 286 
TRP CE3 HE3  sing N N 287 
TRP CZ2 CH2  doub Y N 288 
TRP CZ2 HZ2  sing N N 289 
TRP CZ3 CH2  sing Y N 290 
TRP CZ3 HZ3  sing N N 291 
TRP CH2 HH2  sing N N 292 
TRP OXT HXT  sing N N 293 
TYR N   CA   sing N N 294 
TYR N   H    sing N N 295 
TYR N   H2   sing N N 296 
TYR CA  C    sing N N 297 
TYR CA  CB   sing N N 298 
TYR CA  HA   sing N N 299 
TYR C   O    doub N N 300 
TYR C   OXT  sing N N 301 
TYR CB  CG   sing N N 302 
TYR CB  HB2  sing N N 303 
TYR CB  HB3  sing N N 304 
TYR CG  CD1  doub Y N 305 
TYR CG  CD2  sing Y N 306 
TYR CD1 CE1  sing Y N 307 
TYR CD1 HD1  sing N N 308 
TYR CD2 CE2  doub Y N 309 
TYR CD2 HD2  sing N N 310 
TYR CE1 CZ   doub Y N 311 
TYR CE1 HE1  sing N N 312 
TYR CE2 CZ   sing Y N 313 
TYR CE2 HE2  sing N N 314 
TYR CZ  OH   sing N N 315 
TYR OH  HH   sing N N 316 
TYR OXT HXT  sing N N 317 
VAL N   CA   sing N N 318 
VAL N   H    sing N N 319 
VAL N   H2   sing N N 320 
VAL CA  C    sing N N 321 
VAL CA  CB   sing N N 322 
VAL CA  HA   sing N N 323 
VAL C   O    doub N N 324 
VAL C   OXT  sing N N 325 
VAL CB  CG1  sing N N 326 
VAL CB  CG2  sing N N 327 
VAL CB  HB   sing N N 328 
VAL CG1 HG11 sing N N 329 
VAL CG1 HG12 sing N N 330 
VAL CG1 HG13 sing N N 331 
VAL CG2 HG21 sing N N 332 
VAL CG2 HG22 sing N N 333 
VAL CG2 HG23 sing N N 334 
VAL OXT HXT  sing N N 335 
# 
loop_
_pdbx_entity_nonpoly.entity_id 
_pdbx_entity_nonpoly.name 
_pdbx_entity_nonpoly.comp_id 
2 SERINE        SER 
3 'CALCIUM ION' CA  
4 GLYCEROL      GOL 
5 water         HOH 
# 
_pdbx_initial_refinement_model.id               1 
_pdbx_initial_refinement_model.entity_id_list   ? 
_pdbx_initial_refinement_model.type             'experimental model' 
_pdbx_initial_refinement_model.source_name      PDB 
_pdbx_initial_refinement_model.accession_code   3PVH 
_pdbx_initial_refinement_model.details          'PDB ENTRY 3PVH' 
# 
